data_7U4S
#
_entry.id   7U4S
#
_cell.length_a   73.718
_cell.length_b   126.899
_cell.length_c   86.820
_cell.angle_alpha   90.000
_cell.angle_beta   100.322
_cell.angle_gamma   90.000
#
_symmetry.space_group_name_H-M   'P 1 21 1'
#
loop_
_entity.id
_entity.type
_entity.pdbx_description
1 polymer 'Glyceraldehyde-3-phosphate dehydrogenase'
2 non-polymer GLYCEROL
3 water water
#
_entity_poly.entity_id   1
_entity_poly.type   'polypeptide(L)'
_entity_poly.pdbx_seq_one_letter_code
;MAIKIGINGFGRIGRLVLRVALGRKDIEVVAVNDPFIAPDYAAYMFKYDSTHGRYKGEVTASGDDLVIDGHKIKVFQERD
PANIPWGKSGVDYVIESTGVFTKLEGAQKHIDAGAKKVIITAPSADAPMFVVGVNEDKYTPDLKIISNAS(OCS)TTNCL
APLAKVVNDTFGIEEGLMTTVHSITATQKTVDGPSHKDWRGGRTASGNIIPSSTGAAKAVGKVIPELNGKLTGMSLRVPT
TDVSVVDLTVRLKKAASYEEIAQAIKKASEGPLKGVLGYTEDAVVSTDFLGSSYSSIFDEKAGILLSPTFVKLISWYDNE
YGYSTRVVDLLEHVAKASA
;
_entity_poly.pdbx_strand_id   A,B,C,D
#
# COMPACT_ATOMS: atom_id res chain seq x y z
CA MET A 1 -22.34 -37.62 18.57
C MET A 1 -21.71 -36.27 18.24
N ALA A 2 -21.21 -35.58 19.25
CA ALA A 2 -20.57 -34.27 19.09
C ALA A 2 -19.06 -34.45 19.08
N ILE A 3 -18.41 -33.91 18.05
CA ILE A 3 -16.96 -34.03 17.89
C ILE A 3 -16.30 -33.02 18.82
N LYS A 4 -15.69 -33.50 19.89
CA LYS A 4 -15.04 -32.65 20.88
C LYS A 4 -13.60 -32.39 20.44
N ILE A 5 -13.33 -31.16 19.99
CA ILE A 5 -12.02 -30.83 19.44
C ILE A 5 -11.27 -29.89 20.38
N GLY A 6 -10.02 -29.60 20.02
CA GLY A 6 -9.23 -28.64 20.77
C GLY A 6 -8.19 -28.04 19.85
N ILE A 7 -7.84 -26.79 20.11
CA ILE A 7 -6.96 -26.02 19.22
C ILE A 7 -5.74 -25.58 20.00
N ASN A 8 -4.56 -25.95 19.52
CA ASN A 8 -3.30 -25.51 20.09
C ASN A 8 -2.77 -24.35 19.25
N GLY A 9 -2.56 -23.21 19.89
CA GLY A 9 -2.16 -22.01 19.19
C GLY A 9 -3.35 -21.18 18.76
N PHE A 10 -3.28 -19.86 18.97
CA PHE A 10 -4.39 -18.96 18.70
C PHE A 10 -3.91 -17.79 17.83
N GLY A 11 -3.34 -18.13 16.68
CA GLY A 11 -2.92 -17.16 15.70
C GLY A 11 -3.94 -16.98 14.60
N ARG A 12 -3.47 -16.54 13.43
CA ARG A 12 -4.37 -16.29 12.31
C ARG A 12 -5.14 -17.54 11.93
N ILE A 13 -4.44 -18.68 11.80
CA ILE A 13 -5.10 -19.92 11.45
C ILE A 13 -5.94 -20.44 12.60
N GLY A 14 -5.40 -20.38 13.82
CA GLY A 14 -6.13 -20.90 14.97
C GLY A 14 -7.42 -20.16 15.22
N ARG A 15 -7.43 -18.84 15.01
CA ARG A 15 -8.65 -18.07 15.18
C ARG A 15 -9.64 -18.32 14.05
N LEU A 16 -9.15 -18.42 12.81
CA LEU A 16 -10.03 -18.69 11.68
C LEU A 16 -10.65 -20.09 11.78
N VAL A 17 -9.90 -21.06 12.31
CA VAL A 17 -10.45 -22.39 12.50
C VAL A 17 -11.53 -22.38 13.57
N LEU A 18 -11.32 -21.60 14.65
CA LEU A 18 -12.30 -21.53 15.72
C LEU A 18 -13.61 -20.92 15.23
N ARG A 19 -13.54 -19.90 14.38
CA ARG A 19 -14.76 -19.29 13.86
C ARG A 19 -15.55 -20.28 13.02
N VAL A 20 -14.86 -21.01 12.13
CA VAL A 20 -15.55 -21.99 11.30
C VAL A 20 -16.07 -23.15 12.15
N ALA A 21 -15.28 -23.58 13.14
CA ALA A 21 -15.70 -24.69 14.00
C ALA A 21 -16.93 -24.32 14.82
N LEU A 22 -17.04 -23.06 15.25
CA LEU A 22 -18.21 -22.62 15.99
C LEU A 22 -19.45 -22.59 15.13
N GLY A 23 -19.31 -22.46 13.81
CA GLY A 23 -20.44 -22.51 12.91
C GLY A 23 -20.93 -23.91 12.57
N ARG A 24 -20.15 -24.93 12.90
CA ARG A 24 -20.54 -26.31 12.66
C ARG A 24 -21.30 -26.85 13.87
N LYS A 25 -22.44 -27.48 13.62
CA LYS A 25 -23.27 -28.00 14.71
C LYS A 25 -22.69 -29.27 15.30
N ASP A 26 -22.08 -30.12 14.47
CA ASP A 26 -21.55 -31.40 14.91
C ASP A 26 -20.15 -31.29 15.52
N ILE A 27 -19.64 -30.07 15.70
CA ILE A 27 -18.31 -29.86 16.25
C ILE A 27 -18.45 -28.99 17.49
N GLU A 28 -17.75 -29.37 18.57
CA GLU A 28 -17.77 -28.65 19.83
C GLU A 28 -16.34 -28.32 20.21
N VAL A 29 -16.00 -27.04 20.22
CA VAL A 29 -14.67 -26.59 20.64
C VAL A 29 -14.64 -26.59 22.16
N VAL A 30 -13.86 -27.52 22.74
CA VAL A 30 -13.82 -27.64 24.18
C VAL A 30 -12.84 -26.65 24.79
N ALA A 31 -11.62 -26.60 24.27
CA ALA A 31 -10.58 -25.78 24.88
C ALA A 31 -9.62 -25.27 23.81
N VAL A 32 -8.82 -24.29 24.21
CA VAL A 32 -7.78 -23.71 23.37
C VAL A 32 -6.53 -23.53 24.22
N ASN A 33 -5.37 -23.78 23.64
CA ASN A 33 -4.09 -23.64 24.34
C ASN A 33 -3.25 -22.58 23.66
N ASP A 34 -2.83 -21.57 24.43
CA ASP A 34 -1.89 -20.56 23.98
C ASP A 34 -1.16 -20.00 25.20
N PRO A 35 0.13 -20.33 25.36
CA PRO A 35 0.85 -19.93 26.57
C PRO A 35 1.26 -18.47 26.59
N PHE A 36 1.18 -17.75 25.48
CA PHE A 36 1.70 -16.40 25.38
C PHE A 36 0.64 -15.33 25.63
N ILE A 37 -0.59 -15.54 25.19
CA ILE A 37 -1.62 -14.53 25.25
C ILE A 37 -2.53 -14.79 26.45
N ALA A 38 -3.17 -13.73 26.92
CA ALA A 38 -4.12 -13.77 28.02
C ALA A 38 -5.53 -14.01 27.49
N PRO A 39 -6.44 -14.51 28.32
CA PRO A 39 -7.82 -14.74 27.84
C PRO A 39 -8.51 -13.49 27.34
N ASP A 40 -8.26 -12.33 27.95
CA ASP A 40 -8.86 -11.11 27.44
C ASP A 40 -8.23 -10.68 26.12
N TYR A 41 -6.92 -10.91 25.95
CA TYR A 41 -6.26 -10.59 24.69
C TYR A 41 -6.67 -11.55 23.59
N ALA A 42 -6.97 -12.81 23.95
CA ALA A 42 -7.45 -13.76 22.96
C ALA A 42 -8.83 -13.37 22.44
N ALA A 43 -9.69 -12.86 23.33
CA ALA A 43 -11.00 -12.39 22.90
C ALA A 43 -10.89 -11.17 22.00
N TYR A 44 -9.90 -10.31 22.24
CA TYR A 44 -9.71 -9.14 21.39
C TYR A 44 -9.27 -9.53 19.99
N MET A 45 -8.37 -10.50 19.88
CA MET A 45 -7.89 -10.91 18.56
C MET A 45 -8.95 -11.73 17.82
N PHE A 46 -9.81 -12.43 18.54
CA PHE A 46 -10.93 -13.10 17.89
C PHE A 46 -12.06 -12.14 17.54
N LYS A 47 -12.17 -11.01 18.25
CA LYS A 47 -13.23 -10.06 17.98
C LYS A 47 -12.95 -9.28 16.70
N TYR A 48 -11.73 -8.75 16.55
CA TYR A 48 -11.41 -7.85 15.46
C TYR A 48 -10.52 -8.44 14.39
N ASP A 49 -9.81 -9.55 14.68
CA ASP A 49 -8.85 -10.11 13.73
C ASP A 49 -9.16 -11.55 13.34
N SER A 50 -10.36 -12.05 13.66
CA SER A 50 -10.76 -13.36 13.17
C SER A 50 -11.08 -13.26 11.68
N THR A 51 -12.24 -12.72 11.35
CA THR A 51 -12.62 -12.43 9.98
C THR A 51 -12.39 -10.95 9.67
N HIS A 52 -12.61 -10.59 8.41
CA HIS A 52 -12.44 -9.20 8.01
C HIS A 52 -13.47 -8.31 8.71
N GLY A 53 -13.09 -7.05 8.93
CA GLY A 53 -13.91 -6.16 9.73
C GLY A 53 -13.83 -6.54 11.19
N ARG A 54 -14.91 -7.08 11.73
CA ARG A 54 -14.89 -7.65 13.07
C ARG A 54 -16.02 -8.67 13.20
N TYR A 55 -15.88 -9.54 14.19
CA TYR A 55 -16.85 -10.60 14.42
C TYR A 55 -18.19 -10.00 14.85
N LYS A 56 -19.27 -10.61 14.36
CA LYS A 56 -20.63 -10.18 14.71
C LYS A 56 -21.16 -11.16 15.76
N GLY A 57 -21.06 -10.76 17.02
CA GLY A 57 -21.51 -11.59 18.11
C GLY A 57 -20.81 -11.24 19.40
N GLU A 58 -21.40 -11.70 20.50
CA GLU A 58 -20.85 -11.42 21.83
C GLU A 58 -19.61 -12.28 22.08
N VAL A 59 -18.50 -11.62 22.38
CA VAL A 59 -17.23 -12.30 22.68
C VAL A 59 -16.71 -11.71 23.99
N THR A 60 -16.77 -12.48 25.06
CA THR A 60 -16.30 -12.08 26.37
C THR A 60 -15.11 -12.93 26.79
N ALA A 61 -14.58 -12.65 27.98
CA ALA A 61 -13.44 -13.39 28.50
C ALA A 61 -13.57 -13.46 30.01
N SER A 62 -13.79 -14.68 30.52
CA SER A 62 -13.90 -14.90 31.95
C SER A 62 -12.51 -14.97 32.57
N GLY A 63 -12.42 -15.45 33.81
CA GLY A 63 -11.13 -15.56 34.47
C GLY A 63 -10.15 -16.43 33.71
N ASP A 64 -10.65 -17.50 33.09
CA ASP A 64 -9.79 -18.38 32.30
C ASP A 64 -10.61 -19.12 31.25
N ASP A 65 -11.59 -18.44 30.66
CA ASP A 65 -12.45 -19.06 29.66
C ASP A 65 -12.89 -18.01 28.66
N LEU A 66 -13.05 -18.43 27.41
CA LEU A 66 -13.57 -17.58 26.35
C LEU A 66 -15.05 -17.88 26.16
N VAL A 67 -15.88 -16.84 26.30
CA VAL A 67 -17.32 -16.97 26.14
C VAL A 67 -17.67 -16.31 24.81
N ILE A 68 -17.89 -17.13 23.78
CA ILE A 68 -18.22 -16.65 22.44
C ILE A 68 -19.64 -17.11 22.14
N ASP A 69 -20.58 -16.17 22.17
CA ASP A 69 -22.00 -16.45 21.93
C ASP A 69 -22.51 -17.53 22.87
N GLY A 70 -22.18 -17.40 24.15
CA GLY A 70 -22.58 -18.35 25.15
C GLY A 70 -21.70 -19.57 25.28
N HIS A 71 -20.98 -19.94 24.22
CA HIS A 71 -20.12 -21.13 24.26
C HIS A 71 -18.88 -20.84 25.09
N LYS A 72 -18.83 -21.39 26.30
CA LYS A 72 -17.67 -21.23 27.16
C LYS A 72 -16.56 -22.14 26.68
N ILE A 73 -15.40 -21.56 26.38
CA ILE A 73 -14.26 -22.29 25.83
C ILE A 73 -13.09 -22.14 26.80
N LYS A 74 -12.61 -23.25 27.32
CA LYS A 74 -11.48 -23.22 28.24
C LYS A 74 -10.21 -22.78 27.51
N VAL A 75 -9.35 -22.05 28.23
CA VAL A 75 -8.09 -21.56 27.70
C VAL A 75 -6.97 -22.05 28.60
N PHE A 76 -5.95 -22.65 28.01
CA PHE A 76 -4.78 -23.13 28.74
C PHE A 76 -3.54 -22.37 28.30
N GLN A 77 -2.53 -22.38 29.17
CA GLN A 77 -1.25 -21.70 28.93
C GLN A 77 -0.13 -22.70 29.21
N GLU A 78 0.08 -23.61 28.26
CA GLU A 78 1.12 -24.64 28.36
C GLU A 78 2.01 -24.55 27.13
N ARG A 79 3.28 -24.18 27.35
CA ARG A 79 4.21 -24.11 26.23
C ARG A 79 4.63 -25.48 25.73
N ASP A 80 4.55 -26.51 26.58
CA ASP A 80 4.84 -27.87 26.17
C ASP A 80 3.53 -28.61 25.94
N PRO A 81 3.29 -29.14 24.74
CA PRO A 81 1.98 -29.75 24.46
C PRO A 81 1.68 -30.98 25.31
N ALA A 82 2.70 -31.61 25.89
CA ALA A 82 2.47 -32.81 26.71
C ALA A 82 1.82 -32.48 28.05
N ASN A 83 1.69 -31.20 28.40
CA ASN A 83 1.06 -30.80 29.65
C ASN A 83 -0.37 -30.31 29.47
N ILE A 84 -0.85 -30.22 28.23
CA ILE A 84 -2.20 -29.73 27.97
C ILE A 84 -3.21 -30.80 28.39
N PRO A 85 -4.12 -30.48 29.31
CA PRO A 85 -5.08 -31.50 29.77
C PRO A 85 -6.12 -31.87 28.74
N TRP A 86 -5.68 -32.46 27.61
CA TRP A 86 -6.64 -32.88 26.59
C TRP A 86 -7.53 -34.01 27.11
N GLY A 87 -7.00 -34.88 27.96
CA GLY A 87 -7.77 -36.02 28.42
C GLY A 87 -8.84 -35.65 29.43
N LYS A 88 -8.52 -34.78 30.37
CA LYS A 88 -9.48 -34.40 31.40
C LYS A 88 -10.68 -33.69 30.78
N SER A 89 -10.44 -32.71 29.91
CA SER A 89 -11.53 -31.99 29.27
C SER A 89 -12.27 -32.82 28.23
N GLY A 90 -11.71 -33.95 27.80
CA GLY A 90 -12.38 -34.82 26.86
C GLY A 90 -12.17 -34.48 25.40
N VAL A 91 -11.03 -33.90 25.06
CA VAL A 91 -10.74 -33.51 23.68
C VAL A 91 -10.21 -34.72 22.93
N ASP A 92 -10.86 -35.07 21.81
CA ASP A 92 -10.43 -36.17 20.97
C ASP A 92 -9.44 -35.71 19.90
N TYR A 93 -9.78 -34.65 19.17
CA TYR A 93 -8.99 -34.17 18.04
C TYR A 93 -8.36 -32.83 18.39
N VAL A 94 -7.08 -32.68 18.08
CA VAL A 94 -6.33 -31.46 18.35
C VAL A 94 -5.90 -30.85 17.03
N ILE A 95 -6.29 -29.60 16.80
CA ILE A 95 -5.90 -28.86 15.61
C ILE A 95 -4.61 -28.13 15.93
N GLU A 96 -3.49 -28.62 15.40
CA GLU A 96 -2.18 -28.04 15.67
C GLU A 96 -1.96 -26.86 14.73
N SER A 97 -2.14 -25.65 15.25
CA SER A 97 -2.03 -24.42 14.48
C SER A 97 -1.01 -23.47 15.10
N THR A 98 0.13 -24.00 15.53
CA THR A 98 1.22 -23.18 16.07
C THR A 98 2.35 -22.96 15.07
N GLY A 99 2.54 -23.87 14.13
CA GLY A 99 3.63 -23.77 13.18
C GLY A 99 4.99 -24.15 13.72
N VAL A 100 5.06 -24.72 14.92
CA VAL A 100 6.35 -25.07 15.52
C VAL A 100 6.39 -26.56 15.83
N PHE A 101 5.23 -27.17 16.05
CA PHE A 101 5.15 -28.60 16.26
C PHE A 101 4.55 -29.28 15.03
N THR A 102 5.24 -29.16 13.90
CA THR A 102 4.73 -29.61 12.61
C THR A 102 5.24 -30.99 12.20
N LYS A 103 5.89 -31.70 13.12
CA LYS A 103 6.41 -33.03 12.84
C LYS A 103 5.74 -34.04 13.75
N LEU A 104 5.92 -35.33 13.41
CA LEU A 104 5.27 -36.39 14.17
C LEU A 104 5.69 -36.37 15.64
N GLU A 105 6.97 -36.11 15.90
CA GLU A 105 7.46 -36.12 17.28
C GLU A 105 6.78 -35.04 18.11
N GLY A 106 6.66 -33.83 17.55
CA GLY A 106 6.01 -32.76 18.29
C GLY A 106 4.52 -32.99 18.46
N ALA A 107 3.83 -33.29 17.35
CA ALA A 107 2.39 -33.47 17.40
C ALA A 107 1.97 -34.65 18.26
N GLN A 108 2.88 -35.61 18.50
CA GLN A 108 2.55 -36.75 19.33
C GLN A 108 2.28 -36.34 20.77
N LYS A 109 2.86 -35.23 21.22
CA LYS A 109 2.68 -34.78 22.59
C LYS A 109 1.21 -34.53 22.92
N HIS A 110 0.43 -34.07 21.93
CA HIS A 110 -1.00 -33.93 22.13
C HIS A 110 -1.66 -35.30 22.36
N ILE A 111 -1.21 -36.31 21.61
CA ILE A 111 -1.76 -37.65 21.79
C ILE A 111 -1.35 -38.24 23.13
N ASP A 112 -0.10 -37.98 23.55
CA ASP A 112 0.35 -38.43 24.87
C ASP A 112 -0.44 -37.77 25.99
N ALA A 113 -1.02 -36.59 25.75
CA ALA A 113 -1.70 -35.82 26.77
C ALA A 113 -3.20 -36.06 26.80
N GLY A 114 -3.68 -37.13 26.16
CA GLY A 114 -5.08 -37.50 26.23
C GLY A 114 -5.86 -37.37 24.94
N ALA A 115 -5.24 -36.94 23.85
CA ALA A 115 -5.94 -36.80 22.58
C ALA A 115 -5.73 -38.05 21.72
N LYS A 116 -6.58 -38.18 20.70
CA LYS A 116 -6.55 -39.33 19.80
C LYS A 116 -5.87 -39.00 18.48
N LYS A 117 -6.47 -38.11 17.69
CA LYS A 117 -5.92 -37.68 16.42
C LYS A 117 -5.47 -36.22 16.50
N VAL A 118 -4.47 -35.88 15.69
CA VAL A 118 -3.93 -34.53 15.64
C VAL A 118 -3.82 -34.11 14.18
N ILE A 119 -4.50 -33.02 13.84
CA ILE A 119 -4.47 -32.45 12.48
C ILE A 119 -3.68 -31.15 12.57
N ILE A 120 -2.50 -31.13 11.97
CA ILE A 120 -1.67 -29.93 11.96
C ILE A 120 -2.03 -29.09 10.75
N THR A 121 -1.99 -27.77 10.91
CA THR A 121 -2.40 -26.86 9.85
C THR A 121 -1.18 -26.20 9.21
N ALA A 122 -0.25 -27.03 8.74
CA ALA A 122 0.97 -26.56 8.10
C ALA A 122 1.62 -27.74 7.38
N PRO A 123 2.43 -27.51 6.35
CA PRO A 123 3.13 -28.62 5.70
C PRO A 123 4.04 -29.33 6.68
N SER A 124 3.95 -30.66 6.71
CA SER A 124 4.72 -31.49 7.60
C SER A 124 5.90 -32.12 6.86
N ALA A 125 6.90 -32.54 7.63
CA ALA A 125 8.08 -33.19 7.08
C ALA A 125 8.05 -34.70 7.25
N ASP A 126 6.99 -35.25 7.82
CA ASP A 126 6.90 -36.69 8.03
C ASP A 126 5.45 -37.15 8.13
N ALA A 127 4.55 -36.25 8.50
CA ALA A 127 3.15 -36.64 8.59
C ALA A 127 2.52 -36.65 7.20
N PRO A 128 1.67 -37.64 6.90
CA PRO A 128 1.05 -37.71 5.58
C PRO A 128 0.13 -36.52 5.33
N MET A 129 0.37 -35.80 4.24
CA MET A 129 -0.43 -34.65 3.89
C MET A 129 -1.75 -35.09 3.26
N PHE A 130 -2.76 -34.25 3.41
CA PHE A 130 -4.08 -34.50 2.85
C PHE A 130 -4.73 -33.18 2.48
N VAL A 131 -5.29 -33.12 1.28
CA VAL A 131 -5.98 -31.93 0.78
C VAL A 131 -7.43 -32.31 0.48
N VAL A 132 -8.37 -31.58 1.09
CA VAL A 132 -9.78 -31.87 0.89
C VAL A 132 -10.16 -31.64 -0.56
N GLY A 133 -10.78 -32.64 -1.17
CA GLY A 133 -11.13 -32.61 -2.58
C GLY A 133 -10.13 -33.30 -3.48
N VAL A 134 -8.93 -33.58 -3.00
CA VAL A 134 -7.87 -34.19 -3.79
C VAL A 134 -7.58 -35.61 -3.33
N ASN A 135 -7.23 -35.79 -2.05
CA ASN A 135 -6.88 -37.12 -1.55
C ASN A 135 -7.43 -37.40 -0.16
N GLU A 136 -8.52 -36.75 0.23
CA GLU A 136 -9.11 -37.04 1.54
C GLU A 136 -9.76 -38.43 1.56
N ASP A 137 -10.14 -38.96 0.39
CA ASP A 137 -10.64 -40.33 0.34
C ASP A 137 -9.54 -41.35 0.64
N LYS A 138 -8.28 -40.96 0.50
CA LYS A 138 -7.17 -41.85 0.81
C LYS A 138 -6.90 -41.98 2.30
N TYR A 139 -7.57 -41.18 3.14
CA TYR A 139 -7.33 -41.27 4.58
C TYR A 139 -7.90 -42.56 5.15
N THR A 140 -7.13 -43.20 6.01
CA THR A 140 -7.54 -44.39 6.75
C THR A 140 -7.40 -44.14 8.24
N PRO A 141 -8.28 -44.72 9.07
CA PRO A 141 -8.32 -44.37 10.50
C PRO A 141 -7.03 -44.68 11.25
N ASP A 142 -6.12 -45.48 10.69
CA ASP A 142 -4.88 -45.78 11.40
C ASP A 142 -3.92 -44.60 11.45
N LEU A 143 -4.16 -43.56 10.66
CA LEU A 143 -3.29 -42.39 10.64
C LEU A 143 -3.70 -41.46 11.77
N LYS A 144 -2.88 -41.38 12.81
CA LYS A 144 -3.19 -40.59 14.00
C LYS A 144 -2.75 -39.13 13.86
N ILE A 145 -1.72 -38.86 13.06
CA ILE A 145 -1.18 -37.52 12.89
C ILE A 145 -1.07 -37.25 11.40
N ILE A 146 -1.91 -36.34 10.89
CA ILE A 146 -1.89 -36.00 9.48
C ILE A 146 -1.64 -34.50 9.32
N SER A 147 -1.60 -34.02 8.08
CA SER A 147 -1.36 -32.62 7.79
C SER A 147 -2.31 -32.16 6.69
N ASN A 148 -2.57 -30.86 6.67
CA ASN A 148 -3.44 -30.24 5.68
C ASN A 148 -2.68 -29.31 4.74
N ALA A 149 -1.35 -29.45 4.68
CA ALA A 149 -0.48 -28.68 3.78
C ALA A 149 -0.64 -27.20 4.07
N SER A 150 -0.39 -26.35 3.07
CA SER A 150 -0.36 -24.90 3.28
C SER A 150 -1.44 -24.19 2.48
N THR A 152 -1.06 -22.21 -0.40
CA THR A 152 -0.89 -22.33 -1.84
C THR A 152 -1.21 -23.73 -2.33
N THR A 153 -0.81 -24.74 -1.56
CA THR A 153 -1.08 -26.12 -1.96
C THR A 153 -2.58 -26.39 -2.06
N ASN A 154 -3.36 -25.87 -1.11
CA ASN A 154 -4.81 -26.04 -1.17
C ASN A 154 -5.45 -25.27 -2.31
N CYS A 155 -4.72 -24.35 -2.94
CA CYS A 155 -5.19 -23.66 -4.14
C CYS A 155 -4.70 -24.32 -5.41
N LEU A 156 -3.45 -24.81 -5.42
CA LEU A 156 -2.91 -25.42 -6.62
C LEU A 156 -3.39 -26.86 -6.80
N ALA A 157 -3.44 -27.64 -5.71
CA ALA A 157 -3.77 -29.05 -5.83
C ALA A 157 -5.14 -29.30 -6.46
N PRO A 158 -6.23 -28.60 -6.09
CA PRO A 158 -7.50 -28.85 -6.78
C PRO A 158 -7.46 -28.50 -8.26
N LEU A 159 -6.86 -27.36 -8.62
CA LEU A 159 -6.74 -26.98 -10.02
C LEU A 159 -5.93 -28.01 -10.79
N ALA A 160 -4.79 -28.43 -10.24
CA ALA A 160 -3.97 -29.45 -10.90
C ALA A 160 -4.68 -30.80 -10.91
N LYS A 161 -5.51 -31.08 -9.91
CA LYS A 161 -6.26 -32.33 -9.88
C LYS A 161 -7.18 -32.46 -11.09
N VAL A 162 -7.82 -31.37 -11.49
CA VAL A 162 -8.76 -31.42 -12.60
C VAL A 162 -8.03 -31.51 -13.93
N VAL A 163 -6.99 -30.69 -14.11
CA VAL A 163 -6.25 -30.67 -15.38
C VAL A 163 -5.48 -31.96 -15.58
N ASN A 164 -5.02 -32.60 -14.49
CA ASN A 164 -4.28 -33.85 -14.62
C ASN A 164 -5.22 -34.99 -14.98
N ASP A 165 -6.42 -35.02 -14.40
CA ASP A 165 -7.34 -36.12 -14.65
C ASP A 165 -7.95 -36.05 -16.05
N THR A 166 -8.06 -34.86 -16.63
CA THR A 166 -8.71 -34.70 -17.92
C THR A 166 -7.72 -34.70 -19.08
N PHE A 167 -6.65 -33.91 -18.99
CA PHE A 167 -5.69 -33.79 -20.08
C PHE A 167 -4.32 -34.39 -19.75
N GLY A 168 -3.98 -34.54 -18.48
CA GLY A 168 -2.66 -35.03 -18.11
C GLY A 168 -1.62 -33.93 -18.09
N ILE A 169 -0.93 -33.79 -16.96
CA ILE A 169 0.08 -32.76 -16.78
C ILE A 169 1.44 -33.39 -17.04
N GLU A 170 2.12 -32.92 -18.09
CA GLU A 170 3.46 -33.41 -18.39
C GLU A 170 4.49 -32.80 -17.43
N GLU A 171 4.53 -31.48 -17.38
CA GLU A 171 5.39 -30.76 -16.44
C GLU A 171 4.82 -29.36 -16.27
N GLY A 172 5.09 -28.76 -15.10
CA GLY A 172 4.49 -27.48 -14.80
C GLY A 172 5.29 -26.59 -13.87
N LEU A 173 5.36 -25.31 -14.21
CA LEU A 173 6.02 -24.30 -13.39
C LEU A 173 4.97 -23.35 -12.84
N MET A 174 5.18 -22.88 -11.61
CA MET A 174 4.19 -22.07 -10.92
C MET A 174 4.84 -20.82 -10.34
N THR A 175 4.10 -19.72 -10.39
CA THR A 175 4.48 -18.48 -9.71
C THR A 175 3.25 -18.00 -8.95
N THR A 176 3.32 -18.01 -7.63
CA THR A 176 2.22 -17.55 -6.79
C THR A 176 2.54 -16.16 -6.27
N VAL A 177 1.70 -15.19 -6.61
CA VAL A 177 1.82 -13.83 -6.09
C VAL A 177 1.13 -13.80 -4.73
N HIS A 178 1.94 -13.73 -3.67
CA HIS A 178 1.46 -13.97 -2.32
C HIS A 178 1.35 -12.65 -1.55
N SER A 179 0.26 -12.51 -0.78
CA SER A 179 0.06 -11.35 0.06
C SER A 179 0.71 -11.55 1.43
N ILE A 180 0.67 -10.51 2.25
CA ILE A 180 1.27 -10.55 3.59
C ILE A 180 0.47 -11.52 4.46
N THR A 181 0.94 -12.75 4.57
CA THR A 181 0.27 -13.76 5.36
C THR A 181 1.19 -14.33 6.43
N PRO A 190 14.74 -13.77 8.26
CA PRO A 190 16.08 -14.36 8.35
C PRO A 190 16.11 -15.61 9.23
N SER A 191 15.36 -16.64 8.84
CA SER A 191 15.30 -17.87 9.61
C SER A 191 16.31 -18.90 9.15
N HIS A 192 16.48 -19.06 7.83
CA HIS A 192 17.42 -20.01 7.25
C HIS A 192 18.06 -19.38 6.01
N LYS A 193 18.92 -18.39 6.24
CA LYS A 193 19.62 -17.66 5.18
C LYS A 193 18.64 -17.01 4.20
N ASP A 194 17.49 -16.58 4.69
CA ASP A 194 16.48 -15.90 3.87
C ASP A 194 16.69 -14.40 4.01
N TRP A 195 17.62 -13.88 3.20
CA TRP A 195 17.93 -12.45 3.25
C TRP A 195 16.85 -11.61 2.60
N ARG A 196 16.17 -12.15 1.59
CA ARG A 196 15.09 -11.41 0.93
C ARG A 196 13.90 -11.20 1.86
N GLY A 197 13.67 -12.13 2.80
CA GLY A 197 12.55 -11.97 3.71
C GLY A 197 12.75 -10.87 4.73
N GLY A 198 14.00 -10.66 5.16
CA GLY A 198 14.28 -9.61 6.13
C GLY A 198 14.02 -8.21 5.62
N ARG A 199 13.94 -8.04 4.30
CA ARG A 199 13.66 -6.73 3.73
C ARG A 199 12.22 -6.31 4.03
N THR A 200 12.00 -5.00 4.08
CA THR A 200 10.68 -4.48 4.38
C THR A 200 9.69 -4.84 3.27
N ALA A 201 8.52 -5.33 3.66
CA ALA A 201 7.53 -5.75 2.67
C ALA A 201 6.81 -4.57 2.04
N SER A 202 6.60 -3.49 2.80
CA SER A 202 5.86 -2.34 2.30
C SER A 202 6.59 -1.70 1.12
N GLY A 203 5.91 -1.59 -0.01
CA GLY A 203 6.51 -1.03 -1.21
C GLY A 203 7.63 -1.87 -1.79
N ASN A 204 7.48 -3.19 -1.77
CA ASN A 204 8.54 -4.08 -2.24
C ASN A 204 7.94 -5.37 -2.78
N ILE A 205 8.40 -5.78 -3.95
CA ILE A 205 8.11 -7.10 -4.48
C ILE A 205 9.27 -8.01 -4.08
N ILE A 206 9.01 -8.97 -3.21
CA ILE A 206 10.03 -9.83 -2.62
C ILE A 206 9.87 -11.22 -3.21
N PRO A 207 10.79 -11.68 -4.06
CA PRO A 207 10.74 -13.07 -4.55
C PRO A 207 11.15 -14.02 -3.45
N SER A 208 10.22 -14.86 -3.02
CA SER A 208 10.48 -15.88 -2.01
C SER A 208 10.25 -17.27 -2.61
N SER A 209 10.29 -18.28 -1.76
CA SER A 209 10.16 -19.66 -2.19
C SER A 209 9.08 -20.35 -1.38
N THR A 210 8.41 -21.31 -2.02
CA THR A 210 7.42 -22.14 -1.37
C THR A 210 7.55 -23.57 -1.90
N GLY A 211 7.21 -24.54 -1.06
CA GLY A 211 7.28 -25.92 -1.46
C GLY A 211 5.92 -26.46 -1.86
N ALA A 212 5.02 -25.56 -2.26
CA ALA A 212 3.64 -25.96 -2.55
C ALA A 212 3.58 -26.83 -3.80
N ALA A 213 4.33 -26.48 -4.85
CA ALA A 213 4.28 -27.24 -6.09
C ALA A 213 4.82 -28.66 -5.90
N LYS A 214 5.91 -28.79 -5.13
CA LYS A 214 6.43 -30.13 -4.85
C LYS A 214 5.52 -30.89 -3.89
N ALA A 215 4.91 -30.19 -2.93
CA ALA A 215 3.98 -30.85 -2.02
C ALA A 215 2.74 -31.37 -2.73
N VAL A 216 2.43 -30.83 -3.91
CA VAL A 216 1.34 -31.38 -4.71
C VAL A 216 1.66 -32.81 -5.12
N GLY A 217 2.92 -33.08 -5.47
CA GLY A 217 3.34 -34.44 -5.76
C GLY A 217 3.15 -35.41 -4.62
N LYS A 218 2.87 -34.91 -3.41
CA LYS A 218 2.61 -35.74 -2.26
C LYS A 218 1.13 -36.04 -2.07
N VAL A 219 0.25 -35.12 -2.49
CA VAL A 219 -1.18 -35.33 -2.40
C VAL A 219 -1.77 -35.91 -3.68
N ILE A 220 -1.05 -35.81 -4.80
CA ILE A 220 -1.37 -36.58 -6.00
C ILE A 220 -0.06 -37.17 -6.52
N PRO A 221 0.22 -38.45 -6.21
CA PRO A 221 1.55 -39.01 -6.50
C PRO A 221 1.90 -39.05 -7.98
N GLU A 222 0.90 -38.95 -8.87
CA GLU A 222 1.21 -38.96 -10.30
C GLU A 222 2.04 -37.74 -10.70
N LEU A 223 1.89 -36.63 -9.99
CA LEU A 223 2.62 -35.41 -10.28
C LEU A 223 3.91 -35.29 -9.49
N ASN A 224 4.34 -36.35 -8.82
CA ASN A 224 5.55 -36.31 -8.01
C ASN A 224 6.76 -36.03 -8.89
N GLY A 225 7.45 -34.93 -8.61
CA GLY A 225 8.61 -34.52 -9.37
C GLY A 225 8.32 -33.73 -10.62
N LYS A 226 7.05 -33.41 -10.89
CA LYS A 226 6.67 -32.76 -12.14
C LYS A 226 6.32 -31.28 -11.98
N LEU A 227 6.42 -30.73 -10.77
CA LEU A 227 5.99 -29.36 -10.52
C LEU A 227 6.95 -28.68 -9.55
N THR A 228 7.43 -27.49 -9.92
CA THR A 228 8.17 -26.62 -9.02
C THR A 228 7.62 -25.21 -9.12
N GLY A 229 7.87 -24.41 -8.08
CA GLY A 229 7.33 -23.06 -8.06
C GLY A 229 8.07 -22.15 -7.10
N MET A 230 7.85 -20.86 -7.31
CA MET A 230 8.41 -19.82 -6.44
C MET A 230 7.32 -18.78 -6.16
N SER A 231 7.59 -17.91 -5.20
CA SER A 231 6.62 -16.91 -4.77
C SER A 231 7.13 -15.50 -5.03
N LEU A 232 6.18 -14.57 -5.15
CA LEU A 232 6.47 -13.15 -5.28
C LEU A 232 5.60 -12.41 -4.26
N ARG A 233 6.19 -12.07 -3.11
CA ARG A 233 5.45 -11.34 -2.09
C ARG A 233 5.15 -9.92 -2.57
N VAL A 234 3.91 -9.49 -2.35
CA VAL A 234 3.49 -8.14 -2.72
C VAL A 234 3.00 -7.41 -1.48
N PRO A 235 3.12 -6.08 -1.43
CA PRO A 235 2.74 -5.35 -0.20
C PRO A 235 1.27 -5.44 0.15
N THR A 236 0.40 -5.78 -0.81
CA THR A 236 -1.02 -5.90 -0.51
C THR A 236 -1.26 -7.07 0.44
N THR A 237 -2.50 -7.17 0.92
CA THR A 237 -2.87 -8.22 1.86
C THR A 237 -4.07 -9.01 1.35
N ASP A 238 -4.65 -9.82 2.24
CA ASP A 238 -5.91 -10.53 2.01
C ASP A 238 -5.80 -11.68 1.01
N VAL A 239 -5.77 -11.38 -0.28
CA VAL A 239 -5.99 -12.38 -1.33
C VAL A 239 -4.72 -12.56 -2.15
N SER A 240 -4.32 -13.81 -2.35
CA SER A 240 -3.20 -14.19 -3.20
C SER A 240 -3.72 -14.90 -4.45
N VAL A 241 -2.81 -15.15 -5.39
CA VAL A 241 -3.16 -15.74 -6.67
C VAL A 241 -2.07 -16.71 -7.11
N VAL A 242 -2.48 -17.73 -7.87
CA VAL A 242 -1.60 -18.79 -8.34
C VAL A 242 -1.56 -18.75 -9.86
N ASP A 243 -0.34 -18.71 -10.42
CA ASP A 243 -0.13 -18.67 -11.87
C ASP A 243 0.55 -19.99 -12.27
N LEU A 244 -0.27 -20.94 -12.70
CA LEU A 244 0.22 -22.27 -13.08
C LEU A 244 0.45 -22.33 -14.59
N THR A 245 1.63 -22.79 -14.98
CA THR A 245 2.02 -22.89 -16.39
C THR A 245 2.46 -24.33 -16.65
N VAL A 246 1.64 -25.09 -17.35
CA VAL A 246 1.86 -26.53 -17.52
C VAL A 246 1.89 -26.90 -18.99
N ARG A 247 2.60 -27.99 -19.29
CA ARG A 247 2.52 -28.66 -20.57
C ARG A 247 1.59 -29.85 -20.45
N LEU A 248 0.68 -30.00 -21.41
CA LEU A 248 -0.33 -31.04 -21.36
C LEU A 248 0.08 -32.25 -22.20
N LYS A 249 -0.50 -33.40 -21.85
CA LYS A 249 -0.30 -34.62 -22.63
C LYS A 249 -1.30 -34.71 -23.78
N LYS A 250 -2.57 -34.46 -23.50
CA LYS A 250 -3.61 -34.43 -24.52
C LYS A 250 -3.83 -32.97 -24.95
N ALA A 251 -3.87 -32.75 -26.25
CA ALA A 251 -4.11 -31.40 -26.75
C ALA A 251 -5.53 -30.95 -26.41
N ALA A 252 -5.72 -29.63 -26.40
CA ALA A 252 -7.01 -29.06 -26.06
C ALA A 252 -7.04 -27.60 -26.48
N SER A 253 -8.25 -27.07 -26.58
CA SER A 253 -8.48 -25.65 -26.64
C SER A 253 -8.81 -25.13 -25.24
N TYR A 254 -8.62 -23.83 -25.04
CA TYR A 254 -8.90 -23.25 -23.72
C TYR A 254 -10.34 -23.49 -23.30
N GLU A 255 -11.27 -23.50 -24.27
CA GLU A 255 -12.68 -23.71 -23.95
C GLU A 255 -12.90 -25.07 -23.31
N GLU A 256 -12.12 -26.08 -23.70
CA GLU A 256 -12.26 -27.40 -23.11
C GLU A 256 -11.64 -27.49 -21.73
N ILE A 257 -10.57 -26.74 -21.48
CA ILE A 257 -9.97 -26.71 -20.15
C ILE A 257 -10.91 -26.04 -19.16
N ALA A 258 -11.45 -24.88 -19.53
CA ALA A 258 -12.32 -24.14 -18.63
C ALA A 258 -13.63 -24.88 -18.35
N GLN A 259 -14.16 -25.58 -19.36
CA GLN A 259 -15.39 -26.32 -19.13
C GLN A 259 -15.15 -27.58 -18.30
N ALA A 260 -13.94 -28.13 -18.34
CA ALA A 260 -13.62 -29.24 -17.46
C ALA A 260 -13.46 -28.77 -16.02
N ILE A 261 -12.76 -27.65 -15.83
CA ILE A 261 -12.64 -27.06 -14.50
C ILE A 261 -14.01 -26.67 -13.97
N LYS A 262 -14.87 -26.13 -14.85
CA LYS A 262 -16.21 -25.74 -14.42
C LYS A 262 -17.06 -26.95 -14.09
N LYS A 263 -16.93 -28.03 -14.87
CA LYS A 263 -17.71 -29.24 -14.62
C LYS A 263 -17.42 -29.80 -13.23
N ALA A 264 -16.14 -29.82 -12.83
CA ALA A 264 -15.79 -30.28 -11.50
C ALA A 264 -16.18 -29.27 -10.43
N SER A 265 -16.19 -27.98 -10.78
CA SER A 265 -16.58 -26.95 -9.82
C SER A 265 -18.02 -27.10 -9.37
N GLU A 266 -18.88 -27.63 -10.23
CA GLU A 266 -20.29 -27.82 -9.93
C GLU A 266 -20.61 -29.21 -9.41
N GLY A 267 -19.67 -30.15 -9.49
CA GLY A 267 -19.93 -31.51 -9.10
C GLY A 267 -19.04 -32.01 -7.97
N PRO A 268 -17.98 -32.74 -8.33
CA PRO A 268 -17.16 -33.36 -7.27
C PRO A 268 -16.42 -32.36 -6.40
N LEU A 269 -15.90 -31.28 -6.98
CA LEU A 269 -15.15 -30.28 -6.23
C LEU A 269 -16.01 -29.09 -5.81
N LYS A 270 -17.28 -29.36 -5.48
CA LYS A 270 -18.19 -28.28 -5.10
C LYS A 270 -17.78 -27.69 -3.75
N GLY A 271 -17.72 -26.36 -3.68
CA GLY A 271 -17.32 -25.67 -2.48
C GLY A 271 -15.83 -25.52 -2.28
N VAL A 272 -15.02 -26.30 -2.99
CA VAL A 272 -13.56 -26.23 -2.88
C VAL A 272 -12.95 -25.51 -4.07
N LEU A 273 -13.27 -25.96 -5.28
CA LEU A 273 -12.77 -25.35 -6.50
C LEU A 273 -13.87 -24.47 -7.10
N GLY A 274 -13.69 -23.15 -6.99
CA GLY A 274 -14.63 -22.22 -7.57
C GLY A 274 -14.31 -21.91 -9.03
N TYR A 275 -15.31 -21.38 -9.72
CA TYR A 275 -15.17 -21.04 -11.13
C TYR A 275 -15.84 -19.69 -11.39
N THR A 276 -15.19 -18.88 -12.22
CA THR A 276 -15.74 -17.57 -12.57
C THR A 276 -15.27 -17.19 -13.96
N GLU A 277 -16.08 -16.37 -14.63
CA GLU A 277 -15.76 -15.80 -15.93
C GLU A 277 -15.94 -14.29 -15.94
N ASP A 278 -15.76 -13.66 -14.78
CA ASP A 278 -16.00 -12.23 -14.61
C ASP A 278 -14.67 -11.49 -14.47
N ALA A 279 -14.72 -10.19 -14.76
CA ALA A 279 -13.57 -9.30 -14.64
C ALA A 279 -13.38 -8.97 -13.15
N VAL A 280 -12.76 -9.90 -12.44
CA VAL A 280 -12.66 -9.83 -10.99
C VAL A 280 -11.28 -9.30 -10.59
N VAL A 281 -11.21 -8.76 -9.38
CA VAL A 281 -9.94 -8.32 -8.80
C VAL A 281 -9.73 -9.08 -7.49
N SER A 282 -8.60 -8.85 -6.84
CA SER A 282 -8.25 -9.64 -5.65
C SER A 282 -9.26 -9.43 -4.53
N THR A 283 -9.64 -8.18 -4.27
CA THR A 283 -10.55 -7.90 -3.16
C THR A 283 -11.94 -8.48 -3.36
N ASP A 284 -12.25 -9.04 -4.53
CA ASP A 284 -13.53 -9.68 -4.75
C ASP A 284 -13.63 -11.05 -4.08
N PHE A 285 -12.52 -11.62 -3.62
CA PHE A 285 -12.51 -12.96 -3.07
C PHE A 285 -12.20 -12.99 -1.58
N LEU A 286 -12.26 -11.86 -0.90
CA LEU A 286 -12.02 -11.86 0.54
C LEU A 286 -13.22 -12.46 1.27
N GLY A 287 -12.93 -13.27 2.29
CA GLY A 287 -13.98 -13.95 3.01
C GLY A 287 -14.65 -15.07 2.24
N SER A 288 -13.92 -15.68 1.30
CA SER A 288 -14.47 -16.75 0.46
C SER A 288 -14.14 -18.10 1.06
N SER A 289 -15.16 -18.94 1.21
CA SER A 289 -14.97 -20.30 1.69
C SER A 289 -14.39 -21.23 0.63
N TYR A 290 -14.03 -20.72 -0.54
CA TYR A 290 -13.39 -21.51 -1.57
C TYR A 290 -11.91 -21.68 -1.26
N SER A 291 -11.33 -22.75 -1.81
CA SER A 291 -9.90 -22.99 -1.73
C SER A 291 -9.15 -22.55 -2.99
N SER A 292 -9.84 -22.47 -4.12
CA SER A 292 -9.21 -22.11 -5.39
C SER A 292 -10.31 -21.68 -6.35
N ILE A 293 -10.24 -20.46 -6.85
CA ILE A 293 -11.21 -19.93 -7.80
C ILE A 293 -10.50 -19.72 -9.13
N PHE A 294 -10.88 -20.52 -10.12
CA PHE A 294 -10.26 -20.43 -11.43
C PHE A 294 -10.73 -19.16 -12.14
N ASP A 295 -9.78 -18.39 -12.65
CA ASP A 295 -10.06 -17.16 -13.40
C ASP A 295 -10.00 -17.50 -14.88
N GLU A 296 -11.17 -17.71 -15.49
CA GLU A 296 -11.22 -18.11 -16.90
C GLU A 296 -10.69 -17.01 -17.81
N LYS A 297 -11.07 -15.75 -17.53
CA LYS A 297 -10.65 -14.65 -18.40
C LYS A 297 -9.16 -14.40 -18.34
N ALA A 298 -8.53 -14.62 -17.19
CA ALA A 298 -7.11 -14.29 -17.03
C ALA A 298 -6.21 -15.28 -17.75
N GLY A 299 -6.65 -16.52 -17.91
CA GLY A 299 -5.80 -17.53 -18.49
C GLY A 299 -5.61 -17.35 -19.99
N ILE A 300 -4.44 -17.77 -20.46
CA ILE A 300 -4.09 -17.67 -21.87
C ILE A 300 -3.48 -18.98 -22.33
N LEU A 301 -3.72 -19.32 -23.60
CA LEU A 301 -3.21 -20.54 -24.21
C LEU A 301 -2.32 -20.17 -25.39
N LEU A 302 -1.10 -20.70 -25.40
CA LEU A 302 -0.15 -20.44 -26.47
C LEU A 302 -0.07 -21.56 -27.50
N SER A 303 -0.24 -22.81 -27.08
CA SER A 303 -0.34 -23.95 -27.96
C SER A 303 -1.35 -24.92 -27.35
N PRO A 304 -1.91 -25.82 -28.16
CA PRO A 304 -2.89 -26.77 -27.61
C PRO A 304 -2.34 -27.68 -26.50
N THR A 305 -1.04 -27.62 -26.21
CA THR A 305 -0.44 -28.40 -25.14
C THR A 305 0.41 -27.52 -24.23
N PHE A 306 0.09 -26.24 -24.12
CA PHE A 306 0.93 -25.31 -23.36
C PHE A 306 0.05 -24.11 -22.97
N VAL A 307 -0.52 -24.18 -21.77
CA VAL A 307 -1.49 -23.19 -21.30
C VAL A 307 -1.05 -22.66 -19.94
N LYS A 308 -1.48 -21.45 -19.62
CA LYS A 308 -1.26 -20.84 -18.32
C LYS A 308 -2.62 -20.65 -17.64
N LEU A 309 -2.77 -21.22 -16.44
CA LEU A 309 -4.01 -21.14 -15.69
C LEU A 309 -3.79 -20.34 -14.41
N ILE A 310 -4.79 -19.54 -14.04
CA ILE A 310 -4.70 -18.61 -12.94
C ILE A 310 -5.84 -18.88 -11.96
N SER A 311 -5.51 -18.96 -10.67
CA SER A 311 -6.48 -19.28 -9.63
C SER A 311 -6.25 -18.40 -8.41
N TRP A 312 -7.33 -17.82 -7.90
CA TRP A 312 -7.28 -16.99 -6.71
C TRP A 312 -7.49 -17.84 -5.45
N TYR A 313 -7.14 -17.25 -4.30
CA TYR A 313 -7.46 -17.81 -3.00
C TYR A 313 -7.19 -16.74 -1.94
N ASP A 314 -8.03 -16.73 -0.90
CA ASP A 314 -7.95 -15.72 0.16
C ASP A 314 -7.15 -16.25 1.34
N ASN A 315 -5.85 -16.42 1.09
CA ASN A 315 -4.87 -16.84 2.09
C ASN A 315 -5.36 -17.94 3.02
N GLU A 316 -5.61 -17.60 4.27
CA GLU A 316 -5.91 -18.58 5.31
C GLU A 316 -7.40 -18.83 5.51
N TYR A 317 -8.26 -18.03 4.89
CA TYR A 317 -9.70 -18.16 5.14
C TYR A 317 -10.25 -19.47 4.59
N GLY A 318 -10.24 -19.60 3.26
CA GLY A 318 -10.70 -20.84 2.66
C GLY A 318 -9.91 -22.06 3.10
N TYR A 319 -8.62 -21.86 3.41
CA TYR A 319 -7.79 -22.94 3.92
C TYR A 319 -8.32 -23.42 5.28
N SER A 320 -8.63 -22.49 6.18
CA SER A 320 -9.11 -22.86 7.51
C SER A 320 -10.45 -23.58 7.47
N THR A 321 -11.24 -23.37 6.42
CA THR A 321 -12.47 -24.14 6.26
C THR A 321 -12.16 -25.59 5.88
N ARG A 322 -11.10 -25.81 5.09
CA ARG A 322 -10.72 -27.17 4.73
C ARG A 322 -10.23 -27.96 5.93
N VAL A 323 -9.59 -27.28 6.89
CA VAL A 323 -9.19 -27.96 8.13
C VAL A 323 -10.41 -28.51 8.84
N VAL A 324 -11.47 -27.71 8.95
CA VAL A 324 -12.70 -28.17 9.57
C VAL A 324 -13.35 -29.25 8.72
N ASP A 325 -13.27 -29.11 7.40
CA ASP A 325 -13.77 -30.16 6.51
C ASP A 325 -12.99 -31.45 6.70
N LEU A 326 -11.66 -31.36 6.75
CA LEU A 326 -10.83 -32.54 6.98
C LEU A 326 -11.10 -33.14 8.35
N LEU A 327 -11.39 -32.31 9.35
CA LEU A 327 -11.65 -32.82 10.69
C LEU A 327 -12.90 -33.68 10.72
N GLU A 328 -13.94 -33.27 9.98
CA GLU A 328 -15.18 -34.05 9.97
C GLU A 328 -15.01 -35.34 9.20
N HIS A 329 -14.22 -35.32 8.12
CA HIS A 329 -13.98 -36.55 7.37
C HIS A 329 -13.20 -37.57 8.18
N VAL A 330 -12.17 -37.10 8.91
CA VAL A 330 -11.41 -38.01 9.76
C VAL A 330 -12.27 -38.55 10.89
N ALA A 331 -13.12 -37.69 11.47
CA ALA A 331 -14.02 -38.15 12.53
C ALA A 331 -15.11 -39.07 12.00
N LYS A 332 -15.55 -38.83 10.75
CA LYS A 332 -16.57 -39.70 10.17
C LYS A 332 -15.99 -41.05 9.78
N ALA A 333 -14.74 -41.08 9.30
CA ALA A 333 -14.09 -42.32 8.90
C ALA A 333 -13.82 -43.24 10.08
N SER A 334 -13.89 -42.75 11.31
CA SER A 334 -13.67 -43.55 12.50
C SER A 334 -14.99 -44.04 13.11
N ALA A 335 -16.03 -44.16 12.31
CA ALA A 335 -17.33 -44.63 12.79
C ALA A 335 -17.47 -46.13 12.64
N MET B 1 -47.10 5.56 1.68
CA MET B 1 -46.86 4.20 2.13
C MET B 1 -45.46 3.74 1.78
N ALA B 2 -45.28 3.22 0.56
CA ALA B 2 -43.98 2.81 0.05
C ALA B 2 -43.48 3.88 -0.89
N ILE B 3 -42.40 4.56 -0.49
CA ILE B 3 -41.88 5.68 -1.29
C ILE B 3 -41.16 5.14 -2.51
N LYS B 4 -41.35 5.82 -3.64
CA LYS B 4 -40.72 5.45 -4.89
C LYS B 4 -39.59 6.45 -5.17
N ILE B 5 -38.36 5.95 -5.25
CA ILE B 5 -37.19 6.80 -5.38
C ILE B 5 -36.47 6.50 -6.68
N GLY B 6 -35.50 7.35 -7.00
CA GLY B 6 -34.67 7.16 -8.17
C GLY B 6 -33.28 7.71 -7.90
N ILE B 7 -32.29 7.12 -8.57
CA ILE B 7 -30.88 7.45 -8.35
C ILE B 7 -30.31 8.02 -9.63
N ASN B 8 -29.68 9.20 -9.53
CA ASN B 8 -28.99 9.82 -10.63
C ASN B 8 -27.49 9.59 -10.48
N GLY B 9 -26.87 8.96 -11.47
CA GLY B 9 -25.47 8.62 -11.38
C GLY B 9 -25.26 7.34 -10.61
N PHE B 10 -24.49 6.41 -11.18
CA PHE B 10 -24.31 5.10 -10.57
C PHE B 10 -22.86 4.90 -10.15
N GLY B 11 -22.29 5.89 -9.47
CA GLY B 11 -20.95 5.78 -8.93
C GLY B 11 -20.93 5.07 -7.60
N ARG B 12 -19.92 5.39 -6.79
CA ARG B 12 -19.76 4.73 -5.50
C ARG B 12 -20.93 5.04 -4.58
N ILE B 13 -21.29 6.33 -4.46
CA ILE B 13 -22.36 6.71 -3.54
C ILE B 13 -23.70 6.21 -4.05
N GLY B 14 -23.97 6.37 -5.35
CA GLY B 14 -25.23 5.89 -5.90
C GLY B 14 -25.42 4.40 -5.77
N ARG B 15 -24.31 3.63 -5.83
CA ARG B 15 -24.41 2.19 -5.64
C ARG B 15 -24.68 1.84 -4.18
N LEU B 16 -24.00 2.51 -3.25
CA LEU B 16 -24.19 2.21 -1.84
C LEU B 16 -25.60 2.58 -1.37
N VAL B 17 -26.16 3.66 -1.91
CA VAL B 17 -27.52 4.03 -1.56
C VAL B 17 -28.51 3.00 -2.09
N LEU B 18 -28.29 2.53 -3.32
CA LEU B 18 -29.16 1.50 -3.89
C LEU B 18 -29.12 0.22 -3.05
N ARG B 19 -27.94 -0.13 -2.53
CA ARG B 19 -27.83 -1.34 -1.71
C ARG B 19 -28.61 -1.19 -0.41
N VAL B 20 -28.42 -0.06 0.28
CA VAL B 20 -29.12 0.16 1.54
C VAL B 20 -30.62 0.31 1.31
N ALA B 21 -31.01 0.93 0.19
CA ALA B 21 -32.42 1.11 -0.10
C ALA B 21 -33.11 -0.23 -0.37
N LEU B 22 -32.40 -1.17 -1.01
CA LEU B 22 -32.97 -2.48 -1.25
C LEU B 22 -33.19 -3.25 0.05
N GLY B 23 -32.36 -2.99 1.07
CA GLY B 23 -32.50 -3.67 2.34
C GLY B 23 -33.61 -3.16 3.22
N ARG B 24 -34.26 -2.06 2.83
CA ARG B 24 -35.34 -1.47 3.61
C ARG B 24 -36.67 -1.61 2.86
N LYS B 25 -37.73 -1.92 3.59
CA LYS B 25 -39.00 -2.24 2.97
C LYS B 25 -39.81 -0.99 2.61
N ASP B 26 -39.67 0.09 3.38
CA ASP B 26 -40.45 1.30 3.11
C ASP B 26 -40.04 1.98 1.81
N ILE B 27 -38.89 1.62 1.24
CA ILE B 27 -38.36 2.26 0.04
C ILE B 27 -38.46 1.28 -1.12
N GLU B 28 -38.85 1.81 -2.29
CA GLU B 28 -38.95 1.02 -3.51
C GLU B 28 -38.18 1.76 -4.60
N VAL B 29 -37.00 1.26 -4.95
CA VAL B 29 -36.19 1.86 -6.01
C VAL B 29 -36.81 1.49 -7.35
N VAL B 30 -37.31 2.49 -8.06
CA VAL B 30 -37.98 2.24 -9.34
C VAL B 30 -37.00 2.27 -10.50
N ALA B 31 -36.08 3.24 -10.53
CA ALA B 31 -35.20 3.39 -11.68
C ALA B 31 -33.91 4.05 -11.26
N VAL B 32 -32.88 3.86 -12.08
CA VAL B 32 -31.58 4.51 -11.94
C VAL B 32 -31.27 5.16 -13.28
N ASN B 33 -30.44 6.20 -13.24
CA ASN B 33 -30.04 6.93 -14.45
C ASN B 33 -28.54 7.16 -14.44
N ASP B 34 -27.87 6.70 -15.49
CA ASP B 34 -26.44 6.92 -15.71
C ASP B 34 -26.18 6.86 -17.21
N PRO B 35 -25.94 8.00 -17.87
CA PRO B 35 -25.77 8.01 -19.32
C PRO B 35 -24.41 7.55 -19.81
N PHE B 36 -23.54 7.02 -18.94
CA PHE B 36 -22.20 6.64 -19.34
C PHE B 36 -21.94 5.14 -19.31
N ILE B 37 -22.84 4.36 -18.70
CA ILE B 37 -22.61 2.93 -18.52
C ILE B 37 -23.79 2.14 -19.08
N ALA B 38 -23.50 0.92 -19.52
CA ALA B 38 -24.48 -0.01 -20.04
C ALA B 38 -25.06 -0.85 -18.91
N PRO B 39 -26.25 -1.44 -19.09
CA PRO B 39 -26.87 -2.20 -17.99
C PRO B 39 -26.01 -3.34 -17.48
N ASP B 40 -25.27 -4.03 -18.36
CA ASP B 40 -24.40 -5.10 -17.89
C ASP B 40 -23.21 -4.54 -17.11
N TYR B 41 -22.81 -3.30 -17.38
CA TYR B 41 -21.69 -2.70 -16.66
C TYR B 41 -22.14 -2.21 -15.28
N ALA B 42 -23.37 -1.68 -15.18
CA ALA B 42 -23.89 -1.28 -13.88
C ALA B 42 -24.07 -2.48 -12.96
N ALA B 43 -24.44 -3.63 -13.52
CA ALA B 43 -24.56 -4.83 -12.70
C ALA B 43 -23.21 -5.33 -12.24
N TYR B 44 -22.16 -5.16 -13.06
CA TYR B 44 -20.83 -5.60 -12.66
C TYR B 44 -20.29 -4.78 -11.50
N MET B 45 -20.39 -3.45 -11.60
CA MET B 45 -19.91 -2.60 -10.52
C MET B 45 -20.75 -2.75 -9.26
N PHE B 46 -22.03 -3.09 -9.40
CA PHE B 46 -22.86 -3.32 -8.22
C PHE B 46 -22.57 -4.68 -7.58
N LYS B 47 -22.21 -5.68 -8.38
CA LYS B 47 -21.97 -7.01 -7.84
C LYS B 47 -20.65 -7.07 -7.08
N TYR B 48 -19.61 -6.44 -7.61
CA TYR B 48 -18.26 -6.59 -7.09
C TYR B 48 -17.70 -5.31 -6.47
N ASP B 49 -18.51 -4.26 -6.36
CA ASP B 49 -18.01 -3.03 -5.75
C ASP B 49 -19.05 -2.24 -4.96
N SER B 50 -20.29 -2.72 -4.86
CA SER B 50 -21.24 -2.10 -3.93
C SER B 50 -20.99 -2.59 -2.51
N THR B 51 -21.29 -3.86 -2.25
CA THR B 51 -20.87 -4.48 -1.01
C THR B 51 -19.37 -4.73 -1.05
N HIS B 52 -18.69 -4.39 0.05
CA HIS B 52 -17.24 -4.55 0.11
C HIS B 52 -16.83 -5.99 -0.12
N GLY B 53 -16.16 -6.25 -1.24
CA GLY B 53 -15.84 -7.61 -1.64
C GLY B 53 -16.78 -8.09 -2.74
N ARG B 54 -17.84 -8.78 -2.33
CA ARG B 54 -18.84 -9.29 -3.27
C ARG B 54 -20.22 -9.15 -2.66
N TYR B 55 -21.21 -8.85 -3.50
CA TYR B 55 -22.58 -8.74 -3.03
C TYR B 55 -23.19 -10.13 -2.85
N LYS B 56 -23.89 -10.31 -1.73
CA LYS B 56 -24.54 -11.59 -1.42
C LYS B 56 -25.93 -11.60 -2.04
N GLY B 57 -25.97 -11.86 -3.34
CA GLY B 57 -27.23 -11.91 -4.07
C GLY B 57 -27.05 -11.95 -5.57
N GLU B 58 -28.10 -12.34 -6.29
CA GLU B 58 -28.04 -12.41 -7.74
C GLU B 58 -28.21 -11.01 -8.33
N VAL B 59 -27.30 -10.63 -9.23
CA VAL B 59 -27.32 -9.33 -9.88
C VAL B 59 -27.15 -9.57 -11.38
N THR B 60 -28.25 -9.53 -12.11
CA THR B 60 -28.26 -9.70 -13.56
C THR B 60 -28.74 -8.41 -14.22
N ALA B 61 -28.99 -8.50 -15.53
CA ALA B 61 -29.45 -7.33 -16.29
C ALA B 61 -30.12 -7.82 -17.57
N SER B 62 -31.34 -7.32 -17.82
CA SER B 62 -32.04 -7.65 -19.05
C SER B 62 -31.77 -6.59 -20.10
N GLY B 63 -32.81 -6.18 -20.83
CA GLY B 63 -32.65 -5.16 -21.84
C GLY B 63 -32.40 -3.78 -21.25
N ASP B 64 -33.39 -3.23 -20.56
CA ASP B 64 -33.28 -1.92 -19.92
C ASP B 64 -33.49 -2.00 -18.41
N ASP B 65 -33.36 -3.19 -17.82
CA ASP B 65 -33.63 -3.41 -16.41
C ASP B 65 -32.40 -3.96 -15.72
N LEU B 66 -32.28 -3.64 -14.43
CA LEU B 66 -31.21 -4.13 -13.56
C LEU B 66 -31.88 -5.03 -12.51
N VAL B 67 -31.90 -6.33 -12.79
CA VAL B 67 -32.57 -7.28 -11.91
C VAL B 67 -31.61 -7.63 -10.77
N ILE B 68 -31.99 -7.27 -9.55
CA ILE B 68 -31.21 -7.55 -8.36
C ILE B 68 -32.11 -8.30 -7.39
N ASP B 69 -31.85 -9.60 -7.23
CA ASP B 69 -32.65 -10.47 -6.36
C ASP B 69 -34.12 -10.45 -6.74
N GLY B 70 -34.39 -10.51 -8.05
CA GLY B 70 -35.74 -10.57 -8.57
C GLY B 70 -36.38 -9.23 -8.84
N HIS B 71 -35.97 -8.18 -8.12
CA HIS B 71 -36.55 -6.86 -8.28
C HIS B 71 -35.99 -6.21 -9.55
N LYS B 72 -36.88 -5.85 -10.48
CA LYS B 72 -36.48 -5.21 -11.72
C LYS B 72 -36.41 -3.70 -11.52
N ILE B 73 -35.30 -3.10 -11.96
CA ILE B 73 -35.07 -1.67 -11.82
C ILE B 73 -34.72 -1.11 -13.19
N LYS B 74 -35.53 -0.16 -13.66
CA LYS B 74 -35.29 0.46 -14.95
C LYS B 74 -33.98 1.24 -14.94
N VAL B 75 -33.35 1.35 -16.11
CA VAL B 75 -32.08 2.04 -16.26
C VAL B 75 -32.20 3.03 -17.40
N PHE B 76 -32.05 4.31 -17.09
CA PHE B 76 -32.07 5.37 -18.10
C PHE B 76 -30.65 5.84 -18.39
N GLN B 77 -30.48 6.42 -19.59
CA GLN B 77 -29.18 6.90 -20.05
C GLN B 77 -29.33 8.32 -20.60
N GLU B 78 -29.75 9.24 -19.74
CA GLU B 78 -30.02 10.63 -20.11
C GLU B 78 -28.93 11.52 -19.55
N ARG B 79 -28.25 12.25 -20.43
CA ARG B 79 -27.26 13.23 -19.99
C ARG B 79 -27.91 14.47 -19.41
N ASP B 80 -29.08 14.84 -19.92
CA ASP B 80 -29.82 15.99 -19.41
C ASP B 80 -30.84 15.48 -18.38
N PRO B 81 -30.75 15.90 -17.12
CA PRO B 81 -31.68 15.39 -16.11
C PRO B 81 -33.14 15.73 -16.39
N ALA B 82 -33.40 16.74 -17.23
CA ALA B 82 -34.78 17.10 -17.54
C ALA B 82 -35.44 16.12 -18.50
N ASN B 83 -34.65 15.29 -19.19
CA ASN B 83 -35.19 14.30 -20.11
C ASN B 83 -35.42 12.95 -19.46
N ILE B 84 -35.27 12.84 -18.14
CA ILE B 84 -35.41 11.58 -17.43
C ILE B 84 -36.88 11.39 -17.09
N PRO B 85 -37.51 10.29 -17.53
CA PRO B 85 -38.94 10.10 -17.24
C PRO B 85 -39.21 9.78 -15.78
N TRP B 86 -39.04 10.74 -14.89
CA TRP B 86 -39.32 10.50 -13.48
C TRP B 86 -40.82 10.51 -13.20
N GLY B 87 -41.57 11.41 -13.85
CA GLY B 87 -42.98 11.53 -13.55
C GLY B 87 -43.77 10.29 -13.94
N LYS B 88 -43.61 9.83 -15.17
CA LYS B 88 -44.37 8.66 -15.63
C LYS B 88 -43.92 7.37 -14.96
N SER B 89 -42.68 7.32 -14.45
CA SER B 89 -42.20 6.14 -13.74
C SER B 89 -42.75 6.02 -12.34
N GLY B 90 -43.40 7.06 -11.82
CA GLY B 90 -43.93 7.03 -10.47
C GLY B 90 -42.94 7.42 -9.39
N VAL B 91 -41.79 7.95 -9.76
CA VAL B 91 -40.75 8.31 -8.78
C VAL B 91 -41.07 9.66 -8.17
N ASP B 92 -41.06 9.73 -6.85
CA ASP B 92 -41.30 10.97 -6.12
C ASP B 92 -40.03 11.63 -5.62
N TYR B 93 -39.02 10.85 -5.23
CA TYR B 93 -37.78 11.37 -4.69
C TYR B 93 -36.61 10.94 -5.56
N VAL B 94 -35.69 11.86 -5.81
CA VAL B 94 -34.52 11.61 -6.64
C VAL B 94 -33.27 11.73 -5.77
N ILE B 95 -32.39 10.74 -5.86
CA ILE B 95 -31.11 10.74 -5.17
C ILE B 95 -30.07 11.25 -6.16
N GLU B 96 -29.70 12.52 -6.04
CA GLU B 96 -28.70 13.13 -6.93
C GLU B 96 -27.32 12.78 -6.40
N SER B 97 -26.66 11.80 -7.04
CA SER B 97 -25.38 11.31 -6.58
C SER B 97 -24.27 11.48 -7.61
N THR B 98 -24.54 12.19 -8.71
CA THR B 98 -23.53 12.32 -9.76
C THR B 98 -22.39 13.22 -9.31
N GLY B 99 -22.68 14.25 -8.53
CA GLY B 99 -21.68 15.20 -8.10
C GLY B 99 -21.50 16.39 -9.02
N VAL B 100 -22.35 16.57 -10.02
CA VAL B 100 -22.26 17.70 -10.92
C VAL B 100 -23.51 18.56 -10.92
N PHE B 101 -24.66 18.04 -10.51
CA PHE B 101 -25.87 18.85 -10.36
C PHE B 101 -26.14 19.05 -8.87
N THR B 102 -25.18 19.66 -8.17
CA THR B 102 -25.25 19.81 -6.72
C THR B 102 -25.75 21.19 -6.29
N LYS B 103 -26.34 21.95 -7.21
CA LYS B 103 -26.90 23.25 -6.90
C LYS B 103 -28.40 23.24 -7.16
N LEU B 104 -29.08 24.27 -6.66
CA LEU B 104 -30.54 24.34 -6.78
C LEU B 104 -30.98 24.34 -8.24
N GLU B 105 -30.31 25.11 -9.08
CA GLU B 105 -30.69 25.19 -10.49
C GLU B 105 -30.54 23.83 -11.16
N GLY B 106 -29.40 23.17 -10.96
CA GLY B 106 -29.18 21.88 -11.59
C GLY B 106 -30.11 20.81 -11.06
N ALA B 107 -30.22 20.70 -9.73
CA ALA B 107 -31.08 19.68 -9.13
C ALA B 107 -32.55 19.91 -9.44
N GLN B 108 -32.93 21.12 -9.87
CA GLN B 108 -34.31 21.39 -10.24
C GLN B 108 -34.74 20.54 -11.42
N LYS B 109 -33.81 20.19 -12.32
CA LYS B 109 -34.16 19.45 -13.53
C LYS B 109 -34.84 18.13 -13.20
N HIS B 110 -34.53 17.53 -12.05
CA HIS B 110 -35.26 16.34 -11.62
C HIS B 110 -36.70 16.68 -11.25
N ILE B 111 -36.92 17.85 -10.63
CA ILE B 111 -38.28 18.27 -10.31
C ILE B 111 -39.03 18.64 -11.58
N ASP B 112 -38.36 19.32 -12.52
CA ASP B 112 -38.99 19.63 -13.80
C ASP B 112 -39.37 18.36 -14.56
N ALA B 113 -38.68 17.26 -14.30
CA ALA B 113 -38.91 16.00 -14.99
C ALA B 113 -39.97 15.13 -14.32
N GLY B 114 -40.67 15.65 -13.30
CA GLY B 114 -41.77 14.94 -12.68
C GLY B 114 -41.54 14.49 -11.26
N ALA B 115 -40.36 14.72 -10.69
CA ALA B 115 -40.10 14.34 -9.32
C ALA B 115 -40.53 15.43 -8.36
N LYS B 116 -40.80 15.03 -7.12
CA LYS B 116 -41.24 15.96 -6.09
C LYS B 116 -40.06 16.63 -5.37
N LYS B 117 -39.19 15.82 -4.76
CA LYS B 117 -38.09 16.34 -3.96
C LYS B 117 -36.80 15.64 -4.34
N VAL B 118 -35.69 16.36 -4.22
CA VAL B 118 -34.38 15.86 -4.58
C VAL B 118 -33.45 15.99 -3.37
N ILE B 119 -32.67 14.94 -3.11
CA ILE B 119 -31.67 14.92 -2.06
C ILE B 119 -30.31 14.82 -2.72
N ILE B 120 -29.48 15.85 -2.56
CA ILE B 120 -28.14 15.86 -3.13
C ILE B 120 -27.18 15.19 -2.15
N THR B 121 -26.48 14.17 -2.61
CA THR B 121 -25.51 13.46 -1.77
C THR B 121 -24.12 14.10 -1.87
N ALA B 122 -24.07 15.41 -1.67
CA ALA B 122 -22.83 16.18 -1.74
C ALA B 122 -23.11 17.56 -1.13
N PRO B 123 -22.07 18.24 -0.65
CA PRO B 123 -22.25 19.62 -0.19
C PRO B 123 -22.72 20.51 -1.32
N SER B 124 -23.67 21.38 -1.01
CA SER B 124 -24.31 22.24 -2.00
C SER B 124 -23.99 23.69 -1.68
N ALA B 125 -23.78 24.49 -2.72
CA ALA B 125 -23.48 25.91 -2.54
C ALA B 125 -24.72 26.76 -2.26
N ASP B 126 -25.92 26.21 -2.43
CA ASP B 126 -27.13 26.99 -2.23
C ASP B 126 -28.28 26.17 -1.68
N ALA B 127 -28.25 24.85 -1.90
CA ALA B 127 -29.33 24.04 -1.36
C ALA B 127 -29.14 23.84 0.15
N PRO B 128 -30.23 23.85 0.93
CA PRO B 128 -30.10 23.68 2.37
C PRO B 128 -29.51 22.32 2.73
N MET B 129 -28.59 22.33 3.70
CA MET B 129 -27.83 21.15 4.07
C MET B 129 -28.35 20.61 5.41
N PHE B 130 -28.53 19.29 5.47
CA PHE B 130 -29.00 18.62 6.67
C PHE B 130 -28.18 17.37 6.92
N VAL B 131 -27.83 17.15 8.19
CA VAL B 131 -27.10 15.95 8.63
C VAL B 131 -27.97 15.23 9.63
N VAL B 132 -28.15 13.92 9.43
CA VAL B 132 -28.98 13.12 10.34
C VAL B 132 -28.34 13.10 11.72
N GLY B 133 -29.15 13.39 12.74
CA GLY B 133 -28.69 13.48 14.10
C GLY B 133 -28.28 14.86 14.56
N VAL B 134 -28.15 15.81 13.64
CA VAL B 134 -27.73 17.16 14.00
C VAL B 134 -28.90 18.13 13.78
N ASN B 135 -29.30 18.32 12.52
CA ASN B 135 -30.39 19.23 12.19
C ASN B 135 -31.46 18.56 11.35
N GLU B 136 -31.58 17.23 11.40
CA GLU B 136 -32.64 16.54 10.69
C GLU B 136 -34.01 16.96 11.19
N ASP B 137 -34.13 17.30 12.48
CA ASP B 137 -35.38 17.77 13.02
C ASP B 137 -35.72 19.19 12.57
N LYS B 138 -34.74 19.92 12.03
CA LYS B 138 -34.97 21.26 11.52
C LYS B 138 -35.47 21.26 10.08
N TYR B 139 -35.92 20.12 9.56
CA TYR B 139 -36.40 20.04 8.19
C TYR B 139 -37.90 20.29 8.14
N THR B 140 -38.31 21.08 7.16
CA THR B 140 -39.72 21.41 6.91
C THR B 140 -40.15 20.87 5.56
N PRO B 141 -41.41 20.46 5.42
CA PRO B 141 -41.84 19.81 4.16
C PRO B 141 -41.80 20.73 2.96
N ASP B 142 -41.73 22.05 3.15
CA ASP B 142 -41.69 22.96 2.00
C ASP B 142 -40.35 22.96 1.31
N LEU B 143 -39.33 22.33 1.88
CA LEU B 143 -38.01 22.27 1.26
C LEU B 143 -37.99 21.15 0.23
N LYS B 144 -37.76 21.53 -1.04
CA LYS B 144 -37.83 20.58 -2.14
C LYS B 144 -36.47 19.99 -2.51
N ILE B 145 -35.40 20.75 -2.37
CA ILE B 145 -34.06 20.35 -2.81
C ILE B 145 -33.12 20.56 -1.64
N ILE B 146 -32.69 19.47 -1.01
CA ILE B 146 -31.84 19.53 0.16
C ILE B 146 -30.52 18.82 -0.13
N SER B 147 -29.53 19.06 0.72
CA SER B 147 -28.21 18.46 0.62
C SER B 147 -27.92 17.64 1.87
N ASN B 148 -27.08 16.62 1.70
CA ASN B 148 -26.70 15.74 2.80
C ASN B 148 -25.23 15.93 3.19
N ALA B 149 -24.63 17.06 2.82
CA ALA B 149 -23.27 17.41 3.19
C ALA B 149 -22.25 16.38 2.70
N SER B 150 -21.08 16.36 3.32
CA SER B 150 -20.01 15.45 2.93
C SER B 150 -19.94 14.26 3.87
N THR B 152 -17.19 13.48 5.38
CA THR B 152 -16.36 13.99 6.46
C THR B 152 -17.23 14.83 7.40
N THR B 153 -18.08 15.67 6.81
CA THR B 153 -19.00 16.47 7.61
C THR B 153 -19.92 15.59 8.44
N ASN B 154 -20.33 14.44 7.89
CA ASN B 154 -21.16 13.52 8.64
C ASN B 154 -20.39 12.79 9.73
N CYS B 155 -19.07 12.93 9.77
CA CYS B 155 -18.27 12.42 10.88
C CYS B 155 -17.95 13.49 11.91
N LEU B 156 -17.74 14.74 11.47
CA LEU B 156 -17.38 15.81 12.41
C LEU B 156 -18.61 16.41 13.07
N ALA B 157 -19.69 16.62 12.32
CA ALA B 157 -20.87 17.27 12.87
C ALA B 157 -21.49 16.51 14.05
N PRO B 158 -21.64 15.17 14.02
CA PRO B 158 -22.17 14.50 15.22
C PRO B 158 -21.27 14.65 16.43
N LEU B 159 -19.95 14.53 16.25
CA LEU B 159 -19.03 14.67 17.37
C LEU B 159 -19.00 16.09 17.90
N ALA B 160 -18.99 17.08 16.99
CA ALA B 160 -18.94 18.48 17.42
C ALA B 160 -20.22 18.90 18.11
N LYS B 161 -21.34 18.25 17.81
CA LYS B 161 -22.61 18.64 18.45
C LYS B 161 -22.58 18.33 19.95
N VAL B 162 -22.23 17.10 20.31
CA VAL B 162 -22.28 16.71 21.72
C VAL B 162 -21.23 17.45 22.54
N VAL B 163 -20.09 17.78 21.93
CA VAL B 163 -19.07 18.52 22.64
C VAL B 163 -19.48 19.98 22.83
N ASN B 164 -20.16 20.54 21.82
CA ASN B 164 -20.66 21.91 21.94
C ASN B 164 -21.87 22.00 22.84
N ASP B 165 -22.73 20.98 22.84
CA ASP B 165 -23.91 21.00 23.69
C ASP B 165 -23.54 20.88 25.16
N THR B 166 -22.59 20.01 25.50
CA THR B 166 -22.25 19.75 26.89
C THR B 166 -21.23 20.75 27.44
N PHE B 167 -20.21 21.09 26.66
CA PHE B 167 -19.13 21.94 27.14
C PHE B 167 -18.94 23.23 26.35
N GLY B 168 -19.52 23.34 25.16
CA GLY B 168 -19.35 24.54 24.35
C GLY B 168 -18.00 24.62 23.69
N ILE B 169 -17.99 24.91 22.40
CA ILE B 169 -16.76 24.95 21.61
C ILE B 169 -16.42 26.40 21.33
N GLU B 170 -15.33 26.89 21.94
CA GLU B 170 -14.88 28.25 21.67
C GLU B 170 -14.23 28.34 20.29
N GLU B 171 -13.23 27.50 20.04
CA GLU B 171 -12.56 27.42 18.76
C GLU B 171 -12.26 25.95 18.48
N GLY B 172 -11.84 25.67 17.24
CA GLY B 172 -11.57 24.30 16.86
C GLY B 172 -10.92 24.11 15.51
N LEU B 173 -9.73 23.51 15.51
CA LEU B 173 -9.02 23.12 14.30
C LEU B 173 -9.05 21.60 14.17
N MET B 174 -9.30 21.12 12.95
CA MET B 174 -9.40 19.69 12.71
C MET B 174 -8.48 19.28 11.58
N THR B 175 -8.22 17.97 11.52
CA THR B 175 -7.42 17.38 10.46
C THR B 175 -7.91 15.97 10.22
N THR B 176 -8.39 15.70 9.01
CA THR B 176 -8.87 14.38 8.64
C THR B 176 -7.85 13.72 7.72
N VAL B 177 -7.44 12.51 8.07
CA VAL B 177 -6.59 11.69 7.22
C VAL B 177 -7.52 10.82 6.37
N HIS B 178 -7.55 11.08 5.07
CA HIS B 178 -8.52 10.47 4.16
C HIS B 178 -7.88 9.33 3.39
N SER B 179 -8.57 8.18 3.37
CA SER B 179 -8.11 7.05 2.59
C SER B 179 -8.53 7.21 1.12
N ILE B 180 -7.90 6.41 0.26
CA ILE B 180 -8.17 6.47 -1.17
C ILE B 180 -9.60 6.05 -1.46
N SER B 191 -3.13 21.45 -15.96
CA SER B 191 -4.03 20.30 -16.06
C SER B 191 -5.02 20.28 -14.91
N HIS B 192 -4.71 21.02 -13.85
CA HIS B 192 -5.57 21.11 -12.68
C HIS B 192 -5.28 22.42 -11.95
N LYS B 193 -6.12 22.71 -10.96
CA LYS B 193 -5.94 23.93 -10.16
C LYS B 193 -5.01 23.70 -8.99
N ASP B 194 -5.14 22.56 -8.31
CA ASP B 194 -4.23 22.16 -7.25
C ASP B 194 -3.16 21.23 -7.81
N TRP B 195 -1.91 21.45 -7.42
CA TRP B 195 -0.80 20.68 -7.94
C TRP B 195 -0.46 19.47 -7.08
N ARG B 196 -1.00 19.39 -5.86
CA ARG B 196 -0.79 18.22 -5.03
C ARG B 196 -1.71 17.07 -5.44
N GLY B 197 -2.90 17.38 -5.96
CA GLY B 197 -3.81 16.34 -6.40
C GLY B 197 -3.32 15.58 -7.62
N GLY B 198 -2.51 16.24 -8.45
CA GLY B 198 -1.95 15.59 -9.63
C GLY B 198 -0.89 14.56 -9.31
N ARG B 199 -0.31 14.62 -8.13
CA ARG B 199 0.72 13.67 -7.74
C ARG B 199 0.11 12.28 -7.54
N THR B 200 0.97 11.26 -7.64
CA THR B 200 0.50 9.89 -7.51
C THR B 200 0.12 9.58 -6.06
N ALA B 201 -1.01 8.90 -5.90
CA ALA B 201 -1.48 8.54 -4.57
C ALA B 201 -0.75 7.35 -3.97
N SER B 202 -0.03 6.59 -4.80
CA SER B 202 0.68 5.40 -4.32
C SER B 202 1.89 5.82 -3.50
N GLY B 203 1.90 5.44 -2.23
CA GLY B 203 3.03 5.71 -1.36
C GLY B 203 3.23 7.17 -1.00
N ASN B 204 2.15 7.96 -1.02
CA ASN B 204 2.23 9.38 -0.73
C ASN B 204 1.16 9.78 0.26
N ILE B 205 1.53 10.62 1.23
CA ILE B 205 0.59 11.35 2.05
C ILE B 205 0.44 12.73 1.43
N ILE B 206 -0.69 12.97 0.77
CA ILE B 206 -0.90 14.18 -0.01
C ILE B 206 -1.80 15.12 0.80
N PRO B 207 -1.32 16.28 1.23
CA PRO B 207 -2.18 17.22 1.96
C PRO B 207 -3.17 17.89 1.01
N SER B 208 -4.46 17.70 1.27
CA SER B 208 -5.50 18.34 0.46
C SER B 208 -6.32 19.27 1.33
N SER B 209 -7.57 19.51 0.93
CA SER B 209 -8.43 20.42 1.68
C SER B 209 -9.89 20.07 1.42
N THR B 210 -10.73 20.39 2.38
CA THR B 210 -12.17 20.27 2.23
C THR B 210 -12.84 21.27 3.18
N GLY B 211 -14.03 21.71 2.81
CA GLY B 211 -14.77 22.65 3.63
C GLY B 211 -15.67 21.96 4.63
N ALA B 212 -15.25 20.79 5.09
CA ALA B 212 -16.08 20.01 6.01
C ALA B 212 -16.29 20.75 7.32
N ALA B 213 -15.26 21.38 7.86
CA ALA B 213 -15.39 22.08 9.13
C ALA B 213 -16.19 23.37 8.98
N LYS B 214 -15.95 24.12 7.90
CA LYS B 214 -16.75 25.31 7.65
C LYS B 214 -18.22 24.97 7.40
N ALA B 215 -18.48 23.80 6.82
CA ALA B 215 -19.85 23.35 6.61
C ALA B 215 -20.56 22.96 7.89
N VAL B 216 -19.80 22.75 8.98
CA VAL B 216 -20.45 22.47 10.27
C VAL B 216 -21.22 23.69 10.73
N GLY B 217 -20.75 24.90 10.40
CA GLY B 217 -21.50 26.10 10.74
C GLY B 217 -22.87 26.13 10.10
N LYS B 218 -23.01 25.55 8.91
CA LYS B 218 -24.31 25.48 8.26
C LYS B 218 -25.21 24.43 8.90
N VAL B 219 -24.63 23.42 9.55
CA VAL B 219 -25.43 22.37 10.18
C VAL B 219 -25.65 22.60 11.67
N ILE B 220 -24.78 23.36 12.33
CA ILE B 220 -25.04 23.87 13.67
C ILE B 220 -24.63 25.33 13.69
N PRO B 221 -25.58 26.26 13.64
CA PRO B 221 -25.23 27.68 13.41
C PRO B 221 -24.30 28.27 14.46
N GLU B 222 -24.21 27.68 15.65
CA GLU B 222 -23.31 28.22 16.67
C GLU B 222 -21.86 28.18 16.20
N LEU B 223 -21.42 27.03 15.67
CA LEU B 223 -20.03 26.85 15.26
C LEU B 223 -19.66 27.62 14.00
N ASN B 224 -20.57 28.43 13.45
CA ASN B 224 -20.28 29.16 12.21
C ASN B 224 -19.17 30.16 12.43
N GLY B 225 -18.05 29.97 11.74
CA GLY B 225 -16.94 30.90 11.77
C GLY B 225 -15.82 30.53 12.74
N LYS B 226 -16.03 29.55 13.61
CA LYS B 226 -15.03 29.17 14.61
C LYS B 226 -14.62 27.72 14.45
N LEU B 227 -14.46 27.26 13.21
CA LEU B 227 -14.11 25.88 12.94
C LEU B 227 -13.56 25.79 11.52
N THR B 228 -12.34 25.27 11.38
CA THR B 228 -11.73 25.10 10.07
C THR B 228 -10.67 24.01 10.16
N GLY B 229 -10.44 23.33 9.03
CA GLY B 229 -9.50 22.23 9.02
C GLY B 229 -8.95 21.98 7.63
N MET B 230 -8.12 20.94 7.55
CA MET B 230 -7.52 20.52 6.28
C MET B 230 -7.50 18.99 6.25
N SER B 231 -6.90 18.43 5.20
CA SER B 231 -6.91 16.98 4.99
C SER B 231 -5.52 16.47 4.64
N LEU B 232 -5.29 15.20 4.95
CA LEU B 232 -4.09 14.48 4.57
C LEU B 232 -4.51 13.16 3.92
N ARG B 233 -4.42 13.10 2.60
CA ARG B 233 -4.81 11.88 1.89
C ARG B 233 -3.77 10.79 2.10
N VAL B 234 -4.22 9.58 2.42
CA VAL B 234 -3.32 8.44 2.63
C VAL B 234 -3.68 7.34 1.63
N PRO B 235 -2.72 6.48 1.26
CA PRO B 235 -3.01 5.41 0.30
C PRO B 235 -3.81 4.25 0.87
N THR B 236 -4.40 4.38 2.04
CA THR B 236 -5.23 3.33 2.61
C THR B 236 -6.53 3.22 1.81
N THR B 237 -7.38 2.24 2.17
CA THR B 237 -8.55 1.90 1.39
C THR B 237 -9.82 2.18 2.18
N ASP B 238 -10.43 3.33 1.91
CA ASP B 238 -11.84 3.61 2.23
C ASP B 238 -12.13 3.64 3.73
N VAL B 239 -11.14 3.95 4.57
CA VAL B 239 -11.40 4.16 5.99
C VAL B 239 -10.61 5.38 6.44
N SER B 240 -11.31 6.43 6.86
CA SER B 240 -10.70 7.68 7.29
C SER B 240 -11.03 7.94 8.75
N VAL B 241 -10.37 8.95 9.32
CA VAL B 241 -10.57 9.30 10.72
C VAL B 241 -10.37 10.79 10.89
N VAL B 242 -11.28 11.43 11.62
CA VAL B 242 -11.22 12.88 11.87
C VAL B 242 -10.46 13.13 13.17
N ASP B 243 -9.52 14.06 13.14
CA ASP B 243 -8.77 14.49 14.30
C ASP B 243 -9.15 15.93 14.61
N LEU B 244 -9.90 16.13 15.70
CA LEU B 244 -10.46 17.43 16.06
C LEU B 244 -9.76 17.98 17.29
N THR B 245 -9.27 19.22 17.17
CA THR B 245 -8.58 19.91 18.26
C THR B 245 -9.37 21.17 18.59
N VAL B 246 -10.05 21.16 19.74
CA VAL B 246 -10.93 22.25 20.12
C VAL B 246 -10.48 22.85 21.44
N ARG B 247 -10.74 24.15 21.59
CA ARG B 247 -10.62 24.84 22.87
C ARG B 247 -12.00 24.95 23.48
N LEU B 248 -12.19 24.34 24.65
CA LEU B 248 -13.50 24.29 25.27
C LEU B 248 -13.80 25.57 26.04
N LYS B 249 -15.09 25.83 26.25
CA LYS B 249 -15.52 26.95 27.07
C LYS B 249 -15.74 26.54 28.51
N LYS B 250 -16.34 25.36 28.73
CA LYS B 250 -16.52 24.80 30.06
C LYS B 250 -15.45 23.76 30.30
N ALA B 251 -14.72 23.90 31.41
CA ALA B 251 -13.63 22.98 31.73
C ALA B 251 -14.18 21.60 32.07
N ALA B 252 -13.38 20.58 31.80
CA ALA B 252 -13.77 19.20 32.05
C ALA B 252 -12.53 18.32 32.02
N SER B 253 -12.71 17.08 32.45
CA SER B 253 -11.72 16.04 32.31
C SER B 253 -12.05 15.17 31.10
N TYR B 254 -11.08 14.36 30.67
CA TYR B 254 -11.32 13.50 29.51
C TYR B 254 -12.40 12.47 29.80
N GLU B 255 -12.50 12.00 31.05
CA GLU B 255 -13.55 11.06 31.40
C GLU B 255 -14.92 11.65 31.16
N GLU B 256 -15.12 12.92 31.55
CA GLU B 256 -16.42 13.56 31.42
C GLU B 256 -16.74 13.87 29.96
N ILE B 257 -15.74 14.16 29.14
CA ILE B 257 -15.98 14.36 27.72
C ILE B 257 -16.37 13.05 27.05
N ALA B 258 -15.66 11.97 27.37
CA ALA B 258 -15.97 10.68 26.77
C ALA B 258 -17.28 10.10 27.30
N GLN B 259 -17.59 10.34 28.58
CA GLN B 259 -18.83 9.81 29.14
C GLN B 259 -20.05 10.44 28.50
N ALA B 260 -19.97 11.73 28.16
CA ALA B 260 -21.09 12.40 27.51
C ALA B 260 -21.26 11.92 26.08
N ILE B 261 -20.14 11.76 25.35
CA ILE B 261 -20.21 11.21 23.99
C ILE B 261 -20.85 9.83 24.01
N LYS B 262 -20.55 9.03 25.04
CA LYS B 262 -21.13 7.70 25.14
C LYS B 262 -22.63 7.76 25.41
N LYS B 263 -23.06 8.71 26.26
CA LYS B 263 -24.48 8.81 26.58
C LYS B 263 -25.30 9.17 25.34
N ALA B 264 -24.79 10.07 24.50
CA ALA B 264 -25.50 10.43 23.29
C ALA B 264 -25.43 9.31 22.25
N SER B 265 -24.36 8.51 22.26
CA SER B 265 -24.26 7.40 21.34
C SER B 265 -25.27 6.31 21.66
N GLU B 266 -25.69 6.21 22.93
CA GLU B 266 -26.68 5.25 23.35
C GLU B 266 -28.08 5.85 23.46
N GLY B 267 -28.25 7.11 23.06
CA GLY B 267 -29.53 7.78 23.16
C GLY B 267 -29.96 8.43 21.87
N PRO B 268 -29.80 9.75 21.79
CA PRO B 268 -30.27 10.46 20.59
C PRO B 268 -29.50 10.10 19.33
N LEU B 269 -28.18 9.94 19.43
CA LEU B 269 -27.34 9.63 18.27
C LEU B 269 -27.10 8.15 18.10
N LYS B 270 -28.04 7.30 18.53
CA LYS B 270 -27.88 5.86 18.39
C LYS B 270 -27.91 5.48 16.91
N GLY B 271 -26.96 4.63 16.51
CA GLY B 271 -26.81 4.25 15.13
C GLY B 271 -26.05 5.23 14.27
N VAL B 272 -25.86 6.45 14.74
CA VAL B 272 -25.12 7.48 14.00
C VAL B 272 -23.74 7.70 14.62
N LEU B 273 -23.70 8.17 15.87
CA LEU B 273 -22.45 8.35 16.58
C LEU B 273 -22.14 7.08 17.36
N GLY B 274 -20.99 6.47 17.09
CA GLY B 274 -20.54 5.31 17.81
C GLY B 274 -19.55 5.65 18.89
N TYR B 275 -19.38 4.72 19.83
CA TYR B 275 -18.48 4.91 20.97
C TYR B 275 -17.76 3.60 21.26
N THR B 276 -16.44 3.66 21.32
CA THR B 276 -15.63 2.48 21.60
C THR B 276 -14.51 2.85 22.56
N GLU B 277 -14.05 1.85 23.32
CA GLU B 277 -12.89 1.99 24.19
C GLU B 277 -11.82 0.95 23.88
N ASP B 278 -12.00 0.18 22.82
CA ASP B 278 -11.09 -0.92 22.50
C ASP B 278 -9.95 -0.44 21.61
N ALA B 279 -8.90 -1.26 21.53
CA ALA B 279 -7.72 -0.98 20.71
C ALA B 279 -8.05 -1.30 19.25
N VAL B 280 -8.89 -0.46 18.66
CA VAL B 280 -9.40 -0.69 17.32
C VAL B 280 -8.43 -0.12 16.29
N VAL B 281 -8.59 -0.55 15.05
CA VAL B 281 -7.78 -0.05 13.93
C VAL B 281 -8.73 0.31 12.78
N SER B 282 -8.15 0.66 11.64
CA SER B 282 -8.94 1.12 10.49
C SER B 282 -9.93 0.05 10.03
N THR B 283 -9.41 -1.14 9.72
CA THR B 283 -10.24 -2.20 9.14
C THR B 283 -11.32 -2.70 10.10
N ASP B 284 -11.26 -2.34 11.38
CA ASP B 284 -12.31 -2.75 12.31
C ASP B 284 -13.64 -2.06 12.03
N PHE B 285 -13.63 -0.92 11.33
CA PHE B 285 -14.85 -0.21 10.96
C PHE B 285 -15.21 -0.42 9.49
N LEU B 286 -14.77 -1.53 8.91
CA LEU B 286 -15.07 -1.84 7.52
C LEU B 286 -16.55 -2.21 7.39
N GLY B 287 -17.26 -1.51 6.52
CA GLY B 287 -18.70 -1.71 6.42
C GLY B 287 -19.46 -1.25 7.63
N SER B 288 -18.97 -0.24 8.34
CA SER B 288 -19.62 0.24 9.55
C SER B 288 -20.80 1.12 9.20
N SER B 289 -21.93 0.88 9.87
CA SER B 289 -23.15 1.63 9.62
C SER B 289 -23.17 3.00 10.30
N TYR B 290 -22.23 3.28 11.20
CA TYR B 290 -22.21 4.56 11.89
C TYR B 290 -21.72 5.66 10.96
N SER B 291 -22.07 6.90 11.31
CA SER B 291 -21.53 8.08 10.64
C SER B 291 -20.20 8.52 11.23
N SER B 292 -19.96 8.23 12.51
CA SER B 292 -18.70 8.52 13.16
C SER B 292 -18.62 7.71 14.44
N ILE B 293 -17.45 7.15 14.72
CA ILE B 293 -17.21 6.36 15.93
C ILE B 293 -16.10 7.02 16.72
N PHE B 294 -16.44 7.49 17.92
CA PHE B 294 -15.45 8.13 18.78
C PHE B 294 -14.45 7.12 19.31
N ASP B 295 -13.17 7.44 19.21
CA ASP B 295 -12.09 6.59 19.70
C ASP B 295 -11.65 7.12 21.06
N GLU B 296 -12.09 6.46 22.13
CA GLU B 296 -11.82 6.95 23.48
C GLU B 296 -10.33 6.90 23.81
N LYS B 297 -9.67 5.79 23.49
CA LYS B 297 -8.26 5.62 23.85
C LYS B 297 -7.34 6.52 23.05
N ALA B 298 -7.76 6.97 21.88
CA ALA B 298 -6.87 7.77 21.02
C ALA B 298 -6.82 9.23 21.46
N GLY B 299 -7.88 9.74 22.06
CA GLY B 299 -7.91 11.14 22.45
C GLY B 299 -6.99 11.45 23.62
N ILE B 300 -6.61 12.72 23.70
CA ILE B 300 -5.69 13.20 24.72
C ILE B 300 -6.13 14.59 25.17
N LEU B 301 -6.01 14.85 26.48
CA LEU B 301 -6.35 16.15 27.06
C LEU B 301 -5.06 16.83 27.53
N LEU B 302 -4.95 18.12 27.24
CA LEU B 302 -3.80 18.91 27.66
C LEU B 302 -4.13 19.83 28.82
N SER B 303 -5.11 20.73 28.64
CA SER B 303 -5.59 21.57 29.73
C SER B 303 -7.06 21.22 29.96
N PRO B 304 -7.67 21.67 31.06
CA PRO B 304 -9.11 21.40 31.26
C PRO B 304 -10.00 21.99 30.17
N THR B 305 -9.48 22.87 29.30
CA THR B 305 -10.28 23.45 28.23
C THR B 305 -9.63 23.24 26.87
N PHE B 306 -8.74 22.27 26.74
CA PHE B 306 -8.01 22.02 25.49
C PHE B 306 -7.85 20.52 25.31
N VAL B 307 -8.56 19.95 24.34
CA VAL B 307 -8.61 18.50 24.15
C VAL B 307 -8.54 18.20 22.66
N LYS B 308 -8.12 16.97 22.36
CA LYS B 308 -8.05 16.46 20.99
C LYS B 308 -8.84 15.17 20.90
N LEU B 309 -9.78 15.10 19.97
CA LEU B 309 -10.70 13.98 19.84
C LEU B 309 -10.50 13.27 18.51
N ILE B 310 -10.72 11.96 18.52
CA ILE B 310 -10.50 11.09 17.36
C ILE B 310 -11.80 10.39 17.03
N SER B 311 -12.15 10.36 15.75
CA SER B 311 -13.40 9.72 15.31
C SER B 311 -13.19 9.10 13.94
N TRP B 312 -13.58 7.84 13.80
CA TRP B 312 -13.45 7.10 12.54
C TRP B 312 -14.74 7.20 11.72
N TYR B 313 -14.64 6.80 10.45
CA TYR B 313 -15.80 6.65 9.59
C TYR B 313 -15.38 5.92 8.32
N ASP B 314 -16.26 5.05 7.83
CA ASP B 314 -15.97 4.19 6.67
C ASP B 314 -16.37 4.91 5.37
N ASN B 315 -15.75 6.07 5.17
CA ASN B 315 -15.94 6.89 3.98
C ASN B 315 -17.41 7.07 3.61
N GLU B 316 -17.86 6.38 2.57
CA GLU B 316 -19.18 6.60 2.00
C GLU B 316 -20.20 5.55 2.40
N TYR B 317 -19.81 4.54 3.19
CA TYR B 317 -20.76 3.51 3.58
CA TYR B 317 -20.76 3.50 3.57
C TYR B 317 -21.78 4.05 4.57
N GLY B 318 -21.31 4.49 5.74
CA GLY B 318 -22.23 5.06 6.72
C GLY B 318 -22.90 6.32 6.24
N TYR B 319 -22.24 7.07 5.35
CA TYR B 319 -22.85 8.25 4.76
C TYR B 319 -24.04 7.88 3.89
N SER B 320 -23.92 6.79 3.12
CA SER B 320 -25.03 6.37 2.25
C SER B 320 -26.21 5.87 3.07
N THR B 321 -25.93 5.15 4.17
CA THR B 321 -27.00 4.79 5.09
C THR B 321 -27.67 6.04 5.65
N ARG B 322 -26.89 7.09 5.88
CA ARG B 322 -27.45 8.34 6.36
C ARG B 322 -28.33 9.01 5.31
N VAL B 323 -27.96 8.88 4.03
CA VAL B 323 -28.81 9.41 2.96
C VAL B 323 -30.17 8.73 2.97
N VAL B 324 -30.18 7.41 3.13
CA VAL B 324 -31.45 6.68 3.23
C VAL B 324 -32.21 7.09 4.48
N ASP B 325 -31.48 7.35 5.58
CA ASP B 325 -32.13 7.83 6.80
C ASP B 325 -32.79 9.18 6.58
N LEU B 326 -32.08 10.11 5.94
CA LEU B 326 -32.66 11.42 5.64
C LEU B 326 -33.83 11.30 4.68
N LEU B 327 -33.76 10.34 3.75
CA LEU B 327 -34.85 10.14 2.80
C LEU B 327 -36.14 9.73 3.51
N GLU B 328 -36.03 8.82 4.48
CA GLU B 328 -37.22 8.37 5.20
C GLU B 328 -37.76 9.43 6.14
N HIS B 329 -36.88 10.30 6.67
CA HIS B 329 -37.35 11.39 7.52
C HIS B 329 -38.10 12.44 6.71
N VAL B 330 -37.61 12.75 5.51
CA VAL B 330 -38.29 13.72 4.66
C VAL B 330 -39.67 13.19 4.26
N ALA B 331 -39.75 11.92 3.88
CA ALA B 331 -41.05 11.32 3.58
C ALA B 331 -41.94 11.27 4.81
N LYS B 332 -41.34 11.08 5.99
CA LYS B 332 -42.11 11.13 7.23
C LYS B 332 -42.72 12.51 7.45
N ALA B 333 -41.99 13.56 7.06
CA ALA B 333 -42.45 14.93 7.24
C ALA B 333 -43.27 15.43 6.05
N SER B 334 -42.99 14.93 4.85
CA SER B 334 -43.71 15.41 3.67
C SER B 334 -45.19 15.07 3.75
N ALA B 335 -45.52 13.89 4.29
CA ALA B 335 -46.91 13.48 4.42
C ALA B 335 -47.34 13.52 5.88
N MET C 1 26.34 19.10 -35.00
CA MET C 1 27.19 18.81 -33.85
C MET C 1 26.36 18.52 -32.61
N ALA C 2 25.07 18.89 -32.67
CA ALA C 2 24.14 18.66 -31.56
C ALA C 2 22.79 18.28 -32.14
N ILE C 3 22.19 17.24 -31.58
CA ILE C 3 20.89 16.74 -32.05
C ILE C 3 19.81 17.66 -31.47
N LYS C 4 19.34 18.62 -32.27
CA LYS C 4 18.27 19.52 -31.85
C LYS C 4 16.95 18.75 -31.89
N ILE C 5 16.41 18.42 -30.73
CA ILE C 5 15.23 17.56 -30.66
C ILE C 5 14.07 18.30 -30.01
N GLY C 6 12.94 17.61 -29.88
CA GLY C 6 11.77 18.17 -29.22
C GLY C 6 10.88 17.06 -28.72
N ILE C 7 10.11 17.36 -27.68
CA ILE C 7 9.25 16.38 -27.04
C ILE C 7 7.81 16.88 -27.09
N ASN C 8 6.92 16.05 -27.65
CA ASN C 8 5.49 16.32 -27.66
C ASN C 8 4.85 15.54 -26.53
N GLY C 9 4.28 16.26 -25.56
CA GLY C 9 3.74 15.62 -24.38
C GLY C 9 4.73 15.61 -23.24
N PHE C 10 4.33 16.14 -22.08
CA PHE C 10 5.21 16.29 -20.93
C PHE C 10 4.78 15.38 -19.79
N GLY C 11 4.38 14.15 -20.11
CA GLY C 11 3.94 13.19 -19.12
C GLY C 11 5.10 12.52 -18.42
N ARG C 12 4.79 11.37 -17.81
CA ARG C 12 5.81 10.63 -17.07
C ARG C 12 6.92 10.15 -18.01
N ILE C 13 6.56 9.77 -19.23
CA ILE C 13 7.56 9.32 -20.19
C ILE C 13 8.35 10.51 -20.74
N GLY C 14 7.65 11.59 -21.10
CA GLY C 14 8.31 12.73 -21.69
C GLY C 14 9.22 13.47 -20.72
N ARG C 15 8.87 13.51 -19.44
CA ARG C 15 9.70 14.20 -18.47
C ARG C 15 10.97 13.42 -18.16
N LEU C 16 10.92 12.08 -18.22
CA LEU C 16 12.11 11.28 -18.02
C LEU C 16 13.03 11.31 -19.24
N VAL C 17 12.47 11.36 -20.44
CA VAL C 17 13.30 11.49 -21.64
C VAL C 17 14.02 12.83 -21.64
N LEU C 18 13.33 13.90 -21.23
CA LEU C 18 13.97 15.20 -21.12
C LEU C 18 15.09 15.18 -20.08
N ARG C 19 14.93 14.38 -19.01
CA ARG C 19 15.96 14.30 -17.99
C ARG C 19 17.21 13.60 -18.52
N VAL C 20 17.05 12.57 -19.33
CA VAL C 20 18.20 11.83 -19.84
C VAL C 20 18.88 12.58 -20.98
N ALA C 21 18.10 13.30 -21.80
CA ALA C 21 18.69 14.00 -22.94
C ALA C 21 19.61 15.14 -22.49
N LEU C 22 19.39 15.69 -21.29
CA LEU C 22 20.26 16.75 -20.81
C LEU C 22 21.64 16.23 -20.45
N GLY C 23 21.71 15.04 -19.85
CA GLY C 23 22.99 14.46 -19.52
C GLY C 23 23.82 14.15 -20.76
N ARG C 24 23.17 13.69 -21.82
CA ARG C 24 23.86 13.45 -23.08
C ARG C 24 24.25 14.77 -23.72
N LYS C 25 25.53 14.90 -24.06
CA LYS C 25 26.01 16.14 -24.66
C LYS C 25 25.57 16.29 -26.12
N ASP C 26 25.47 15.18 -26.85
CA ASP C 26 25.11 15.21 -28.26
C ASP C 26 23.63 15.43 -28.50
N ILE C 27 22.82 15.53 -27.45
CA ILE C 27 21.37 15.71 -27.58
C ILE C 27 20.99 17.01 -26.90
N GLU C 28 20.35 17.91 -27.64
CA GLU C 28 19.91 19.20 -27.14
C GLU C 28 18.41 19.34 -27.35
N VAL C 29 17.70 19.69 -26.28
CA VAL C 29 16.26 19.93 -26.33
C VAL C 29 16.02 21.42 -26.43
N VAL C 30 15.04 21.83 -27.24
CA VAL C 30 14.78 23.23 -27.48
C VAL C 30 13.32 23.56 -27.25
N ALA C 31 12.44 22.58 -27.44
CA ALA C 31 11.00 22.81 -27.37
C ALA C 31 10.30 21.64 -26.70
N VAL C 32 9.19 21.95 -26.03
CA VAL C 32 8.32 20.96 -25.40
C VAL C 32 6.88 21.39 -25.61
N ASN C 33 6.07 20.51 -26.18
CA ASN C 33 4.69 20.81 -26.51
C ASN C 33 3.76 20.01 -25.60
N ASP C 34 2.88 20.71 -24.89
CA ASP C 34 1.86 20.09 -24.06
C ASP C 34 0.67 21.04 -23.95
N PRO C 35 -0.50 20.63 -24.45
CA PRO C 35 -1.65 21.56 -24.50
C PRO C 35 -2.24 21.87 -23.14
N PHE C 36 -2.48 20.85 -22.32
CA PHE C 36 -3.26 21.01 -21.10
C PHE C 36 -2.47 21.60 -19.94
N ILE C 37 -1.14 21.64 -20.01
CA ILE C 37 -0.33 22.13 -18.91
C ILE C 37 0.25 23.49 -19.28
N ALA C 38 0.76 24.19 -18.28
CA ALA C 38 1.37 25.51 -18.41
C ALA C 38 2.86 25.45 -18.10
N PRO C 39 3.63 26.45 -18.53
CA PRO C 39 5.08 26.42 -18.24
C PRO C 39 5.41 26.31 -16.76
N ASP C 40 4.72 27.05 -15.89
CA ASP C 40 4.98 26.94 -14.46
C ASP C 40 4.58 25.58 -13.92
N TYR C 41 3.51 24.99 -14.47
CA TYR C 41 3.12 23.65 -14.07
C TYR C 41 4.13 22.60 -14.56
N ALA C 42 4.83 22.90 -15.66
CA ALA C 42 5.82 21.97 -16.18
C ALA C 42 7.08 21.97 -15.34
N ALA C 43 7.49 23.15 -14.84
CA ALA C 43 8.65 23.22 -13.96
C ALA C 43 8.39 22.53 -12.64
N TYR C 44 7.13 22.52 -12.19
CA TYR C 44 6.80 21.79 -10.96
C TYR C 44 6.86 20.28 -11.16
N MET C 45 6.38 19.81 -12.32
CA MET C 45 6.39 18.37 -12.58
C MET C 45 7.79 17.84 -12.84
N PHE C 46 8.66 18.67 -13.42
CA PHE C 46 10.02 18.21 -13.69
C PHE C 46 10.83 18.12 -12.40
N LYS C 47 10.64 19.08 -11.48
CA LYS C 47 11.44 19.12 -10.27
C LYS C 47 10.97 18.08 -9.25
N TYR C 48 9.67 17.94 -9.06
CA TYR C 48 9.13 17.08 -8.01
C TYR C 48 8.47 15.82 -8.54
N ASP C 49 7.64 15.92 -9.57
CA ASP C 49 6.90 14.75 -10.06
C ASP C 49 7.80 13.69 -10.67
N SER C 50 9.11 13.93 -10.80
CA SER C 50 10.02 12.87 -11.16
C SER C 50 10.18 11.93 -9.97
N THR C 51 9.36 10.89 -9.91
CA THR C 51 9.20 10.06 -8.72
C THR C 51 10.44 9.18 -8.53
N HIS C 52 11.49 9.81 -8.00
CA HIS C 52 12.70 9.10 -7.59
C HIS C 52 13.21 9.71 -6.30
N GLY C 53 13.86 10.87 -6.43
CA GLY C 53 14.22 11.68 -5.28
C GLY C 53 13.80 13.11 -5.51
N ARG C 54 14.63 13.86 -6.23
CA ARG C 54 14.35 15.22 -6.66
C ARG C 54 15.45 15.66 -7.60
N TYR C 55 15.07 16.39 -8.65
CA TYR C 55 16.06 16.87 -9.62
C TYR C 55 16.97 17.89 -8.96
N LYS C 56 18.21 17.49 -8.69
CA LYS C 56 19.20 18.37 -8.06
C LYS C 56 19.69 19.38 -9.09
N GLY C 57 18.91 20.44 -9.26
CA GLY C 57 19.23 21.48 -10.21
C GLY C 57 18.16 22.55 -10.28
N GLU C 58 18.56 23.78 -10.62
CA GLU C 58 17.61 24.88 -10.69
C GLU C 58 16.62 24.67 -11.83
N VAL C 59 15.33 24.72 -11.49
CA VAL C 59 14.25 24.53 -12.46
C VAL C 59 13.35 25.75 -12.35
N THR C 60 13.55 26.74 -13.21
CA THR C 60 12.75 27.96 -13.24
C THR C 60 11.86 27.98 -14.47
N ALA C 61 10.74 28.70 -14.35
CA ALA C 61 9.78 28.83 -15.43
C ALA C 61 9.65 30.31 -15.77
N SER C 62 10.07 30.68 -16.97
CA SER C 62 9.98 32.06 -17.44
C SER C 62 8.56 32.33 -17.93
N GLY C 63 8.38 33.46 -18.62
CA GLY C 63 7.05 33.80 -19.12
C GLY C 63 6.48 32.76 -20.06
N ASP C 64 7.31 32.28 -21.00
CA ASP C 64 6.87 31.24 -21.92
C ASP C 64 7.91 30.15 -22.14
N ASP C 65 9.00 30.15 -21.37
CA ASP C 65 10.07 29.18 -21.53
C ASP C 65 10.26 28.39 -20.23
N LEU C 66 11.08 27.34 -20.32
CA LEU C 66 11.40 26.48 -19.19
C LEU C 66 12.91 26.49 -19.00
N VAL C 67 13.36 27.00 -17.85
CA VAL C 67 14.78 27.14 -17.55
C VAL C 67 15.20 25.98 -16.64
N ILE C 68 16.10 25.14 -17.14
CA ILE C 68 16.64 24.02 -16.39
C ILE C 68 18.16 24.10 -16.49
N ASP C 69 18.82 24.43 -15.37
CA ASP C 69 20.28 24.58 -15.31
C ASP C 69 20.78 25.61 -16.31
N GLY C 70 19.98 26.63 -16.59
CA GLY C 70 20.36 27.67 -17.53
C GLY C 70 20.07 27.36 -18.97
N HIS C 71 19.25 26.36 -19.26
CA HIS C 71 18.89 25.98 -20.62
C HIS C 71 17.43 26.34 -20.87
N LYS C 72 17.19 27.18 -21.88
CA LYS C 72 15.84 27.64 -22.17
C LYS C 72 15.10 26.61 -23.00
N ILE C 73 13.88 26.28 -22.59
CA ILE C 73 13.03 25.29 -23.28
C ILE C 73 11.72 25.97 -23.61
N LYS C 74 11.49 26.22 -24.91
CA LYS C 74 10.26 26.87 -25.34
C LYS C 74 9.07 25.92 -25.17
N VAL C 75 8.10 26.33 -24.36
CA VAL C 75 6.92 25.51 -24.08
C VAL C 75 5.78 25.98 -24.97
N PHE C 76 5.16 25.03 -25.66
CA PHE C 76 4.03 25.31 -26.55
C PHE C 76 2.80 24.55 -26.09
N GLN C 77 1.63 25.18 -26.26
CA GLN C 77 0.35 24.58 -25.89
C GLN C 77 -0.51 24.31 -27.12
N GLU C 78 0.09 23.75 -28.17
CA GLU C 78 -0.65 23.41 -29.38
C GLU C 78 -1.35 22.08 -29.19
N ARG C 79 -2.68 22.09 -29.37
CA ARG C 79 -3.47 20.87 -29.20
C ARG C 79 -3.36 19.94 -30.40
N ASP C 80 -2.87 20.43 -31.54
CA ASP C 80 -2.72 19.63 -32.74
C ASP C 80 -1.24 19.54 -33.12
N PRO C 81 -0.72 18.34 -33.40
CA PRO C 81 0.68 18.22 -33.80
C PRO C 81 0.99 18.86 -35.15
N ALA C 82 -0.01 19.24 -35.92
CA ALA C 82 0.20 19.90 -37.20
C ALA C 82 0.40 21.40 -37.06
N ASN C 83 0.43 21.93 -35.84
CA ASN C 83 0.59 23.36 -35.62
C ASN C 83 1.79 23.71 -34.77
N ILE C 84 2.46 22.75 -34.14
CA ILE C 84 3.64 23.01 -33.33
C ILE C 84 4.80 23.36 -34.25
N PRO C 85 5.39 24.56 -34.13
CA PRO C 85 6.47 24.96 -35.04
C PRO C 85 7.78 24.24 -34.77
N TRP C 86 8.01 23.11 -35.44
CA TRP C 86 9.29 22.43 -35.32
C TRP C 86 10.34 23.04 -36.24
N GLY C 87 9.93 23.52 -37.41
CA GLY C 87 10.88 24.08 -38.35
C GLY C 87 11.37 25.46 -37.94
N LYS C 88 10.48 26.28 -37.39
CA LYS C 88 10.89 27.60 -36.92
C LYS C 88 11.81 27.51 -35.70
N SER C 89 11.70 26.43 -34.93
CA SER C 89 12.55 26.21 -33.78
C SER C 89 13.78 25.38 -34.10
N GLY C 90 13.88 24.84 -35.32
CA GLY C 90 15.04 24.06 -35.69
C GLY C 90 15.14 22.69 -35.05
N VAL C 91 14.03 22.17 -34.54
CA VAL C 91 14.01 20.85 -33.90
C VAL C 91 13.84 19.81 -35.00
N ASP C 92 14.94 19.13 -35.35
CA ASP C 92 14.88 18.12 -36.40
C ASP C 92 14.22 16.84 -35.92
N TYR C 93 14.33 16.52 -34.63
CA TYR C 93 13.76 15.30 -34.08
C TYR C 93 12.64 15.62 -33.11
N VAL C 94 11.62 14.76 -33.09
CA VAL C 94 10.46 14.93 -32.23
C VAL C 94 10.23 13.63 -31.48
N ILE C 95 10.08 13.73 -30.16
CA ILE C 95 9.79 12.59 -29.30
C ILE C 95 8.28 12.60 -29.01
N GLU C 96 7.58 11.60 -29.53
CA GLU C 96 6.12 11.50 -29.35
C GLU C 96 5.84 10.70 -28.09
N SER C 97 5.56 11.40 -26.99
CA SER C 97 5.27 10.76 -25.71
C SER C 97 3.82 10.95 -25.28
N THR C 98 2.97 11.49 -26.16
CA THR C 98 1.58 11.71 -25.79
C THR C 98 0.81 10.39 -25.68
N GLY C 99 1.23 9.37 -26.43
CA GLY C 99 0.50 8.12 -26.47
C GLY C 99 -0.81 8.17 -27.22
N VAL C 100 -1.16 9.30 -27.83
CA VAL C 100 -2.39 9.43 -28.58
C VAL C 100 -2.14 9.35 -30.08
N PHE C 101 -1.01 9.88 -30.52
CA PHE C 101 -0.63 9.84 -31.94
C PHE C 101 0.45 8.77 -32.18
N THR C 102 0.06 7.51 -31.94
CA THR C 102 0.95 6.37 -32.08
C THR C 102 0.82 5.69 -33.43
N LYS C 103 0.38 6.42 -34.45
CA LYS C 103 0.23 5.88 -35.80
C LYS C 103 0.90 6.82 -36.79
N LEU C 104 1.16 6.29 -37.98
CA LEU C 104 1.78 7.10 -39.03
C LEU C 104 0.88 8.24 -39.48
N GLU C 105 -0.45 8.08 -39.31
CA GLU C 105 -1.37 9.14 -39.69
C GLU C 105 -1.23 10.35 -38.77
N GLY C 106 -0.81 10.14 -37.53
CA GLY C 106 -0.62 11.23 -36.59
C GLY C 106 0.83 11.62 -36.44
N ALA C 107 1.74 10.65 -36.58
CA ALA C 107 3.15 10.95 -36.44
C ALA C 107 3.67 11.77 -37.61
N GLN C 108 3.05 11.64 -38.78
CA GLN C 108 3.45 12.46 -39.93
C GLN C 108 3.13 13.93 -39.73
N LYS C 109 2.23 14.26 -38.81
CA LYS C 109 1.94 15.66 -38.53
C LYS C 109 3.16 16.38 -37.96
N HIS C 110 4.07 15.63 -37.31
CA HIS C 110 5.31 16.23 -36.86
C HIS C 110 6.30 16.42 -38.01
N ILE C 111 6.24 15.55 -39.02
CA ILE C 111 7.19 15.63 -40.13
C ILE C 111 6.89 16.84 -41.00
N ASP C 112 5.64 16.95 -41.45
CA ASP C 112 5.28 18.09 -42.31
C ASP C 112 5.19 19.41 -41.54
N ALA C 113 5.61 19.45 -40.29
CA ALA C 113 5.65 20.68 -39.50
C ALA C 113 7.06 21.23 -39.33
N GLY C 114 8.00 20.79 -40.18
CA GLY C 114 9.36 21.27 -40.17
C GLY C 114 10.37 20.29 -39.64
N ALA C 115 9.94 19.24 -38.95
CA ALA C 115 10.85 18.25 -38.39
C ALA C 115 11.09 17.11 -39.36
N LYS C 116 12.25 16.47 -39.20
CA LYS C 116 12.63 15.36 -40.08
C LYS C 116 12.02 14.06 -39.60
N LYS C 117 12.63 13.42 -38.62
CA LYS C 117 12.21 12.12 -38.13
C LYS C 117 11.62 12.23 -36.73
N VAL C 118 10.54 11.52 -36.50
CA VAL C 118 9.84 11.50 -35.21
C VAL C 118 9.78 10.06 -34.72
N ILE C 119 10.15 9.86 -33.46
CA ILE C 119 10.16 8.55 -32.84
C ILE C 119 9.07 8.52 -31.77
N ILE C 120 8.16 7.54 -31.88
CA ILE C 120 7.04 7.41 -30.96
C ILE C 120 7.46 6.50 -29.81
N THR C 121 7.32 7.00 -28.58
CA THR C 121 7.69 6.25 -27.38
C THR C 121 6.54 5.39 -26.88
N ALA C 122 5.97 4.59 -27.78
CA ALA C 122 4.85 3.70 -27.47
C ALA C 122 4.73 2.68 -28.59
N PRO C 123 4.20 1.49 -28.30
CA PRO C 123 4.02 0.50 -29.37
C PRO C 123 3.10 1.03 -30.46
N SER C 124 3.44 0.71 -31.70
CA SER C 124 2.71 1.22 -32.86
C SER C 124 2.48 0.08 -33.84
N ALA C 125 1.21 -0.28 -34.05
CA ALA C 125 0.87 -1.22 -35.10
C ALA C 125 1.02 -0.61 -36.49
N ASP C 126 1.26 0.69 -36.58
CA ASP C 126 1.44 1.39 -37.85
C ASP C 126 2.90 1.66 -38.18
N ALA C 127 3.73 1.98 -37.17
CA ALA C 127 5.14 2.31 -37.34
C ALA C 127 6.02 1.11 -36.98
N PRO C 128 7.19 0.99 -37.62
CA PRO C 128 8.09 -0.10 -37.27
C PRO C 128 8.71 0.09 -35.89
N MET C 129 8.75 -0.99 -35.12
CA MET C 129 9.27 -0.94 -33.76
C MET C 129 10.73 -1.32 -33.71
N PHE C 130 11.42 -0.82 -32.69
CA PHE C 130 12.84 -1.09 -32.49
C PHE C 130 13.14 -1.15 -31.01
N VAL C 131 14.04 -2.05 -30.63
CA VAL C 131 14.50 -2.19 -29.26
C VAL C 131 16.02 -2.15 -29.26
N VAL C 132 16.60 -1.24 -28.48
CA VAL C 132 18.05 -1.10 -28.42
C VAL C 132 18.64 -2.37 -27.82
N GLY C 133 19.53 -3.02 -28.57
CA GLY C 133 20.13 -4.27 -28.17
C GLY C 133 19.66 -5.47 -28.95
N VAL C 134 18.57 -5.36 -29.71
CA VAL C 134 18.04 -6.47 -30.48
C VAL C 134 18.05 -6.13 -31.96
N ASN C 135 16.95 -5.54 -32.45
CA ASN C 135 16.80 -5.20 -33.85
C ASN C 135 17.21 -3.76 -34.16
N GLU C 136 17.97 -3.13 -33.26
CA GLU C 136 18.36 -1.74 -33.49
C GLU C 136 19.33 -1.60 -34.66
N ASP C 137 20.09 -2.66 -34.96
CA ASP C 137 21.06 -2.59 -36.04
C ASP C 137 20.39 -2.59 -37.42
N LYS C 138 19.17 -3.12 -37.53
CA LYS C 138 18.46 -3.18 -38.79
C LYS C 138 17.76 -1.87 -39.15
N TYR C 139 18.14 -0.76 -38.53
CA TYR C 139 17.56 0.53 -38.86
C TYR C 139 18.11 1.05 -40.19
N THR C 140 17.24 1.70 -40.96
CA THR C 140 17.62 2.27 -42.23
C THR C 140 17.31 3.76 -42.25
N PRO C 141 18.19 4.59 -42.83
CA PRO C 141 18.00 6.04 -42.74
C PRO C 141 16.74 6.56 -43.44
N ASP C 142 16.26 5.87 -44.48
CA ASP C 142 15.07 6.34 -45.18
C ASP C 142 13.83 6.25 -44.31
N LEU C 143 13.82 5.35 -43.33
CA LEU C 143 12.71 5.25 -42.39
C LEU C 143 12.68 6.49 -41.52
N LYS C 144 11.54 7.20 -41.52
CA LYS C 144 11.43 8.47 -40.80
C LYS C 144 10.62 8.39 -39.52
N ILE C 145 9.81 7.35 -39.34
CA ILE C 145 9.00 7.18 -38.14
C ILE C 145 9.25 5.79 -37.59
N ILE C 146 9.81 5.71 -36.38
CA ILE C 146 10.11 4.45 -35.72
C ILE C 146 9.49 4.45 -34.34
N SER C 147 9.26 3.25 -33.82
CA SER C 147 8.67 3.04 -32.50
C SER C 147 9.68 2.37 -31.59
N ASN C 148 9.68 2.78 -30.31
CA ASN C 148 10.58 2.23 -29.31
C ASN C 148 9.88 1.21 -28.41
N ALA C 149 8.72 0.70 -28.83
CA ALA C 149 7.96 -0.29 -28.06
C ALA C 149 7.59 0.24 -26.68
N SER C 150 7.24 -0.68 -25.78
CA SER C 150 6.88 -0.31 -24.41
C SER C 150 8.00 -0.69 -23.45
N THR C 152 7.85 -2.81 -21.01
CA THR C 152 7.82 -4.24 -20.76
C THR C 152 8.53 -4.98 -21.89
N THR C 153 8.27 -4.55 -23.12
CA THR C 153 8.92 -5.16 -24.28
C THR C 153 10.43 -4.96 -24.22
N ASN C 154 10.89 -3.79 -23.79
CA ASN C 154 12.31 -3.53 -23.65
C ASN C 154 12.95 -4.36 -22.54
N CYS C 155 12.16 -5.07 -21.73
CA CYS C 155 12.68 -5.99 -20.73
C CYS C 155 12.65 -7.44 -21.18
N LEU C 156 11.63 -7.83 -21.95
CA LEU C 156 11.53 -9.21 -22.41
C LEU C 156 12.45 -9.46 -23.61
N ALA C 157 12.57 -8.49 -24.51
CA ALA C 157 13.32 -8.71 -25.75
C ALA C 157 14.80 -8.94 -25.50
N PRO C 158 15.50 -8.15 -24.68
CA PRO C 158 16.92 -8.48 -24.42
C PRO C 158 17.12 -9.82 -23.76
N LEU C 159 16.23 -10.21 -22.85
CA LEU C 159 16.33 -11.52 -22.22
C LEU C 159 16.02 -12.63 -23.21
N ALA C 160 14.89 -12.54 -23.91
CA ALA C 160 14.49 -13.57 -24.87
C ALA C 160 15.43 -13.67 -26.05
N LYS C 161 16.32 -12.69 -26.26
CA LYS C 161 17.27 -12.76 -27.35
C LYS C 161 18.40 -13.75 -27.05
N VAL C 162 19.07 -13.57 -25.92
CA VAL C 162 20.21 -14.43 -25.59
C VAL C 162 19.77 -15.85 -25.31
N VAL C 163 18.52 -16.04 -24.85
CA VAL C 163 18.02 -17.38 -24.63
C VAL C 163 17.75 -18.07 -25.95
N ASN C 164 17.21 -17.33 -26.93
CA ASN C 164 16.93 -17.90 -28.24
C ASN C 164 18.18 -18.05 -29.08
N ASP C 165 19.16 -17.15 -28.92
CA ASP C 165 20.39 -17.24 -29.71
C ASP C 165 21.27 -18.39 -29.26
N THR C 166 21.18 -18.79 -27.99
CA THR C 166 22.04 -19.83 -27.44
C THR C 166 21.34 -21.18 -27.34
N PHE C 167 20.09 -21.20 -26.85
CA PHE C 167 19.36 -22.45 -26.66
C PHE C 167 18.13 -22.57 -27.55
N GLY C 168 17.68 -21.48 -28.17
CA GLY C 168 16.52 -21.53 -29.04
C GLY C 168 15.22 -21.63 -28.27
N ILE C 169 14.33 -20.66 -28.49
CA ILE C 169 13.04 -20.62 -27.80
C ILE C 169 12.01 -21.35 -28.63
N GLU C 170 11.42 -22.39 -28.06
CA GLU C 170 10.32 -23.11 -28.71
C GLU C 170 8.99 -22.42 -28.44
N GLU C 171 8.59 -22.37 -27.17
CA GLU C 171 7.41 -21.66 -26.74
C GLU C 171 7.78 -20.76 -25.57
N GLY C 172 6.83 -19.92 -25.15
CA GLY C 172 7.10 -19.02 -24.04
C GLY C 172 5.88 -18.30 -23.51
N LEU C 173 5.46 -18.66 -22.29
CA LEU C 173 4.35 -18.00 -21.62
C LEU C 173 4.90 -17.00 -20.61
N MET C 174 4.39 -15.77 -20.67
CA MET C 174 4.94 -14.65 -19.92
C MET C 174 3.95 -14.16 -18.88
N THR C 175 4.46 -13.74 -17.73
CA THR C 175 3.68 -13.03 -16.73
C THR C 175 4.51 -11.86 -16.23
N THR C 176 3.98 -10.65 -16.38
CA THR C 176 4.67 -9.43 -15.98
C THR C 176 3.93 -8.81 -14.81
N VAL C 177 4.55 -8.83 -13.63
CA VAL C 177 4.01 -8.18 -12.45
C VAL C 177 4.40 -6.71 -12.51
N HIS C 178 3.43 -5.84 -12.79
CA HIS C 178 3.69 -4.42 -13.01
C HIS C 178 3.16 -3.60 -11.85
N SER C 179 3.90 -2.56 -11.50
CA SER C 179 3.50 -1.63 -10.44
C SER C 179 2.72 -0.48 -11.06
N ILE C 180 2.54 0.61 -10.32
CA ILE C 180 1.76 1.75 -10.81
C ILE C 180 2.55 2.49 -11.87
N THR C 181 1.97 2.63 -13.06
CA THR C 181 2.60 3.36 -14.15
C THR C 181 1.82 4.62 -14.48
N ALA C 182 1.08 4.60 -15.59
CA ALA C 182 0.28 5.75 -15.98
C ALA C 182 -0.83 5.29 -16.93
N THR C 183 -1.91 6.06 -16.96
CA THR C 183 -3.05 5.76 -17.81
C THR C 183 -2.82 6.26 -19.24
N SER C 191 -15.69 4.51 -23.15
CA SER C 191 -14.52 3.90 -22.52
C SER C 191 -14.92 2.68 -21.68
N HIS C 192 -14.94 1.51 -22.32
CA HIS C 192 -15.29 0.27 -21.64
C HIS C 192 -14.47 -0.91 -22.16
N LYS C 193 -13.22 -0.65 -22.54
CA LYS C 193 -12.35 -1.69 -23.09
C LYS C 193 -11.51 -2.38 -22.02
N ASP C 194 -11.76 -2.09 -20.74
CA ASP C 194 -10.97 -2.70 -19.67
C ASP C 194 -11.77 -2.54 -18.36
N TRP C 195 -12.65 -3.51 -18.10
CA TRP C 195 -13.45 -3.47 -16.88
C TRP C 195 -12.58 -3.59 -15.64
N ARG C 196 -11.60 -4.49 -15.65
CA ARG C 196 -10.70 -4.63 -14.52
C ARG C 196 -9.89 -3.35 -14.29
N GLY C 197 -9.53 -2.65 -15.36
CA GLY C 197 -8.81 -1.40 -15.21
C GLY C 197 -9.58 -0.30 -14.52
N GLY C 198 -10.91 -0.36 -14.58
CA GLY C 198 -11.74 0.62 -13.91
C GLY C 198 -11.95 0.33 -12.45
N ARG C 199 -11.07 -0.47 -11.86
CA ARG C 199 -11.13 -0.81 -10.45
C ARG C 199 -10.01 -0.10 -9.69
N THR C 200 -10.20 0.00 -8.37
CA THR C 200 -9.23 0.67 -7.53
C THR C 200 -7.90 -0.07 -7.55
N ALA C 201 -6.81 0.66 -7.81
CA ALA C 201 -5.48 0.06 -7.83
C ALA C 201 -4.95 -0.18 -6.43
N SER C 202 -5.39 0.59 -5.44
CA SER C 202 -4.87 0.47 -4.09
C SER C 202 -5.36 -0.82 -3.43
N GLY C 203 -4.43 -1.58 -2.86
CA GLY C 203 -4.77 -2.81 -2.16
C GLY C 203 -5.46 -3.84 -3.02
N ASN C 204 -5.17 -3.86 -4.31
CA ASN C 204 -5.82 -4.77 -5.24
C ASN C 204 -4.82 -5.34 -6.23
N ILE C 205 -4.94 -6.63 -6.50
CA ILE C 205 -4.20 -7.28 -7.57
C ILE C 205 -5.11 -7.30 -8.79
N ILE C 206 -4.71 -6.60 -9.85
CA ILE C 206 -5.56 -6.45 -11.03
C ILE C 206 -4.89 -7.13 -12.21
N PRO C 207 -5.43 -8.25 -12.70
CA PRO C 207 -4.87 -8.85 -13.92
C PRO C 207 -5.25 -8.06 -15.16
N SER C 208 -4.32 -7.99 -16.10
CA SER C 208 -4.55 -7.25 -17.34
C SER C 208 -3.72 -7.90 -18.44
N SER C 209 -4.12 -7.64 -19.68
CA SER C 209 -3.39 -8.13 -20.83
C SER C 209 -2.31 -7.15 -21.24
N THR C 210 -1.39 -7.62 -22.07
CA THR C 210 -0.33 -6.78 -22.62
C THR C 210 0.19 -7.42 -23.89
N GLY C 211 0.48 -6.58 -24.89
CA GLY C 211 0.97 -7.08 -26.15
C GLY C 211 2.48 -7.10 -26.22
N ALA C 212 3.14 -7.07 -25.06
CA ALA C 212 4.60 -7.01 -25.03
C ALA C 212 5.21 -8.28 -25.63
N ALA C 213 4.68 -9.45 -25.26
CA ALA C 213 5.23 -10.69 -25.78
C ALA C 213 4.99 -10.83 -27.28
N LYS C 214 3.79 -10.45 -27.75
CA LYS C 214 3.55 -10.43 -29.19
C LYS C 214 4.40 -9.38 -29.88
N ALA C 215 4.71 -8.28 -29.18
CA ALA C 215 5.57 -7.26 -29.76
C ALA C 215 7.00 -7.76 -29.93
N VAL C 216 7.45 -8.66 -29.05
CA VAL C 216 8.78 -9.24 -29.20
C VAL C 216 8.87 -10.03 -30.50
N GLY C 217 7.77 -10.68 -30.89
CA GLY C 217 7.73 -11.37 -32.17
C GLY C 217 7.92 -10.45 -33.36
N LYS C 218 7.73 -9.14 -33.17
CA LYS C 218 8.00 -8.17 -34.23
C LYS C 218 9.45 -7.71 -34.22
N VAL C 219 10.02 -7.45 -33.04
CA VAL C 219 11.43 -7.08 -32.97
C VAL C 219 12.34 -8.29 -33.14
N ILE C 220 11.84 -9.48 -32.81
CA ILE C 220 12.56 -10.73 -33.07
C ILE C 220 11.70 -11.56 -34.02
N PRO C 221 11.92 -11.47 -35.34
CA PRO C 221 11.03 -12.17 -36.28
C PRO C 221 10.99 -13.68 -36.09
N GLU C 222 12.03 -14.27 -35.50
CA GLU C 222 12.00 -15.71 -35.24
C GLU C 222 10.96 -16.06 -34.17
N LEU C 223 10.84 -15.22 -33.14
CA LEU C 223 9.93 -15.48 -32.03
C LEU C 223 8.48 -15.17 -32.35
N ASN C 224 8.17 -14.75 -33.58
CA ASN C 224 6.79 -14.39 -33.94
C ASN C 224 5.87 -15.60 -33.86
N GLY C 225 4.98 -15.61 -32.88
CA GLY C 225 4.07 -16.71 -32.68
C GLY C 225 4.45 -17.68 -31.58
N LYS C 226 5.51 -17.39 -30.82
CA LYS C 226 5.97 -18.28 -29.78
C LYS C 226 6.00 -17.64 -28.40
N LEU C 227 5.54 -16.40 -28.27
CA LEU C 227 5.59 -15.69 -27.00
C LEU C 227 4.29 -14.93 -26.81
N THR C 228 3.50 -15.32 -25.82
CA THR C 228 2.32 -14.58 -25.40
C THR C 228 2.34 -14.45 -23.89
N GLY C 229 1.67 -13.42 -23.38
CA GLY C 229 1.73 -13.16 -21.95
C GLY C 229 0.57 -12.34 -21.44
N MET C 230 0.50 -12.24 -20.11
CA MET C 230 -0.49 -11.44 -19.42
C MET C 230 0.16 -10.77 -18.22
N SER C 231 -0.51 -9.77 -17.68
CA SER C 231 0.06 -8.90 -16.66
C SER C 231 -0.76 -8.96 -15.37
N LEU C 232 -0.09 -8.74 -14.25
CA LEU C 232 -0.73 -8.67 -12.93
C LEU C 232 -0.32 -7.34 -12.29
N ARG C 233 -1.23 -6.37 -12.33
CA ARG C 233 -0.95 -5.06 -11.74
C ARG C 233 -0.98 -5.13 -10.22
N VAL C 234 0.08 -4.65 -9.59
CA VAL C 234 0.19 -4.66 -8.13
C VAL C 234 0.40 -3.24 -7.63
N PRO C 235 -0.08 -2.90 -6.43
CA PRO C 235 0.06 -1.50 -5.94
C PRO C 235 1.44 -1.20 -5.34
N THR C 236 2.45 -1.05 -6.21
CA THR C 236 3.81 -0.68 -5.82
C THR C 236 4.24 0.56 -6.62
N THR C 237 5.54 0.77 -6.93
CA THR C 237 5.86 2.11 -7.45
C THR C 237 7.23 2.04 -8.13
N ASP C 238 7.23 2.27 -9.44
CA ASP C 238 8.35 2.28 -10.39
C ASP C 238 9.11 0.99 -10.67
N VAL C 239 8.79 -0.14 -10.06
CA VAL C 239 9.56 -1.35 -10.30
C VAL C 239 8.62 -2.48 -10.69
N SER C 240 8.94 -3.16 -11.78
CA SER C 240 8.18 -4.31 -12.26
C SER C 240 9.13 -5.45 -12.57
N VAL C 241 8.57 -6.65 -12.74
CA VAL C 241 9.35 -7.85 -12.93
C VAL C 241 8.69 -8.71 -14.01
N VAL C 242 9.51 -9.52 -14.70
CA VAL C 242 9.05 -10.39 -15.78
C VAL C 242 9.26 -11.83 -15.37
N ASP C 243 8.21 -12.64 -15.50
CA ASP C 243 8.24 -14.06 -15.15
C ASP C 243 8.03 -14.86 -16.44
N LEU C 244 9.14 -15.17 -17.11
CA LEU C 244 9.11 -15.82 -18.42
C LEU C 244 9.30 -17.33 -18.26
N THR C 245 8.33 -18.09 -18.76
CA THR C 245 8.37 -19.55 -18.77
C THR C 245 8.51 -20.01 -20.21
N VAL C 246 9.68 -20.53 -20.57
CA VAL C 246 10.01 -20.85 -21.96
C VAL C 246 10.36 -22.33 -22.08
N ARG C 247 9.89 -22.94 -23.17
CA ARG C 247 10.34 -24.25 -23.59
C ARG C 247 11.52 -24.06 -24.55
N LEU C 248 12.63 -24.75 -24.26
CA LEU C 248 13.82 -24.61 -25.07
C LEU C 248 13.85 -25.65 -26.18
N LYS C 249 14.63 -25.36 -27.22
CA LYS C 249 14.81 -26.30 -28.31
C LYS C 249 15.98 -27.25 -28.09
N LYS C 250 16.85 -26.95 -27.14
CA LYS C 250 17.99 -27.80 -26.80
C LYS C 250 18.07 -27.94 -25.29
N ALA C 251 18.38 -29.16 -24.84
CA ALA C 251 18.52 -29.41 -23.41
C ALA C 251 19.75 -28.69 -22.86
N ALA C 252 19.63 -28.25 -21.60
CA ALA C 252 20.70 -27.48 -20.98
C ALA C 252 20.55 -27.55 -19.47
N SER C 253 21.56 -27.06 -18.78
CA SER C 253 21.51 -26.85 -17.34
C SER C 253 21.28 -25.37 -17.05
N TYR C 254 20.91 -25.09 -15.80
CA TYR C 254 20.61 -23.70 -15.43
C TYR C 254 21.87 -22.84 -15.47
N GLU C 255 23.01 -23.40 -15.06
CA GLU C 255 24.25 -22.63 -15.08
C GLU C 255 24.69 -22.29 -16.49
N GLU C 256 24.28 -23.08 -17.49
CA GLU C 256 24.56 -22.71 -18.87
C GLU C 256 23.71 -21.52 -19.31
N ILE C 257 22.47 -21.45 -18.81
CA ILE C 257 21.61 -20.31 -19.13
C ILE C 257 22.11 -19.05 -18.45
N ALA C 258 22.49 -19.16 -17.17
CA ALA C 258 22.97 -18.00 -16.44
C ALA C 258 24.30 -17.51 -16.98
N GLN C 259 25.18 -18.42 -17.39
CA GLN C 259 26.46 -18.01 -17.94
C GLN C 259 26.31 -17.35 -19.30
N ALA C 260 25.31 -17.77 -20.08
CA ALA C 260 25.07 -17.13 -21.37
C ALA C 260 24.55 -15.71 -21.19
N ILE C 261 23.64 -15.51 -20.23
CA ILE C 261 23.14 -14.16 -19.95
C ILE C 261 24.24 -13.30 -19.35
N LYS C 262 25.06 -13.87 -18.46
CA LYS C 262 26.14 -13.11 -17.86
C LYS C 262 27.19 -12.71 -18.90
N LYS C 263 27.44 -13.58 -19.89
CA LYS C 263 28.43 -13.26 -20.91
C LYS C 263 27.93 -12.13 -21.81
N ALA C 264 26.67 -12.17 -22.22
CA ALA C 264 26.13 -11.13 -23.09
C ALA C 264 26.02 -9.80 -22.35
N SER C 265 25.75 -9.83 -21.05
CA SER C 265 25.69 -8.60 -20.27
C SER C 265 27.04 -7.92 -20.16
N GLU C 266 28.13 -8.65 -20.41
CA GLU C 266 29.48 -8.10 -20.39
C GLU C 266 30.00 -7.76 -21.78
N GLY C 267 29.18 -7.89 -22.81
CA GLY C 267 29.61 -7.65 -24.16
C GLY C 267 28.57 -6.97 -25.03
N PRO C 268 27.90 -7.75 -25.88
CA PRO C 268 26.96 -7.15 -26.83
C PRO C 268 25.80 -6.42 -26.18
N LEU C 269 25.36 -6.85 -24.99
CA LEU C 269 24.26 -6.22 -24.28
C LEU C 269 24.73 -5.52 -23.01
N LYS C 270 25.93 -4.96 -23.04
CA LYS C 270 26.45 -4.23 -21.88
C LYS C 270 25.67 -2.93 -21.69
N GLY C 271 25.13 -2.75 -20.49
CA GLY C 271 24.34 -1.58 -20.17
C GLY C 271 22.85 -1.72 -20.44
N VAL C 272 22.46 -2.63 -21.32
CA VAL C 272 21.05 -2.88 -21.61
C VAL C 272 20.50 -4.04 -20.79
N LEU C 273 21.18 -5.18 -20.80
CA LEU C 273 20.78 -6.36 -20.05
C LEU C 273 21.66 -6.47 -18.81
N GLY C 274 21.03 -6.52 -17.64
CA GLY C 274 21.74 -6.62 -16.38
C GLY C 274 21.73 -8.03 -15.83
N TYR C 275 22.76 -8.36 -15.05
CA TYR C 275 22.89 -9.67 -14.43
C TYR C 275 23.27 -9.50 -12.97
N THR C 276 22.55 -10.20 -12.09
CA THR C 276 22.82 -10.13 -10.67
C THR C 276 22.58 -11.49 -10.03
N GLU C 277 23.35 -11.79 -8.99
CA GLU C 277 23.20 -13.01 -8.22
C GLU C 277 22.86 -12.74 -6.76
N ASP C 278 22.54 -11.51 -6.42
CA ASP C 278 22.27 -11.13 -5.04
C ASP C 278 20.78 -11.24 -4.72
N ALA C 279 20.48 -11.48 -3.45
CA ALA C 279 19.10 -11.60 -2.97
C ALA C 279 18.46 -10.21 -3.01
N VAL C 280 18.02 -9.82 -4.20
CA VAL C 280 17.54 -8.48 -4.45
C VAL C 280 16.02 -8.42 -4.31
N VAL C 281 15.52 -7.22 -4.00
CA VAL C 281 14.08 -6.96 -3.99
C VAL C 281 13.78 -5.89 -5.02
N SER C 282 12.51 -5.47 -5.10
CA SER C 282 12.10 -4.57 -6.17
C SER C 282 12.78 -3.21 -6.05
N THR C 283 12.74 -2.59 -4.88
CA THR C 283 13.30 -1.25 -4.70
C THR C 283 14.81 -1.20 -4.88
N ASP C 284 15.48 -2.35 -5.01
CA ASP C 284 16.92 -2.36 -5.24
C ASP C 284 17.30 -1.87 -6.63
N PHE C 285 16.34 -1.69 -7.53
CA PHE C 285 16.61 -1.25 -8.90
C PHE C 285 15.98 0.11 -9.18
N LEU C 286 15.78 0.92 -8.14
CA LEU C 286 15.21 2.25 -8.31
C LEU C 286 16.14 3.14 -9.14
N GLY C 287 15.65 3.60 -10.28
CA GLY C 287 16.44 4.47 -11.15
C GLY C 287 17.59 3.77 -11.83
N SER C 288 17.37 2.54 -12.32
CA SER C 288 18.41 1.80 -13.02
C SER C 288 18.36 2.12 -14.51
N SER C 289 19.54 2.25 -15.12
CA SER C 289 19.64 2.52 -16.54
C SER C 289 19.46 1.27 -17.39
N TYR C 290 19.41 0.09 -16.78
CA TYR C 290 19.16 -1.14 -17.52
C TYR C 290 17.68 -1.25 -17.89
N SER C 291 17.42 -1.85 -19.04
CA SER C 291 16.06 -2.17 -19.45
C SER C 291 15.63 -3.57 -19.03
N SER C 292 16.58 -4.42 -18.65
CA SER C 292 16.28 -5.76 -18.18
C SER C 292 17.43 -6.22 -17.29
N ILE C 293 17.11 -6.78 -16.13
CA ILE C 293 18.11 -7.23 -15.16
C ILE C 293 17.75 -8.64 -14.73
N PHE C 294 18.55 -9.61 -15.12
CA PHE C 294 18.26 -11.03 -14.87
C PHE C 294 18.53 -11.37 -13.41
N ASP C 295 17.55 -12.01 -12.77
CA ASP C 295 17.67 -12.49 -11.40
C ASP C 295 18.09 -13.96 -11.45
N GLU C 296 19.37 -14.21 -11.17
CA GLU C 296 19.91 -15.55 -11.36
C GLU C 296 19.42 -16.53 -10.30
N LYS C 297 19.33 -16.08 -9.03
CA LYS C 297 18.96 -16.98 -7.96
C LYS C 297 17.47 -17.31 -7.95
N ALA C 298 16.64 -16.52 -8.64
CA ALA C 298 15.20 -16.72 -8.61
C ALA C 298 14.71 -17.75 -9.62
N GLY C 299 15.50 -18.04 -10.65
CA GLY C 299 15.03 -18.93 -11.71
C GLY C 299 14.95 -20.39 -11.26
N ILE C 300 14.15 -21.15 -12.00
CA ILE C 300 13.94 -22.57 -11.74
C ILE C 300 14.12 -23.33 -13.05
N LEU C 301 14.73 -24.51 -12.95
CA LEU C 301 14.86 -25.43 -14.08
C LEU C 301 14.18 -26.73 -13.68
N LEU C 302 12.97 -26.97 -14.21
CA LEU C 302 12.25 -28.20 -13.91
C LEU C 302 12.79 -29.38 -14.70
N SER C 303 12.92 -29.21 -16.01
CA SER C 303 13.56 -30.17 -16.90
C SER C 303 14.59 -29.42 -17.72
N PRO C 304 15.55 -30.13 -18.33
CA PRO C 304 16.60 -29.44 -19.10
C PRO C 304 16.08 -28.63 -20.27
N THR C 305 14.79 -28.70 -20.60
CA THR C 305 14.20 -27.87 -21.64
C THR C 305 13.04 -27.03 -21.13
N PHE C 306 12.78 -27.02 -19.82
CA PHE C 306 11.66 -26.29 -19.22
C PHE C 306 12.20 -25.42 -18.10
N VAL C 307 12.29 -24.11 -18.34
CA VAL C 307 12.86 -23.19 -17.37
C VAL C 307 11.94 -21.99 -17.20
N LYS C 308 12.08 -21.33 -16.05
CA LYS C 308 11.37 -20.09 -15.75
C LYS C 308 12.39 -19.04 -15.35
N LEU C 309 12.44 -17.95 -16.12
CA LEU C 309 13.44 -16.90 -15.92
C LEU C 309 12.78 -15.65 -15.34
N ILE C 310 13.56 -14.90 -14.58
CA ILE C 310 13.09 -13.71 -13.87
C ILE C 310 13.98 -12.54 -14.24
N SER C 311 13.37 -11.41 -14.62
CA SER C 311 14.11 -10.22 -14.99
C SER C 311 13.38 -8.98 -14.50
N TRP C 312 14.12 -8.07 -13.87
CA TRP C 312 13.56 -6.83 -13.34
C TRP C 312 13.76 -5.68 -14.32
N TYR C 313 12.95 -4.65 -14.14
CA TYR C 313 13.10 -3.41 -14.91
C TYR C 313 12.35 -2.30 -14.17
N ASP C 314 12.94 -1.11 -14.18
CA ASP C 314 12.38 0.03 -13.43
C ASP C 314 11.44 0.85 -14.32
N ASN C 315 10.35 0.19 -14.74
CA ASN C 315 9.28 0.81 -15.50
C ASN C 315 9.78 1.69 -16.64
N GLU C 316 9.44 2.98 -16.59
CA GLU C 316 9.72 3.90 -17.69
C GLU C 316 11.09 4.54 -17.60
N TYR C 317 11.78 4.44 -16.44
CA TYR C 317 13.08 5.08 -16.32
C TYR C 317 14.12 4.43 -17.23
N GLY C 318 14.30 3.12 -17.08
CA GLY C 318 15.17 2.39 -17.99
C GLY C 318 14.70 2.42 -19.43
N TYR C 319 13.39 2.64 -19.64
CA TYR C 319 12.86 2.78 -21.00
C TYR C 319 13.18 4.16 -21.57
N SER C 320 13.10 5.21 -20.74
CA SER C 320 13.30 6.56 -21.24
C SER C 320 14.74 6.80 -21.68
N THR C 321 15.71 6.31 -20.90
CA THR C 321 17.11 6.42 -21.31
C THR C 321 17.39 5.60 -22.56
N ARG C 322 16.59 4.57 -22.84
CA ARG C 322 16.76 3.81 -24.07
C ARG C 322 16.30 4.59 -25.28
N VAL C 323 15.31 5.47 -25.11
CA VAL C 323 14.85 6.32 -26.20
C VAL C 323 15.97 7.25 -26.65
N VAL C 324 16.73 7.78 -25.69
CA VAL C 324 17.87 8.65 -26.03
C VAL C 324 18.94 7.86 -26.76
N ASP C 325 19.13 6.59 -26.42
CA ASP C 325 20.13 5.77 -27.10
C ASP C 325 19.73 5.51 -28.56
N LEU C 326 18.47 5.12 -28.78
CA LEU C 326 18.00 4.90 -30.15
C LEU C 326 17.99 6.20 -30.94
N LEU C 327 17.71 7.32 -30.27
CA LEU C 327 17.75 8.61 -30.94
C LEU C 327 19.15 8.92 -31.47
N GLU C 328 20.18 8.65 -30.66
CA GLU C 328 21.55 8.86 -31.11
C GLU C 328 21.93 7.90 -32.23
N HIS C 329 21.35 6.70 -32.25
CA HIS C 329 21.60 5.77 -33.33
C HIS C 329 21.09 6.32 -34.66
N VAL C 330 19.92 6.98 -34.64
CA VAL C 330 19.37 7.56 -35.85
C VAL C 330 20.30 8.65 -36.38
N ALA C 331 20.88 9.44 -35.48
CA ALA C 331 21.81 10.48 -35.91
C ALA C 331 23.09 9.88 -36.48
N LYS C 332 23.59 8.79 -35.87
CA LYS C 332 24.78 8.14 -36.40
C LYS C 332 24.48 7.40 -37.70
N ALA C 333 23.25 6.87 -37.85
CA ALA C 333 22.88 6.19 -39.08
C ALA C 333 22.53 7.15 -40.20
N SER C 334 22.26 8.41 -39.88
CA SER C 334 21.93 9.42 -40.90
C SER C 334 23.19 9.71 -41.71
N ALA C 335 23.46 8.86 -42.68
CA ALA C 335 24.64 8.99 -43.53
C ALA C 335 24.27 9.61 -44.88
N MET D 1 42.15 15.96 17.21
CA MET D 1 41.58 16.31 15.92
C MET D 1 40.70 15.19 15.38
N ALA D 2 41.27 14.01 15.22
CA ALA D 2 40.55 12.86 14.70
C ALA D 2 39.93 12.07 15.86
N ILE D 3 38.65 11.72 15.72
CA ILE D 3 37.93 10.96 16.73
C ILE D 3 37.60 9.59 16.16
N LYS D 4 37.65 8.58 17.03
CA LYS D 4 37.36 7.20 16.66
C LYS D 4 36.09 6.75 17.38
N ILE D 5 35.14 6.21 16.63
CA ILE D 5 33.83 5.88 17.16
C ILE D 5 33.51 4.41 16.91
N GLY D 6 32.45 3.95 17.56
CA GLY D 6 31.92 2.62 17.32
C GLY D 6 30.41 2.64 17.39
N ILE D 7 29.80 1.71 16.70
CA ILE D 7 28.34 1.64 16.58
C ILE D 7 27.87 0.31 17.15
N ASN D 8 27.00 0.39 18.16
CA ASN D 8 26.41 -0.80 18.77
C ASN D 8 25.04 -1.05 18.14
N GLY D 9 24.89 -2.22 17.53
CA GLY D 9 23.67 -2.53 16.81
C GLY D 9 23.73 -2.09 15.37
N PHE D 10 23.30 -2.97 14.45
CA PHE D 10 23.38 -2.66 13.03
C PHE D 10 22.00 -2.68 12.39
N GLY D 11 21.06 -1.93 12.98
CA GLY D 11 19.73 -1.79 12.42
C GLY D 11 19.66 -0.67 11.40
N ARG D 12 18.44 -0.18 11.19
CA ARG D 12 18.26 0.90 10.21
C ARG D 12 18.94 2.19 10.67
N ILE D 13 18.78 2.55 11.94
CA ILE D 13 19.46 3.73 12.45
C ILE D 13 20.96 3.52 12.47
N GLY D 14 21.42 2.33 12.86
CA GLY D 14 22.85 2.06 12.89
C GLY D 14 23.47 2.07 11.51
N ARG D 15 22.73 1.60 10.50
CA ARG D 15 23.24 1.63 9.13
C ARG D 15 23.26 3.04 8.56
N LEU D 16 22.30 3.88 8.95
CA LEU D 16 22.25 5.24 8.42
C LEU D 16 23.33 6.12 9.05
N VAL D 17 23.56 5.97 10.35
CA VAL D 17 24.61 6.77 11.00
C VAL D 17 25.99 6.33 10.50
N LEU D 18 26.13 5.08 10.08
CA LEU D 18 27.40 4.62 9.54
C LEU D 18 27.71 5.29 8.21
N ARG D 19 26.68 5.51 7.39
CA ARG D 19 26.89 6.15 6.09
C ARG D 19 27.31 7.61 6.24
N VAL D 20 26.63 8.35 7.13
CA VAL D 20 27.01 9.74 7.36
C VAL D 20 28.35 9.83 8.06
N ALA D 21 28.70 8.82 8.87
CA ALA D 21 29.99 8.81 9.55
C ALA D 21 31.14 8.69 8.56
N LEU D 22 30.96 7.89 7.50
CA LEU D 22 31.99 7.76 6.49
C LEU D 22 32.13 9.03 5.66
N GLY D 23 31.05 9.79 5.51
CA GLY D 23 31.10 10.98 4.68
C GLY D 23 31.94 12.09 5.28
N ARG D 24 31.92 12.22 6.60
CA ARG D 24 32.70 13.26 7.25
C ARG D 24 34.19 12.96 7.16
N LYS D 25 35.00 14.00 7.35
CA LYS D 25 36.45 13.88 7.25
C LYS D 25 37.14 13.76 8.61
N ASP D 26 36.42 14.01 9.70
CA ASP D 26 37.02 13.99 11.04
C ASP D 26 36.81 12.67 11.77
N ILE D 27 35.67 12.00 11.56
CA ILE D 27 35.32 10.81 12.29
C ILE D 27 35.76 9.58 11.50
N GLU D 28 36.38 8.63 12.19
CA GLU D 28 36.84 7.38 11.58
C GLU D 28 36.18 6.21 12.32
N VAL D 29 35.38 5.44 11.60
CA VAL D 29 34.68 4.31 12.20
C VAL D 29 35.67 3.17 12.43
N VAL D 30 35.60 2.56 13.61
CA VAL D 30 36.54 1.52 13.99
C VAL D 30 35.87 0.15 13.92
N ALA D 31 34.78 -0.03 14.67
CA ALA D 31 34.14 -1.33 14.74
C ALA D 31 32.65 -1.17 14.93
N VAL D 32 31.91 -2.23 14.60
CA VAL D 32 30.46 -2.29 14.76
C VAL D 32 30.14 -3.58 15.51
N ASN D 33 29.19 -3.49 16.45
CA ASN D 33 28.80 -4.62 17.27
C ASN D 33 27.40 -5.09 16.88
N ASP D 34 27.28 -6.38 16.56
CA ASP D 34 26.00 -7.01 16.27
C ASP D 34 26.11 -8.51 16.45
N PRO D 35 25.51 -9.09 17.49
CA PRO D 35 25.64 -10.53 17.72
C PRO D 35 24.72 -11.35 16.83
N PHE D 36 23.57 -10.80 16.44
CA PHE D 36 22.62 -11.54 15.63
C PHE D 36 23.05 -11.61 14.18
N ILE D 37 23.51 -10.50 13.61
CA ILE D 37 23.92 -10.45 12.21
C ILE D 37 25.32 -11.01 12.05
N ALA D 38 25.72 -11.26 10.82
CA ALA D 38 27.05 -11.73 10.47
C ALA D 38 27.75 -10.68 9.61
N PRO D 39 29.09 -10.73 9.53
CA PRO D 39 29.78 -9.78 8.64
C PRO D 39 29.33 -9.87 7.19
N ASP D 40 29.06 -11.08 6.70
CA ASP D 40 28.57 -11.22 5.33
C ASP D 40 27.14 -10.71 5.21
N TYR D 41 26.32 -10.91 6.25
CA TYR D 41 24.95 -10.39 6.24
C TYR D 41 24.94 -8.88 6.44
N ALA D 42 25.95 -8.33 7.12
CA ALA D 42 26.00 -6.89 7.33
C ALA D 42 26.28 -6.15 6.02
N ALA D 43 27.12 -6.72 5.16
CA ALA D 43 27.39 -6.10 3.87
C ALA D 43 26.16 -6.11 2.98
N TYR D 44 25.32 -7.13 3.10
CA TYR D 44 24.11 -7.19 2.28
C TYR D 44 23.12 -6.10 2.67
N MET D 45 22.97 -5.82 3.96
CA MET D 45 22.00 -4.84 4.42
C MET D 45 22.50 -3.41 4.21
N PHE D 46 23.81 -3.19 4.28
CA PHE D 46 24.36 -1.85 4.09
C PHE D 46 24.41 -1.46 2.62
N LYS D 47 24.57 -2.45 1.72
CA LYS D 47 24.61 -2.15 0.29
C LYS D 47 23.23 -1.79 -0.25
N TYR D 48 22.18 -2.37 0.31
CA TYR D 48 20.79 -2.05 -0.05
C TYR D 48 20.16 -1.42 1.20
N ASP D 49 20.36 -0.11 1.35
CA ASP D 49 20.03 0.60 2.59
C ASP D 49 18.55 1.01 2.58
N SER D 50 17.69 0.00 2.60
CA SER D 50 16.25 0.16 2.80
C SER D 50 15.68 1.10 1.74
N THR D 51 15.02 2.19 2.11
CA THR D 51 14.36 3.09 1.17
C THR D 51 15.21 4.30 0.82
N HIS D 52 16.52 4.13 0.70
CA HIS D 52 17.42 5.22 0.35
C HIS D 52 18.25 4.94 -0.90
N GLY D 53 18.14 3.75 -1.47
CA GLY D 53 18.86 3.39 -2.68
C GLY D 53 20.10 2.57 -2.39
N ARG D 54 20.66 2.03 -3.47
CA ARG D 54 21.88 1.23 -3.37
C ARG D 54 23.07 2.12 -3.06
N TYR D 55 23.97 1.62 -2.21
CA TYR D 55 25.16 2.38 -1.84
C TYR D 55 26.13 2.43 -3.01
N LYS D 56 26.67 3.62 -3.29
CA LYS D 56 27.62 3.80 -4.39
C LYS D 56 29.04 3.63 -3.87
N GLY D 57 29.36 2.38 -3.55
CA GLY D 57 30.68 2.05 -3.06
C GLY D 57 30.84 0.55 -2.91
N GLU D 58 32.09 0.12 -2.95
CA GLU D 58 32.42 -1.30 -2.84
C GLU D 58 32.21 -1.75 -1.40
N VAL D 59 31.12 -2.47 -1.16
CA VAL D 59 30.77 -2.96 0.17
C VAL D 59 30.94 -4.47 0.15
N THR D 60 32.10 -4.94 0.60
CA THR D 60 32.39 -6.37 0.68
C THR D 60 32.66 -6.75 2.12
N ALA D 61 32.50 -8.04 2.41
CA ALA D 61 32.72 -8.59 3.74
C ALA D 61 34.00 -9.44 3.72
N SER D 62 35.01 -9.01 4.46
CA SER D 62 36.27 -9.74 4.54
C SER D 62 36.13 -10.92 5.50
N GLY D 63 37.25 -11.34 6.10
CA GLY D 63 37.23 -12.44 7.03
C GLY D 63 36.41 -12.12 8.27
N ASP D 64 36.93 -11.23 9.12
CA ASP D 64 36.22 -10.80 10.32
C ASP D 64 35.81 -9.33 10.26
N ASP D 65 36.24 -8.59 9.24
CA ASP D 65 35.98 -7.16 9.13
C ASP D 65 34.97 -6.89 8.02
N LEU D 66 34.44 -5.67 8.02
CA LEU D 66 33.54 -5.18 7.00
C LEU D 66 34.25 -4.09 6.22
N VAL D 67 34.23 -4.19 4.89
CA VAL D 67 34.99 -3.31 4.01
C VAL D 67 34.03 -2.44 3.23
N ILE D 68 34.15 -1.13 3.41
CA ILE D 68 33.41 -0.14 2.63
C ILE D 68 34.41 0.87 2.10
N ASP D 69 34.51 0.96 0.76
CA ASP D 69 35.42 1.89 0.10
C ASP D 69 36.86 1.65 0.54
N GLY D 70 37.24 0.39 0.70
CA GLY D 70 38.57 0.02 1.13
C GLY D 70 38.81 0.11 2.63
N HIS D 71 37.99 0.86 3.36
CA HIS D 71 38.17 1.00 4.79
C HIS D 71 37.69 -0.26 5.49
N LYS D 72 38.57 -0.88 6.26
CA LYS D 72 38.25 -2.12 6.97
C LYS D 72 37.67 -1.77 8.33
N ILE D 73 36.45 -2.25 8.59
CA ILE D 73 35.73 -2.00 9.84
C ILE D 73 35.50 -3.34 10.52
N LYS D 74 36.07 -3.49 11.71
CA LYS D 74 35.91 -4.73 12.46
C LYS D 74 34.46 -4.93 12.88
N VAL D 75 34.07 -6.18 13.04
CA VAL D 75 32.72 -6.56 13.44
C VAL D 75 32.82 -7.48 14.66
N PHE D 76 32.12 -7.12 15.73
CA PHE D 76 32.08 -7.92 16.95
C PHE D 76 30.65 -8.42 17.18
N GLN D 77 30.55 -9.63 17.72
CA GLN D 77 29.27 -10.30 17.95
C GLN D 77 29.03 -10.53 19.44
N GLU D 78 29.47 -9.59 20.27
CA GLU D 78 29.28 -9.70 21.71
C GLU D 78 27.87 -9.28 22.09
N ARG D 79 27.12 -10.21 22.68
CA ARG D 79 25.74 -9.90 23.08
C ARG D 79 25.70 -8.95 24.28
N ASP D 80 26.74 -8.96 25.12
CA ASP D 80 26.80 -8.07 26.26
C ASP D 80 27.58 -6.82 25.92
N PRO D 81 27.04 -5.62 26.16
CA PRO D 81 27.74 -4.40 25.76
C PRO D 81 28.97 -4.09 26.61
N ALA D 82 29.16 -4.79 27.73
CA ALA D 82 30.36 -4.59 28.54
C ALA D 82 31.52 -5.47 28.09
N ASN D 83 31.26 -6.52 27.31
CA ASN D 83 32.30 -7.40 26.79
C ASN D 83 32.74 -7.03 25.38
N ILE D 84 32.39 -5.84 24.91
CA ILE D 84 32.83 -5.38 23.59
C ILE D 84 34.19 -4.72 23.73
N PRO D 85 35.18 -5.10 22.92
CA PRO D 85 36.52 -4.50 23.04
C PRO D 85 36.58 -3.09 22.46
N TRP D 86 35.82 -2.17 23.06
CA TRP D 86 35.88 -0.78 22.63
C TRP D 86 37.25 -0.17 22.93
N GLY D 87 37.82 -0.50 24.08
CA GLY D 87 39.12 0.04 24.46
C GLY D 87 40.28 -0.60 23.72
N LYS D 88 40.20 -1.91 23.51
CA LYS D 88 41.25 -2.60 22.77
C LYS D 88 41.27 -2.17 21.30
N SER D 89 40.12 -1.80 20.76
CA SER D 89 40.03 -1.32 19.38
C SER D 89 40.30 0.17 19.26
N GLY D 90 40.48 0.87 20.37
CA GLY D 90 40.71 2.30 20.32
C GLY D 90 39.48 3.13 20.05
N VAL D 91 38.32 2.70 20.55
CA VAL D 91 37.06 3.40 20.33
C VAL D 91 36.84 4.35 21.51
N ASP D 92 36.46 5.59 21.19
CA ASP D 92 36.17 6.60 22.21
C ASP D 92 34.67 6.86 22.37
N TYR D 93 33.94 6.94 21.26
CA TYR D 93 32.52 7.28 21.28
C TYR D 93 31.70 6.11 20.76
N VAL D 94 30.73 5.65 21.54
CA VAL D 94 29.87 4.54 21.18
C VAL D 94 28.51 5.09 20.80
N ILE D 95 28.08 4.81 19.57
CA ILE D 95 26.75 5.20 19.09
C ILE D 95 25.80 4.05 19.43
N GLU D 96 25.11 4.18 20.56
CA GLU D 96 24.15 3.15 20.98
C GLU D 96 22.91 3.21 20.10
N SER D 97 22.91 2.45 19.01
CA SER D 97 21.78 2.45 18.08
C SER D 97 21.04 1.11 18.14
N THR D 98 20.70 0.66 19.35
CA THR D 98 20.02 -0.60 19.55
C THR D 98 18.59 -0.43 20.05
N GLY D 99 18.38 0.43 21.04
CA GLY D 99 17.06 0.67 21.60
C GLY D 99 16.78 -0.04 22.91
N VAL D 100 17.68 -0.90 23.37
CA VAL D 100 17.51 -1.60 24.64
C VAL D 100 18.41 -1.05 25.73
N PHE D 101 19.57 -0.51 25.39
CA PHE D 101 20.46 0.10 26.38
C PHE D 101 20.33 1.61 26.33
N THR D 102 19.15 2.07 26.76
CA THR D 102 18.83 3.49 26.75
C THR D 102 19.00 4.15 28.11
N LYS D 103 19.04 3.38 29.19
CA LYS D 103 19.22 3.93 30.52
C LYS D 103 20.71 4.11 30.84
N LEU D 104 20.98 4.85 31.92
CA LEU D 104 22.37 5.07 32.32
C LEU D 104 23.03 3.79 32.79
N GLU D 105 22.28 2.91 33.47
CA GLU D 105 22.85 1.67 33.95
C GLU D 105 23.21 0.72 32.81
N GLY D 106 22.59 0.88 31.64
CA GLY D 106 22.91 0.04 30.50
C GLY D 106 23.92 0.67 29.56
N ALA D 107 23.78 1.98 29.31
CA ALA D 107 24.68 2.66 28.40
C ALA D 107 26.07 2.85 28.99
N GLN D 108 26.21 2.84 30.31
CA GLN D 108 27.52 3.02 30.94
C GLN D 108 28.40 1.78 30.82
N LYS D 109 27.85 0.65 30.37
CA LYS D 109 28.69 -0.52 30.12
C LYS D 109 29.70 -0.25 29.02
N HIS D 110 29.34 0.57 28.02
CA HIS D 110 30.29 0.95 26.99
C HIS D 110 31.44 1.77 27.57
N ILE D 111 31.16 2.57 28.60
CA ILE D 111 32.22 3.31 29.27
C ILE D 111 33.16 2.36 29.99
N ASP D 112 32.61 1.31 30.62
CA ASP D 112 33.41 0.30 31.29
C ASP D 112 34.14 -0.60 30.31
N ALA D 113 33.85 -0.50 29.01
CA ALA D 113 34.49 -1.32 27.99
C ALA D 113 35.59 -0.59 27.23
N GLY D 114 35.89 0.65 27.60
CA GLY D 114 36.97 1.41 26.99
C GLY D 114 36.56 2.70 26.32
N ALA D 115 35.29 3.00 26.21
CA ALA D 115 34.83 4.24 25.58
C ALA D 115 34.73 5.35 26.62
N LYS D 116 34.73 6.59 26.13
CA LYS D 116 34.66 7.76 27.00
C LYS D 116 33.27 8.40 27.02
N LYS D 117 32.55 8.39 25.90
CA LYS D 117 31.22 8.98 25.83
C LYS D 117 30.33 8.13 24.95
N VAL D 118 29.03 8.11 25.27
CA VAL D 118 28.05 7.31 24.56
C VAL D 118 26.87 8.20 24.20
N ILE D 119 26.46 8.15 22.93
CA ILE D 119 25.28 8.86 22.44
C ILE D 119 24.23 7.82 22.07
N ILE D 120 23.06 7.92 22.69
CA ILE D 120 21.97 6.96 22.49
C ILE D 120 21.02 7.54 21.46
N THR D 121 20.77 6.77 20.39
CA THR D 121 19.85 7.19 19.34
C THR D 121 18.39 6.87 19.67
N ALA D 122 17.97 7.11 20.91
CA ALA D 122 16.62 6.82 21.34
C ALA D 122 16.34 7.65 22.59
N PRO D 123 15.08 8.04 22.82
CA PRO D 123 14.76 8.84 24.00
C PRO D 123 15.04 8.06 25.28
N SER D 124 15.77 8.70 26.19
CA SER D 124 16.21 8.08 27.43
C SER D 124 15.48 8.68 28.62
N ALA D 125 15.11 7.83 29.58
CA ALA D 125 14.51 8.27 30.82
C ALA D 125 15.54 8.63 31.88
N ASP D 126 16.82 8.36 31.64
CA ASP D 126 17.89 8.63 32.58
C ASP D 126 18.95 9.56 32.03
N ALA D 127 19.28 9.45 30.74
CA ALA D 127 20.34 10.26 30.15
C ALA D 127 19.81 11.63 29.73
N PRO D 128 20.64 12.67 29.83
CA PRO D 128 20.22 13.99 29.35
C PRO D 128 19.99 13.99 27.85
N MET D 129 19.04 14.82 27.43
CA MET D 129 18.55 14.83 26.06
C MET D 129 18.98 16.10 25.36
N PHE D 130 19.37 15.98 24.09
CA PHE D 130 19.83 17.11 23.30
C PHE D 130 19.29 17.01 21.88
N VAL D 131 18.94 18.16 21.33
CA VAL D 131 18.51 18.28 19.93
C VAL D 131 19.36 19.35 19.28
N VAL D 132 20.07 18.97 18.21
CA VAL D 132 20.94 19.93 17.52
C VAL D 132 20.08 21.05 16.95
N GLY D 133 20.53 22.29 17.17
CA GLY D 133 19.80 23.46 16.75
C GLY D 133 18.82 24.01 17.77
N VAL D 134 18.58 23.29 18.86
CA VAL D 134 17.67 23.72 19.91
C VAL D 134 18.39 23.92 21.23
N ASN D 135 19.13 22.91 21.69
CA ASN D 135 19.86 23.01 22.94
C ASN D 135 21.23 22.35 22.89
N GLU D 136 21.83 22.23 21.70
CA GLU D 136 23.13 21.59 21.59
C GLU D 136 24.24 22.41 22.20
N ASP D 137 24.07 23.74 22.29
CA ASP D 137 25.09 24.58 22.91
C ASP D 137 25.11 24.44 24.42
N LYS D 138 24.06 23.88 25.02
CA LYS D 138 23.99 23.69 26.47
C LYS D 138 24.60 22.37 26.91
N TYR D 139 25.36 21.70 26.05
CA TYR D 139 26.05 20.47 26.43
C TYR D 139 27.34 20.80 27.17
N THR D 140 27.56 20.13 28.29
CA THR D 140 28.78 20.31 29.05
C THR D 140 29.65 19.05 28.95
N PRO D 141 30.97 19.21 28.78
CA PRO D 141 31.82 18.04 28.57
C PRO D 141 31.82 17.04 29.72
N ASP D 142 31.38 17.43 30.91
CA ASP D 142 31.31 16.47 32.01
C ASP D 142 30.18 15.47 31.85
N LEU D 143 29.37 15.58 30.79
CA LEU D 143 28.32 14.62 30.50
C LEU D 143 28.88 13.54 29.59
N LYS D 144 28.85 12.29 30.05
CA LYS D 144 29.43 11.18 29.31
C LYS D 144 28.39 10.31 28.63
N ILE D 145 27.12 10.39 29.03
CA ILE D 145 26.04 9.66 28.39
C ILE D 145 24.93 10.64 28.07
N ILE D 146 24.61 10.77 26.77
CA ILE D 146 23.56 11.67 26.31
C ILE D 146 22.71 10.93 25.28
N SER D 147 21.58 11.55 24.94
CA SER D 147 20.67 11.01 23.94
C SER D 147 20.25 12.12 22.99
N ASN D 148 19.94 11.72 21.75
CA ASN D 148 19.48 12.66 20.73
C ASN D 148 17.98 12.54 20.47
N ALA D 149 17.23 12.03 21.46
CA ALA D 149 15.78 11.90 21.38
C ALA D 149 15.35 11.03 20.20
N SER D 150 14.10 11.20 19.77
CA SER D 150 13.56 10.43 18.65
C SER D 150 13.51 11.28 17.39
N THR D 152 10.99 11.98 15.69
CA THR D 152 9.82 12.84 15.75
C THR D 152 10.13 14.10 16.54
N THR D 153 10.86 13.93 17.65
CA THR D 153 11.25 15.07 18.47
C THR D 153 12.16 16.02 17.69
N ASN D 154 13.04 15.47 16.86
CA ASN D 154 13.91 16.30 16.04
C ASN D 154 13.16 17.07 14.95
N CYS D 155 11.88 16.76 14.74
CA CYS D 155 11.05 17.51 13.80
C CYS D 155 10.21 18.57 14.49
N LEU D 156 9.77 18.33 15.73
CA LEU D 156 8.94 19.28 16.45
C LEU D 156 9.76 20.30 17.23
N ALA D 157 10.86 19.88 17.85
CA ALA D 157 11.65 20.79 18.67
C ALA D 157 12.21 21.99 17.90
N PRO D 158 12.81 21.82 16.72
CA PRO D 158 13.25 23.02 15.98
C PRO D 158 12.08 23.89 15.53
N LEU D 159 10.92 23.30 15.27
CA LEU D 159 9.75 24.08 14.89
C LEU D 159 9.17 24.80 16.10
N ALA D 160 9.02 24.09 17.23
CA ALA D 160 8.45 24.70 18.42
C ALA D 160 9.35 25.80 18.97
N LYS D 161 10.66 25.69 18.76
CA LYS D 161 11.58 26.71 19.25
C LYS D 161 11.37 28.03 18.53
N VAL D 162 11.25 27.99 17.20
CA VAL D 162 11.09 29.22 16.43
C VAL D 162 9.74 29.88 16.72
N VAL D 163 8.69 29.06 16.88
CA VAL D 163 7.38 29.61 17.16
C VAL D 163 7.32 30.19 18.57
N ASN D 164 8.00 29.54 19.52
CA ASN D 164 7.96 30.02 20.90
C ASN D 164 8.84 31.24 21.11
N ASP D 165 9.99 31.29 20.43
CA ASP D 165 10.90 32.42 20.62
C ASP D 165 10.32 33.72 20.09
N THR D 166 9.49 33.66 19.04
CA THR D 166 8.92 34.85 18.43
C THR D 166 7.53 35.17 18.94
N PHE D 167 6.67 34.16 19.13
CA PHE D 167 5.29 34.39 19.53
C PHE D 167 4.90 33.73 20.84
N GLY D 168 5.66 32.75 21.32
CA GLY D 168 5.35 32.11 22.59
C GLY D 168 4.21 31.11 22.50
N ILE D 169 4.42 29.90 23.02
CA ILE D 169 3.45 28.83 22.94
C ILE D 169 2.84 28.65 24.33
N GLU D 170 1.54 28.96 24.44
CA GLU D 170 0.83 28.71 25.70
C GLU D 170 0.51 27.22 25.86
N GLU D 171 -0.21 26.65 24.90
CA GLU D 171 -0.50 25.23 24.88
C GLU D 171 -0.41 24.72 23.46
N GLY D 172 -0.06 23.45 23.31
CA GLY D 172 0.11 22.86 21.99
C GLY D 172 -0.21 21.39 21.92
N LEU D 173 -1.13 21.01 21.04
CA LEU D 173 -1.47 19.63 20.78
C LEU D 173 -0.90 19.20 19.43
N MET D 174 -0.30 18.01 19.40
CA MET D 174 0.39 17.53 18.22
C MET D 174 -0.20 16.21 17.75
N THR D 175 -0.15 16.00 16.44
CA THR D 175 -0.47 14.72 15.82
C THR D 175 0.54 14.47 14.72
N THR D 176 1.24 13.34 14.78
CA THR D 176 2.21 12.96 13.77
C THR D 176 1.70 11.75 13.00
N VAL D 177 1.76 11.84 11.67
CA VAL D 177 1.39 10.73 10.80
C VAL D 177 2.66 9.94 10.50
N HIS D 178 2.78 8.75 11.08
CA HIS D 178 3.99 7.96 11.01
C HIS D 178 3.91 6.89 9.93
N SER D 179 5.04 6.61 9.31
CA SER D 179 5.19 5.54 8.34
C SER D 179 6.25 4.55 8.85
N ILE D 180 6.68 3.65 7.97
CA ILE D 180 7.72 2.70 8.32
C ILE D 180 8.75 2.61 7.20
N SER D 191 1.23 -9.41 30.40
CA SER D 191 1.50 -8.02 30.05
C SER D 191 1.75 -7.87 28.55
N HIS D 192 0.89 -7.10 27.89
CA HIS D 192 0.99 -6.88 26.45
C HIS D 192 1.12 -5.41 26.05
N LYS D 193 0.83 -4.48 26.96
CA LYS D 193 0.93 -3.05 26.70
C LYS D 193 0.05 -2.62 25.53
N ASP D 194 0.66 -2.34 24.38
CA ASP D 194 -0.06 -1.81 23.23
C ASP D 194 -0.63 -2.96 22.40
N TRP D 195 -1.96 -3.02 22.32
CA TRP D 195 -2.62 -4.01 21.48
C TRP D 195 -2.76 -3.56 20.03
N ARG D 196 -2.85 -2.25 19.79
CA ARG D 196 -2.92 -1.76 18.42
C ARG D 196 -1.65 -2.06 17.65
N GLY D 197 -0.50 -1.98 18.33
CA GLY D 197 0.77 -2.23 17.68
C GLY D 197 0.94 -3.65 17.18
N GLY D 198 0.17 -4.60 17.72
CA GLY D 198 0.24 -5.98 17.30
C GLY D 198 -0.71 -6.29 16.16
N ARG D 199 -1.10 -5.28 15.41
CA ARG D 199 -1.98 -5.44 14.26
C ARG D 199 -1.18 -5.29 12.97
N THR D 200 -1.78 -5.72 11.87
CA THR D 200 -1.12 -5.64 10.57
C THR D 200 -0.98 -4.19 10.13
N ALA D 201 0.25 -3.78 9.82
CA ALA D 201 0.51 -2.39 9.45
C ALA D 201 -0.05 -2.06 8.08
N SER D 202 -0.07 -3.02 7.15
CA SER D 202 -0.51 -2.76 5.79
C SER D 202 -2.02 -2.64 5.72
N GLY D 203 -2.51 -1.60 5.05
CA GLY D 203 -3.93 -1.36 4.93
C GLY D 203 -4.61 -0.92 6.20
N ASN D 204 -3.87 -0.31 7.13
CA ASN D 204 -4.43 0.10 8.41
C ASN D 204 -3.83 1.44 8.84
N ILE D 205 -4.69 2.32 9.34
CA ILE D 205 -4.25 3.50 10.08
C ILE D 205 -4.26 3.12 11.55
N ILE D 206 -3.08 3.08 12.16
CA ILE D 206 -2.92 2.55 13.51
C ILE D 206 -2.56 3.72 14.43
N PRO D 207 -3.43 4.12 15.34
CA PRO D 207 -3.09 5.18 16.30
C PRO D 207 -2.18 4.66 17.39
N SER D 208 -1.15 5.44 17.71
CA SER D 208 -0.17 5.07 18.72
C SER D 208 0.24 6.31 19.50
N SER D 209 1.01 6.08 20.56
CA SER D 209 1.52 7.14 21.41
C SER D 209 3.02 7.27 21.16
N THR D 210 3.46 8.48 20.81
CA THR D 210 4.87 8.74 20.56
C THR D 210 5.59 9.37 21.73
N GLY D 211 4.91 10.20 22.52
CA GLY D 211 5.55 10.89 23.63
C GLY D 211 6.61 11.89 23.22
N ALA D 212 6.67 12.27 21.94
CA ALA D 212 7.70 13.19 21.50
C ALA D 212 7.43 14.62 21.94
N ALA D 213 6.16 14.98 22.13
CA ALA D 213 5.83 16.35 22.53
C ALA D 213 6.26 16.63 23.96
N LYS D 214 6.03 15.68 24.87
CA LYS D 214 6.52 15.83 26.23
C LYS D 214 8.04 15.82 26.30
N ALA D 215 8.71 15.23 25.31
CA ALA D 215 10.16 15.27 25.26
C ALA D 215 10.68 16.66 24.90
N VAL D 216 9.86 17.49 24.25
CA VAL D 216 10.26 18.86 23.95
C VAL D 216 10.44 19.65 25.24
N GLY D 217 9.72 19.28 26.30
CA GLY D 217 9.90 19.92 27.58
C GLY D 217 11.28 19.75 28.17
N LYS D 218 12.01 18.72 27.75
CA LYS D 218 13.36 18.52 28.24
C LYS D 218 14.38 19.33 27.45
N VAL D 219 14.22 19.37 26.11
CA VAL D 219 15.12 20.19 25.30
C VAL D 219 14.72 21.65 25.30
N ILE D 220 13.45 21.95 25.60
CA ILE D 220 13.00 23.32 25.79
C ILE D 220 12.34 23.40 27.17
N PRO D 221 13.08 23.73 28.22
CA PRO D 221 12.50 23.71 29.57
C PRO D 221 11.33 24.66 29.76
N GLU D 222 11.18 25.68 28.90
CA GLU D 222 10.07 26.61 29.05
C GLU D 222 8.75 25.95 28.66
N LEU D 223 8.76 25.12 27.63
CA LEU D 223 7.56 24.45 27.15
C LEU D 223 7.19 23.23 28.00
N ASN D 224 7.84 23.05 29.14
CA ASN D 224 7.58 21.88 29.98
C ASN D 224 6.13 21.88 30.46
N GLY D 225 5.39 20.84 30.09
CA GLY D 225 3.98 20.74 30.43
C GLY D 225 3.05 21.48 29.49
N LYS D 226 3.53 21.90 28.33
CA LYS D 226 2.71 22.65 27.39
C LYS D 226 2.45 21.91 26.08
N LEU D 227 3.05 20.74 25.89
CA LEU D 227 2.92 20.00 24.64
C LEU D 227 2.68 18.53 24.94
N THR D 228 1.63 17.97 24.35
CA THR D 228 1.41 16.53 24.33
C THR D 228 0.81 16.15 22.98
N GLY D 229 1.07 14.92 22.54
CA GLY D 229 0.64 14.52 21.23
C GLY D 229 0.37 13.03 21.13
N MET D 230 -0.09 12.62 19.96
CA MET D 230 -0.32 11.23 19.62
C MET D 230 0.13 11.02 18.18
N SER D 231 0.08 9.77 17.72
CA SER D 231 0.55 9.42 16.39
C SER D 231 -0.48 8.58 15.66
N LEU D 232 -0.39 8.61 14.33
CA LEU D 232 -1.22 7.79 13.45
C LEU D 232 -0.29 7.10 12.46
N ARG D 233 -0.12 5.79 12.60
CA ARG D 233 0.77 5.02 11.76
C ARG D 233 0.04 4.62 10.47
N VAL D 234 0.60 5.00 9.34
CA VAL D 234 -0.03 4.72 8.04
C VAL D 234 0.87 3.80 7.22
N PRO D 235 0.32 2.97 6.34
CA PRO D 235 1.15 2.04 5.58
C PRO D 235 1.94 2.74 4.47
N THR D 236 3.09 3.30 4.81
CA THR D 236 3.96 3.95 3.84
C THR D 236 5.40 3.80 4.31
N THR D 237 6.30 4.56 3.71
CA THR D 237 7.69 4.61 4.16
C THR D 237 8.23 6.02 3.95
N ASP D 238 9.54 6.13 3.76
CA ASP D 238 10.19 7.40 3.42
C ASP D 238 9.94 8.47 4.48
N VAL D 239 8.93 9.31 4.26
CA VAL D 239 8.76 10.56 4.99
C VAL D 239 7.51 10.49 5.85
N SER D 240 7.57 11.12 7.02
CA SER D 240 6.45 11.32 7.91
C SER D 240 6.16 12.82 8.03
N VAL D 241 5.13 13.17 8.82
CA VAL D 241 4.72 14.55 8.97
C VAL D 241 4.32 14.80 10.43
N VAL D 242 4.31 16.07 10.80
CA VAL D 242 3.94 16.51 12.15
C VAL D 242 2.90 17.61 12.03
N ASP D 243 1.77 17.43 12.71
CA ASP D 243 0.68 18.39 12.71
C ASP D 243 0.63 19.03 14.10
N LEU D 244 1.04 20.29 14.18
CA LEU D 244 1.12 21.02 15.45
C LEU D 244 0.02 22.07 15.51
N THR D 245 -0.80 22.00 16.55
CA THR D 245 -1.88 22.95 16.79
C THR D 245 -1.60 23.67 18.11
N VAL D 246 -1.01 24.86 18.04
CA VAL D 246 -0.57 25.57 19.23
C VAL D 246 -1.46 26.79 19.47
N ARG D 247 -1.54 27.19 20.74
CA ARG D 247 -2.15 28.44 21.14
C ARG D 247 -1.02 29.44 21.40
N LEU D 248 -0.99 30.53 20.63
CA LEU D 248 0.08 31.48 20.74
C LEU D 248 -0.14 32.42 21.93
N LYS D 249 0.94 33.06 22.36
CA LYS D 249 0.88 34.08 23.41
C LYS D 249 0.56 35.46 22.85
N LYS D 250 1.20 35.81 21.73
CA LYS D 250 0.99 37.10 21.08
C LYS D 250 0.17 36.91 19.80
N ALA D 251 -0.63 37.93 19.48
CA ALA D 251 -1.43 37.87 18.27
C ALA D 251 -0.56 38.07 17.04
N ALA D 252 -0.78 37.25 16.03
CA ALA D 252 0.00 37.34 14.79
C ALA D 252 -0.79 36.70 13.66
N SER D 253 -0.38 37.03 12.44
CA SER D 253 -0.96 36.43 11.24
C SER D 253 -0.09 35.27 10.77
N TYR D 254 -0.62 34.52 9.80
CA TYR D 254 0.13 33.40 9.25
C TYR D 254 1.37 33.86 8.50
N GLU D 255 1.32 35.07 7.91
CA GLU D 255 2.48 35.58 7.19
C GLU D 255 3.63 35.87 8.15
N GLU D 256 3.32 36.38 9.34
CA GLU D 256 4.36 36.62 10.34
C GLU D 256 4.97 35.32 10.83
N ILE D 257 4.17 34.25 10.92
CA ILE D 257 4.70 32.96 11.36
C ILE D 257 5.61 32.37 10.29
N ALA D 258 5.17 32.38 9.04
CA ALA D 258 5.97 31.81 7.95
C ALA D 258 7.26 32.59 7.75
N GLN D 259 7.20 33.92 7.87
CA GLN D 259 8.41 34.73 7.71
C GLN D 259 9.39 34.51 8.85
N ALA D 260 8.88 34.25 10.06
CA ALA D 260 9.78 33.98 11.18
C ALA D 260 10.49 32.64 11.00
N ILE D 261 9.79 31.65 10.45
CA ILE D 261 10.40 30.35 10.22
C ILE D 261 11.40 30.43 9.06
N LYS D 262 11.06 31.18 8.00
CA LYS D 262 11.94 31.28 6.85
C LYS D 262 13.25 31.98 7.22
N LYS D 263 13.17 33.05 8.02
CA LYS D 263 14.39 33.73 8.45
C LYS D 263 15.22 32.86 9.38
N ALA D 264 14.58 32.04 10.20
CA ALA D 264 15.32 31.17 11.11
C ALA D 264 16.04 30.07 10.35
N SER D 265 15.39 29.50 9.33
CA SER D 265 15.98 28.42 8.54
C SER D 265 17.09 28.90 7.61
N GLU D 266 17.33 30.20 7.53
CA GLU D 266 18.40 30.74 6.69
C GLU D 266 19.60 31.24 7.50
N GLY D 267 19.55 31.16 8.82
CA GLY D 267 20.63 31.64 9.65
C GLY D 267 20.96 30.68 10.78
N PRO D 268 20.33 30.88 11.94
CA PRO D 268 20.65 30.04 13.10
C PRO D 268 20.24 28.59 12.93
N LEU D 269 19.29 28.28 12.05
CA LEU D 269 18.85 26.91 11.81
C LEU D 269 19.07 26.52 10.35
N LYS D 270 20.09 27.08 9.71
CA LYS D 270 20.41 26.76 8.32
C LYS D 270 20.91 25.32 8.25
N GLY D 271 20.05 24.42 7.80
CA GLY D 271 20.42 23.02 7.66
C GLY D 271 19.54 22.07 8.46
N VAL D 272 19.15 22.51 9.66
CA VAL D 272 18.32 21.67 10.53
C VAL D 272 16.83 21.86 10.22
N LEU D 273 16.39 23.10 10.10
CA LEU D 273 15.01 23.41 9.77
C LEU D 273 14.90 23.84 8.32
N GLY D 274 13.89 23.34 7.63
CA GLY D 274 13.68 23.65 6.23
C GLY D 274 12.38 24.40 6.02
N TYR D 275 12.34 25.19 4.95
CA TYR D 275 11.17 26.00 4.61
C TYR D 275 10.84 25.81 3.14
N THR D 276 9.58 25.55 2.83
CA THR D 276 9.12 25.38 1.46
C THR D 276 7.76 26.03 1.29
N GLU D 277 7.53 26.54 0.08
CA GLU D 277 6.24 27.11 -0.29
C GLU D 277 5.62 26.41 -1.49
N ASP D 278 6.18 25.29 -1.92
CA ASP D 278 5.68 24.56 -3.07
C ASP D 278 4.66 23.51 -2.63
N ALA D 279 3.91 23.01 -3.62
CA ALA D 279 2.89 21.98 -3.39
C ALA D 279 3.58 20.62 -3.33
N VAL D 280 4.22 20.36 -2.19
CA VAL D 280 5.04 19.16 -2.03
C VAL D 280 4.18 18.01 -1.52
N VAL D 281 4.71 16.80 -1.65
CA VAL D 281 4.09 15.60 -1.10
C VAL D 281 5.11 14.85 -0.26
N SER D 282 4.81 13.60 0.08
CA SER D 282 5.67 12.84 0.99
C SER D 282 7.00 12.51 0.34
N THR D 283 6.98 11.77 -0.77
CA THR D 283 8.21 11.29 -1.40
C THR D 283 9.06 12.42 -1.97
N ASP D 284 8.61 13.67 -1.89
CA ASP D 284 9.44 14.79 -2.28
C ASP D 284 10.59 15.02 -1.31
N PHE D 285 10.46 14.56 -0.06
CA PHE D 285 11.50 14.71 0.95
C PHE D 285 12.27 13.42 1.20
N LEU D 286 12.26 12.50 0.23
CA LEU D 286 13.01 11.26 0.34
C LEU D 286 14.50 11.58 0.26
N GLY D 287 15.20 11.42 1.38
CA GLY D 287 16.63 11.69 1.42
C GLY D 287 17.01 13.08 1.84
N SER D 288 16.12 13.81 2.53
CA SER D 288 16.43 15.15 2.98
C SER D 288 17.18 15.09 4.31
N SER D 289 18.33 15.74 4.36
CA SER D 289 19.14 15.78 5.58
C SER D 289 18.59 16.74 6.63
N TYR D 290 17.52 17.47 6.32
CA TYR D 290 16.92 18.36 7.29
C TYR D 290 16.23 17.57 8.40
N SER D 291 16.05 18.23 9.54
CA SER D 291 15.31 17.66 10.66
C SER D 291 13.83 17.99 10.61
N SER D 292 13.46 19.08 9.92
CA SER D 292 12.07 19.51 9.84
C SER D 292 11.92 20.43 8.64
N ILE D 293 10.84 20.25 7.89
CA ILE D 293 10.54 21.07 6.71
C ILE D 293 9.16 21.67 6.91
N PHE D 294 9.11 22.97 7.20
CA PHE D 294 7.83 23.64 7.40
C PHE D 294 7.09 23.76 6.07
N ASP D 295 5.86 23.24 6.04
CA ASP D 295 5.01 23.32 4.86
C ASP D 295 4.17 24.59 4.96
N GLU D 296 4.56 25.62 4.23
CA GLU D 296 3.89 26.92 4.33
C GLU D 296 2.52 26.90 3.66
N LYS D 297 2.37 26.14 2.58
CA LYS D 297 1.12 26.10 1.83
C LYS D 297 0.06 25.21 2.48
N ALA D 298 0.38 24.54 3.59
CA ALA D 298 -0.54 23.62 4.23
C ALA D 298 -1.11 24.13 5.54
N GLY D 299 -0.39 24.98 6.26
CA GLY D 299 -0.87 25.47 7.53
C GLY D 299 -2.06 26.40 7.38
N ILE D 300 -2.93 26.40 8.39
CA ILE D 300 -4.12 27.23 8.40
C ILE D 300 -4.15 28.03 9.70
N LEU D 301 -4.92 29.12 9.67
CA LEU D 301 -5.05 30.02 10.81
C LEU D 301 -6.53 30.26 11.08
N LEU D 302 -6.98 29.87 12.27
CA LEU D 302 -8.36 30.15 12.69
C LEU D 302 -8.46 31.45 13.48
N SER D 303 -7.44 31.78 14.24
CA SER D 303 -7.43 32.95 15.12
C SER D 303 -6.02 33.51 15.14
N PRO D 304 -5.85 34.80 15.42
CA PRO D 304 -4.50 35.36 15.56
C PRO D 304 -3.63 34.66 16.60
N THR D 305 -4.21 33.84 17.48
CA THR D 305 -3.46 33.11 18.48
C THR D 305 -3.80 31.63 18.49
N PHE D 306 -4.35 31.11 17.40
CA PHE D 306 -4.76 29.70 17.32
C PHE D 306 -4.49 29.23 15.90
N VAL D 307 -3.37 28.56 15.69
CA VAL D 307 -2.93 28.16 14.36
C VAL D 307 -2.62 26.66 14.35
N LYS D 308 -2.49 26.12 13.15
CA LYS D 308 -2.14 24.72 12.93
C LYS D 308 -0.99 24.66 11.94
N LEU D 309 0.16 24.16 12.39
CA LEU D 309 1.37 24.12 11.58
C LEU D 309 1.70 22.67 11.20
N ILE D 310 2.19 22.49 9.98
CA ILE D 310 2.52 21.18 9.43
C ILE D 310 3.97 21.19 9.01
N SER D 311 4.71 20.14 9.38
CA SER D 311 6.13 20.03 9.07
C SER D 311 6.48 18.59 8.74
N TRP D 312 7.32 18.41 7.72
CA TRP D 312 7.73 17.10 7.24
C TRP D 312 9.11 16.73 7.78
N TYR D 313 9.37 15.43 7.84
CA TYR D 313 10.69 14.93 8.19
C TYR D 313 10.84 13.52 7.62
N ASP D 314 12.04 13.20 7.12
CA ASP D 314 12.30 11.95 6.42
C ASP D 314 12.71 10.85 7.39
N ASN D 315 11.83 10.61 8.37
CA ASN D 315 12.00 9.55 9.36
C ASN D 315 13.38 9.56 10.01
N GLU D 316 14.17 8.52 9.77
CA GLU D 316 15.45 8.34 10.43
C GLU D 316 16.63 8.90 9.64
N TYR D 317 16.42 9.38 8.42
CA TYR D 317 17.53 9.85 7.60
C TYR D 317 18.12 11.15 8.16
N GLY D 318 17.32 12.22 8.19
CA GLY D 318 17.79 13.46 8.77
C GLY D 318 18.15 13.33 10.23
N TYR D 319 17.46 12.45 10.95
CA TYR D 319 17.81 12.18 12.34
C TYR D 319 19.22 11.61 12.44
N SER D 320 19.55 10.64 11.59
CA SER D 320 20.88 10.04 11.61
C SER D 320 21.95 11.06 11.26
N THR D 321 21.65 11.94 10.30
CA THR D 321 22.58 13.04 10.01
C THR D 321 22.73 13.95 11.22
N ARG D 322 21.63 14.17 11.96
CA ARG D 322 21.69 15.01 13.15
C ARG D 322 22.44 14.33 14.29
N VAL D 323 22.57 13.00 14.24
CA VAL D 323 23.37 12.30 15.25
C VAL D 323 24.85 12.60 15.06
N VAL D 324 25.32 12.57 13.81
CA VAL D 324 26.72 12.86 13.55
C VAL D 324 27.04 14.32 13.85
N ASP D 325 26.06 15.22 13.69
CA ASP D 325 26.28 16.61 14.08
C ASP D 325 26.46 16.74 15.58
N LEU D 326 25.65 16.01 16.36
CA LEU D 326 25.80 16.02 17.81
C LEU D 326 27.14 15.40 18.23
N LEU D 327 27.58 14.37 17.50
CA LEU D 327 28.83 13.70 17.86
C LEU D 327 30.02 14.63 17.69
N GLU D 328 30.09 15.31 16.54
CA GLU D 328 31.19 16.26 16.32
C GLU D 328 31.08 17.47 17.24
N HIS D 329 29.86 17.87 17.58
CA HIS D 329 29.70 18.98 18.53
C HIS D 329 30.17 18.59 19.92
N VAL D 330 29.95 17.34 20.32
CA VAL D 330 30.38 16.88 21.63
C VAL D 330 31.88 16.62 21.65
N ALA D 331 32.41 16.00 20.58
CA ALA D 331 33.82 15.63 20.55
C ALA D 331 34.75 16.80 20.25
N LYS D 332 34.24 17.86 19.63
CA LYS D 332 35.07 19.00 19.25
C LYS D 332 34.40 20.29 19.68
N ALA D 333 35.20 21.21 20.20
CA ALA D 333 34.72 22.53 20.60
C ALA D 333 34.70 23.53 19.45
N SER D 334 35.08 23.10 18.24
CA SER D 334 35.07 24.00 17.09
C SER D 334 33.66 24.37 16.67
N ALA D 335 32.69 23.51 16.94
CA ALA D 335 31.31 23.76 16.58
C ALA D 335 30.36 23.23 17.65
#